data_8FSZ
#
_entry.id   8FSZ
#
_cell.length_a   1.00
_cell.length_b   1.00
_cell.length_c   1.00
_cell.angle_alpha   90.00
_cell.angle_beta   90.00
_cell.angle_gamma   90.00
#
_symmetry.space_group_name_H-M   'P 1'
#
loop_
_entity.id
_entity.type
_entity.pdbx_description
1 polymer '5-hydroxytryptamine receptor 3A'
2 non-polymer 5-[(1R,3S,5R)-1-azabicyclo[3.2.2]nonan-3-yl]-1,3,4,5-tetrahydro-6H-azepino[5,4,3-cd]indazol-6-one
3 non-polymer 2-acetamido-2-deoxy-beta-D-glucopyranose
#
_entity_poly.entity_id   1
_entity_poly.type   'polypeptide(L)'
_entity_poly.pdbx_seq_one_letter_code
;WSHPQFEKGGGSGGGSGGGSWSHPQFEKGGGSGGGSGGGSWSHPQFEKGGGSGGGSGGGSWSHPQFEKENLYFQGATQAR
DTTQPALLRLSDHLLANYKKGVRPVRDWRKPTTVSIDVIMYAILNVDEKNQVLTTYIWYRQYWTDEFLQWTPEDFDNVTK
LSIPTDSIWVPDILINEFVDVGKSPNIPYVYVHHRGEVQNYKPLQLVTACSLDIYNFPFDVQNCSLTFTSWLHTIQDINI
TLWRSPEEVRSDKSIFINQGEWELLEVFPQFKEFSIDISNSYAEMKFYVIIRRRPLFYAVSLLLPSIFLMVVDIVGFCLP
PDSGERVSFKITLLLGYSVFLIIVSDTLPATAIGTPLIGVYFVVCMALLVISLAETIFIVRLVHKQDLQRPVPDWLRHLV
LDRIAWILCLGEQPMAHRPPATFQANKTDDCSGSDLLPAMGNHCSHVGGPQDLEKTPRGRGSPLPPPREASLAVRGLLQE
LSSIRHFLEKRDEMREVARDWLRVGYVLDRLLFRIYLLAVLAYSITLVTLWSIWHYSENLYFQGTETSQVAPA
;
_entity_poly.pdbx_strand_id   A,B,C,D,E
#
loop_
_chem_comp.id
_chem_comp.type
_chem_comp.name
_chem_comp.formula
NAG D-saccharide, beta linking 2-acetamido-2-deoxy-beta-D-glucopyranose 'C8 H15 N O6'
Y7H non-polymer 5-[(1R,3S,5R)-1-azabicyclo[3.2.2]nonan-3-yl]-1,3,4,5-tetrahydro-6H-azepino[5,4,3-cd]indazol-6-one 'C18 H22 N4 O'
#
# COMPACT_ATOMS: atom_id res chain seq x y z
N THR A 82 -5.34 -69.06 -6.85
CA THR A 82 -5.31 -67.61 -7.00
C THR A 82 -6.35 -66.96 -6.09
N THR A 83 -6.20 -67.17 -4.79
CA THR A 83 -7.13 -66.61 -3.79
C THR A 83 -6.66 -65.20 -3.45
N GLN A 84 -6.98 -64.26 -4.33
CA GLN A 84 -6.61 -62.86 -4.17
C GLN A 84 -7.81 -61.98 -4.46
N PRO A 85 -7.86 -60.78 -3.88
CA PRO A 85 -8.94 -59.85 -4.20
C PRO A 85 -8.87 -59.42 -5.66
N ALA A 86 -10.04 -59.05 -6.20
CA ALA A 86 -10.13 -58.71 -7.62
C ALA A 86 -9.35 -57.45 -7.96
N LEU A 87 -9.46 -56.41 -7.13
CA LEU A 87 -8.81 -55.14 -7.44
C LEU A 87 -7.29 -55.27 -7.41
N LEU A 88 -6.77 -55.97 -6.40
CA LEU A 88 -5.33 -56.14 -6.30
C LEU A 88 -4.78 -56.92 -7.49
N ARG A 89 -5.50 -57.95 -7.94
CA ARG A 89 -5.10 -58.78 -9.08
C ARG A 89 -5.20 -58.06 -10.38
N LEU A 90 -6.14 -57.19 -10.52
CA LEU A 90 -6.24 -56.35 -11.72
C LEU A 90 -5.14 -55.29 -11.76
N SER A 91 -4.86 -54.67 -10.61
CA SER A 91 -3.78 -53.69 -10.56
C SER A 91 -2.43 -54.34 -10.84
N ASP A 92 -2.22 -55.55 -10.31
CA ASP A 92 -0.97 -56.26 -10.57
C ASP A 92 -0.85 -56.63 -12.05
N HIS A 93 -1.96 -57.04 -12.66
CA HIS A 93 -1.91 -57.47 -14.06
C HIS A 93 -1.69 -56.28 -14.99
N LEU A 94 -2.37 -55.16 -14.74
CA LEU A 94 -2.28 -54.03 -15.67
C LEU A 94 -0.98 -53.23 -15.60
N LEU A 95 -0.55 -52.86 -14.40
CA LEU A 95 0.63 -52.02 -14.27
C LEU A 95 1.94 -52.80 -14.13
N ALA A 96 1.91 -54.10 -14.42
CA ALA A 96 3.10 -54.93 -14.33
C ALA A 96 4.20 -54.49 -15.29
N ASN A 97 3.83 -54.22 -16.54
CA ASN A 97 4.84 -53.86 -17.54
C ASN A 97 4.51 -52.60 -18.35
N TYR A 98 3.52 -51.84 -17.90
CA TYR A 98 3.15 -50.62 -18.60
C TYR A 98 4.21 -49.58 -18.32
N LYS A 99 5.13 -49.40 -19.26
CA LYS A 99 6.17 -48.40 -19.09
C LYS A 99 5.59 -47.05 -19.40
N LYS A 100 5.87 -46.07 -18.55
CA LYS A 100 5.40 -44.72 -18.84
C LYS A 100 6.39 -44.01 -19.75
N GLY A 101 5.87 -43.14 -20.61
CA GLY A 101 6.71 -42.43 -21.54
C GLY A 101 6.32 -42.67 -22.99
N VAL A 102 5.87 -43.89 -23.26
CA VAL A 102 5.44 -44.22 -24.59
C VAL A 102 4.07 -43.66 -24.81
N ARG A 103 3.85 -43.01 -25.93
CA ARG A 103 2.53 -42.55 -26.19
C ARG A 103 1.76 -43.80 -26.30
N PRO A 104 0.62 -43.83 -25.69
CA PRO A 104 -0.07 -45.09 -25.71
C PRO A 104 -0.77 -45.28 -27.00
N VAL A 105 -0.20 -46.04 -27.91
CA VAL A 105 -0.87 -46.33 -29.13
C VAL A 105 -0.18 -47.51 -29.71
N ARG A 106 -0.83 -48.22 -30.59
CA ARG A 106 -0.22 -49.42 -31.09
C ARG A 106 0.41 -49.20 -32.45
N ASP A 107 -0.13 -48.30 -33.26
CA ASP A 107 0.52 -47.99 -34.53
C ASP A 107 0.84 -46.55 -34.50
N TRP A 108 2.08 -46.23 -34.68
CA TRP A 108 2.44 -44.86 -34.55
C TRP A 108 1.70 -43.98 -35.51
N ARG A 109 0.95 -44.55 -36.44
CA ARG A 109 0.35 -43.68 -37.44
C ARG A 109 -0.85 -42.91 -36.87
N LYS A 110 -1.69 -43.58 -36.12
CA LYS A 110 -2.88 -42.90 -35.66
C LYS A 110 -2.57 -42.03 -34.50
N PRO A 111 -3.09 -40.82 -34.51
CA PRO A 111 -2.89 -39.95 -33.35
C PRO A 111 -3.87 -40.25 -32.24
N THR A 112 -3.49 -39.86 -31.03
CA THR A 112 -4.39 -39.96 -29.88
C THR A 112 -5.15 -38.66 -29.69
N THR A 113 -6.39 -38.77 -29.25
CA THR A 113 -7.29 -37.63 -29.11
C THR A 113 -7.66 -37.44 -27.66
N VAL A 114 -7.50 -36.23 -27.15
CA VAL A 114 -7.91 -35.85 -25.81
C VAL A 114 -9.12 -34.92 -25.94
N SER A 115 -10.15 -35.20 -25.15
CA SER A 115 -11.37 -34.39 -25.16
C SER A 115 -11.53 -33.73 -23.80
N ILE A 116 -11.80 -32.44 -23.80
CA ILE A 116 -11.76 -31.61 -22.60
C ILE A 116 -13.15 -31.00 -22.35
N ASP A 117 -13.33 -30.51 -21.13
CA ASP A 117 -14.55 -29.83 -20.72
C ASP A 117 -14.19 -28.93 -19.53
N VAL A 118 -14.73 -27.71 -19.55
CA VAL A 118 -14.40 -26.71 -18.54
C VAL A 118 -15.70 -26.08 -18.02
N ILE A 119 -15.83 -26.00 -16.70
CA ILE A 119 -17.02 -25.39 -16.09
C ILE A 119 -16.57 -24.30 -15.12
N MET A 120 -17.17 -23.12 -15.21
CA MET A 120 -16.72 -22.01 -14.36
C MET A 120 -17.33 -21.99 -12.96
N TYR A 121 -16.53 -21.60 -11.97
CA TYR A 121 -16.98 -21.53 -10.62
C TYR A 121 -17.04 -20.11 -10.18
N ALA A 122 -15.98 -19.33 -10.21
CA ALA A 122 -16.06 -17.97 -9.70
C ALA A 122 -14.97 -17.13 -10.34
N ILE A 123 -15.12 -15.81 -10.22
CA ILE A 123 -14.11 -14.86 -10.66
C ILE A 123 -13.59 -14.15 -9.43
N LEU A 124 -12.29 -14.27 -9.17
CA LEU A 124 -11.74 -13.78 -7.91
C LEU A 124 -11.27 -12.33 -8.03
N ASN A 125 -10.52 -12.00 -9.08
CA ASN A 125 -9.94 -10.67 -9.20
C ASN A 125 -9.80 -10.31 -10.66
N VAL A 126 -10.13 -9.06 -10.99
CA VAL A 126 -9.90 -8.50 -12.31
C VAL A 126 -9.13 -7.21 -12.08
N ASP A 127 -7.80 -7.30 -12.13
CA ASP A 127 -6.95 -6.15 -11.89
C ASP A 127 -6.65 -5.46 -13.21
N GLU A 128 -7.06 -4.18 -13.31
CA GLU A 128 -6.89 -3.42 -14.54
C GLU A 128 -5.57 -2.68 -14.61
N LYS A 129 -4.77 -2.72 -13.54
CA LYS A 129 -3.50 -2.01 -13.54
C LYS A 129 -2.51 -2.65 -14.49
N ASN A 130 -2.47 -3.98 -14.54
CA ASN A 130 -1.50 -4.68 -15.38
C ASN A 130 -2.11 -5.88 -16.11
N GLN A 131 -3.41 -5.84 -16.39
CA GLN A 131 -4.09 -6.83 -17.24
C GLN A 131 -3.93 -8.24 -16.68
N VAL A 132 -4.49 -8.46 -15.50
CA VAL A 132 -4.42 -9.74 -14.81
C VAL A 132 -5.84 -10.19 -14.49
N LEU A 133 -6.18 -11.41 -14.90
CA LEU A 133 -7.48 -12.00 -14.64
C LEU A 133 -7.31 -13.29 -13.85
N THR A 134 -8.00 -13.39 -12.72
CA THR A 134 -7.94 -14.56 -11.86
C THR A 134 -9.24 -15.35 -12.01
N THR A 135 -9.12 -16.63 -12.36
CA THR A 135 -10.29 -17.46 -12.59
C THR A 135 -10.09 -18.81 -11.94
N TYR A 136 -11.21 -19.47 -11.66
CA TYR A 136 -11.24 -20.80 -11.05
C TYR A 136 -12.15 -21.68 -11.89
N ILE A 137 -11.71 -22.82 -12.33
CA ILE A 137 -12.57 -23.61 -13.15
C ILE A 137 -12.49 -25.03 -12.74
N TRP A 138 -13.40 -25.86 -13.19
CA TRP A 138 -13.30 -27.26 -12.94
C TRP A 138 -12.89 -27.81 -14.29
N TYR A 139 -12.49 -29.07 -14.41
CA TYR A 139 -11.96 -29.57 -15.69
C TYR A 139 -12.24 -31.02 -15.87
N ARG A 140 -11.94 -31.60 -17.01
CA ARG A 140 -12.24 -32.98 -17.26
C ARG A 140 -11.62 -33.34 -18.57
N GLN A 141 -10.83 -34.40 -18.61
CA GLN A 141 -10.14 -34.78 -19.83
C GLN A 141 -10.12 -36.29 -20.00
N TYR A 142 -10.63 -36.76 -21.14
CA TYR A 142 -10.58 -38.19 -21.40
C TYR A 142 -9.72 -38.52 -22.60
N TRP A 143 -8.94 -39.59 -22.49
CA TRP A 143 -8.12 -40.02 -23.62
C TRP A 143 -8.14 -41.54 -23.75
N THR A 144 -8.33 -42.02 -24.96
CA THR A 144 -8.34 -43.44 -25.21
C THR A 144 -6.96 -44.01 -24.97
N ASP A 145 -6.93 -45.22 -24.41
CA ASP A 145 -5.70 -45.88 -24.02
C ASP A 145 -5.67 -47.26 -24.67
N GLU A 146 -4.51 -47.80 -24.94
CA GLU A 146 -4.54 -49.09 -25.58
C GLU A 146 -3.63 -50.11 -25.00
N PHE A 147 -3.17 -49.89 -23.79
CA PHE A 147 -2.39 -50.92 -23.11
C PHE A 147 -3.07 -51.28 -21.80
N LEU A 148 -4.29 -50.79 -21.55
CA LEU A 148 -5.06 -51.12 -20.35
C LEU A 148 -6.42 -51.68 -20.72
N GLN A 149 -6.42 -52.64 -21.63
CA GLN A 149 -7.63 -53.36 -21.99
C GLN A 149 -7.68 -54.68 -21.23
N TRP A 150 -8.85 -54.97 -20.66
CA TRP A 150 -9.03 -56.23 -19.95
C TRP A 150 -10.48 -56.69 -20.11
N THR A 151 -10.68 -57.99 -19.95
CA THR A 151 -12.00 -58.59 -20.07
C THR A 151 -12.67 -58.66 -18.71
N PRO A 152 -13.84 -58.06 -18.53
CA PRO A 152 -14.50 -58.10 -17.22
C PRO A 152 -14.93 -59.49 -16.79
N GLU A 153 -15.01 -60.45 -17.71
CA GLU A 153 -15.44 -61.80 -17.35
C GLU A 153 -14.47 -62.46 -16.39
N ASP A 154 -13.17 -62.20 -16.54
CA ASP A 154 -12.16 -62.87 -15.73
C ASP A 154 -12.08 -62.28 -14.33
N PHE A 155 -11.86 -60.96 -14.24
CA PHE A 155 -11.55 -60.30 -12.97
C PHE A 155 -12.79 -59.81 -12.23
N ASP A 156 -13.76 -60.72 -12.08
CA ASP A 156 -14.93 -60.55 -11.20
C ASP A 156 -15.73 -59.30 -11.57
N ASN A 157 -16.06 -59.20 -12.86
CA ASN A 157 -17.06 -58.27 -13.37
C ASN A 157 -16.76 -56.82 -13.00
N VAL A 158 -15.49 -56.47 -13.03
CA VAL A 158 -15.06 -55.10 -12.73
C VAL A 158 -15.11 -54.29 -14.02
N THR A 159 -15.56 -53.03 -13.91
CA THR A 159 -15.72 -52.17 -15.07
C THR A 159 -15.12 -50.78 -14.88
N LYS A 160 -14.62 -50.46 -13.68
CA LYS A 160 -14.02 -49.15 -13.47
C LYS A 160 -13.01 -49.27 -12.34
N LEU A 161 -11.82 -48.73 -12.55
CA LEU A 161 -10.72 -48.84 -11.60
C LEU A 161 -10.08 -47.48 -11.38
N SER A 162 -9.54 -47.28 -10.18
CA SER A 162 -8.82 -46.07 -9.83
C SER A 162 -7.34 -46.39 -9.70
N ILE A 163 -6.52 -45.66 -10.45
CA ILE A 163 -5.08 -45.92 -10.50
C ILE A 163 -4.31 -44.64 -10.23
N PRO A 164 -3.11 -44.72 -9.67
CA PRO A 164 -2.33 -43.49 -9.43
C PRO A 164 -1.97 -42.80 -10.73
N THR A 165 -1.90 -41.47 -10.65
CA THR A 165 -1.64 -40.65 -11.83
C THR A 165 -0.17 -40.65 -12.25
N ASP A 166 0.73 -41.16 -11.41
CA ASP A 166 2.15 -41.20 -11.75
C ASP A 166 2.59 -42.51 -12.38
N SER A 167 1.66 -43.45 -12.60
CA SER A 167 1.98 -44.75 -13.16
C SER A 167 1.57 -44.89 -14.61
N ILE A 168 0.97 -43.86 -15.21
CA ILE A 168 0.49 -43.92 -16.58
C ILE A 168 0.93 -42.66 -17.32
N TRP A 169 0.51 -42.57 -18.58
CA TRP A 169 0.89 -41.48 -19.47
C TRP A 169 -0.18 -40.39 -19.39
N VAL A 170 0.27 -39.15 -19.15
CA VAL A 170 -0.62 -38.00 -19.01
C VAL A 170 -0.18 -36.96 -20.05
N PRO A 171 -1.08 -36.50 -20.92
CA PRO A 171 -0.69 -35.49 -21.91
C PRO A 171 -0.38 -34.15 -21.25
N ASP A 172 0.45 -33.37 -21.93
CA ASP A 172 0.90 -32.07 -21.42
C ASP A 172 0.01 -30.93 -21.95
N ILE A 173 -1.29 -31.05 -21.68
CA ILE A 173 -2.26 -30.04 -22.06
C ILE A 173 -2.10 -28.86 -21.10
N LEU A 174 -1.44 -27.81 -21.57
CA LEU A 174 -1.17 -26.62 -20.77
C LEU A 174 -1.79 -25.40 -21.43
N ILE A 175 -2.46 -24.59 -20.65
CA ILE A 175 -3.12 -23.40 -21.18
C ILE A 175 -2.08 -22.32 -21.47
N ASN A 176 -2.30 -21.57 -22.55
CA ASN A 176 -1.45 -20.44 -22.88
C ASN A 176 -1.95 -19.20 -22.14
N GLU A 177 -1.29 -18.07 -22.38
CA GLU A 177 -1.56 -16.80 -21.72
C GLU A 177 -1.61 -16.96 -20.20
N PHE A 178 -0.64 -17.68 -19.65
CA PHE A 178 -0.60 -17.95 -18.22
C PHE A 178 0.48 -17.12 -17.55
N VAL A 179 0.17 -16.62 -16.37
CA VAL A 179 1.14 -15.94 -15.51
C VAL A 179 1.05 -16.59 -14.14
N ASP A 180 2.21 -16.94 -13.57
CA ASP A 180 2.36 -17.65 -12.29
C ASP A 180 1.32 -18.76 -12.12
N VAL A 181 1.26 -19.63 -13.13
CA VAL A 181 0.34 -20.77 -13.05
C VAL A 181 0.85 -21.74 -11.99
N GLY A 182 -0.13 -22.29 -11.27
CA GLY A 182 0.19 -23.13 -10.13
C GLY A 182 -0.92 -22.89 -9.10
N LYS A 183 -0.60 -22.84 -7.81
CA LYS A 183 -1.59 -22.59 -6.75
C LYS A 183 -2.78 -23.52 -6.77
N SER A 184 -2.62 -24.72 -7.27
CA SER A 184 -3.72 -25.66 -7.38
C SER A 184 -3.22 -27.04 -7.13
N PRO A 185 -3.90 -27.81 -6.29
CA PRO A 185 -3.36 -29.13 -5.96
C PRO A 185 -3.37 -30.06 -7.16
N ASN A 186 -2.76 -31.21 -6.98
CA ASN A 186 -2.78 -32.28 -7.97
C ASN A 186 -3.58 -33.47 -7.45
N ILE A 187 -4.41 -34.05 -8.31
CA ILE A 187 -5.22 -35.20 -7.95
C ILE A 187 -4.38 -36.46 -8.17
N PRO A 188 -4.16 -37.27 -7.13
CA PRO A 188 -3.25 -38.41 -7.26
C PRO A 188 -3.88 -39.66 -7.85
N TYR A 189 -5.14 -39.61 -8.27
CA TYR A 189 -5.83 -40.78 -8.82
C TYR A 189 -6.53 -40.40 -10.11
N VAL A 190 -6.71 -41.40 -10.97
CA VAL A 190 -7.47 -41.27 -12.22
C VAL A 190 -8.28 -42.53 -12.43
N TYR A 191 -9.39 -42.40 -13.16
CA TYR A 191 -10.21 -43.54 -13.56
C TYR A 191 -9.70 -44.20 -14.82
N VAL A 192 -9.98 -45.50 -14.93
CA VAL A 192 -9.80 -46.25 -16.15
C VAL A 192 -10.95 -47.23 -16.30
N HIS A 193 -11.49 -47.32 -17.52
CA HIS A 193 -12.50 -48.29 -17.89
C HIS A 193 -11.87 -49.40 -18.71
N HIS A 194 -12.68 -50.34 -19.17
CA HIS A 194 -12.14 -51.36 -20.06
C HIS A 194 -11.96 -50.72 -21.43
N ARG A 195 -11.14 -51.32 -22.29
CA ARG A 195 -10.84 -50.77 -23.64
C ARG A 195 -9.94 -49.53 -23.66
N GLY A 196 -9.75 -48.87 -22.52
CA GLY A 196 -8.83 -47.74 -22.46
C GLY A 196 -9.39 -46.35 -22.19
N GLU A 197 -10.66 -46.28 -21.83
CA GLU A 197 -11.28 -44.99 -21.51
C GLU A 197 -10.66 -44.46 -20.23
N VAL A 198 -9.79 -43.46 -20.34
CA VAL A 198 -9.10 -42.90 -19.18
C VAL A 198 -9.61 -41.49 -18.95
N GLN A 199 -10.03 -41.22 -17.71
CA GLN A 199 -10.64 -39.96 -17.33
C GLN A 199 -9.81 -39.28 -16.24
N ASN A 200 -9.99 -37.97 -16.11
CA ASN A 200 -9.28 -37.21 -15.10
C ASN A 200 -10.06 -35.94 -14.78
N TYR A 201 -10.17 -35.64 -13.49
CA TYR A 201 -10.85 -34.45 -12.99
C TYR A 201 -9.84 -33.63 -12.19
N LYS A 202 -9.81 -32.32 -12.40
CA LYS A 202 -8.86 -31.50 -11.66
C LYS A 202 -9.34 -30.06 -11.64
N PRO A 203 -9.07 -29.32 -10.58
CA PRO A 203 -9.33 -27.88 -10.57
C PRO A 203 -8.13 -27.08 -11.03
N LEU A 204 -8.41 -25.98 -11.72
CA LEU A 204 -7.36 -25.07 -12.17
C LEU A 204 -7.68 -23.67 -11.70
N GLN A 205 -6.72 -23.05 -11.02
CA GLN A 205 -6.81 -21.65 -10.63
C GLN A 205 -5.79 -20.89 -11.46
N LEU A 206 -6.30 -20.11 -12.42
CA LEU A 206 -5.48 -19.53 -13.47
C LEU A 206 -5.38 -18.02 -13.31
N VAL A 207 -4.16 -17.50 -13.44
CA VAL A 207 -3.91 -16.07 -13.53
C VAL A 207 -3.46 -15.80 -14.96
N THR A 208 -4.35 -15.23 -15.76
CA THR A 208 -4.13 -15.04 -17.19
C THR A 208 -3.99 -13.56 -17.52
N ALA A 209 -3.50 -13.31 -18.74
CA ALA A 209 -3.33 -11.96 -19.26
C ALA A 209 -4.43 -11.69 -20.28
N CYS A 210 -5.28 -10.71 -19.99
CA CYS A 210 -6.41 -10.37 -20.84
C CYS A 210 -6.38 -8.88 -21.16
N SER A 211 -6.70 -8.51 -22.38
CA SER A 211 -6.72 -7.11 -22.73
C SER A 211 -8.00 -6.48 -22.30
N LEU A 212 -7.98 -5.83 -21.14
CA LEU A 212 -9.19 -5.22 -20.60
C LEU A 212 -9.33 -3.79 -21.08
N ASP A 213 -10.53 -3.44 -21.53
CA ASP A 213 -10.78 -2.08 -22.02
C ASP A 213 -11.41 -1.23 -20.92
N ILE A 214 -10.68 -0.24 -20.42
CA ILE A 214 -11.21 0.65 -19.39
C ILE A 214 -12.28 1.57 -19.95
N TYR A 215 -12.33 1.74 -21.28
CA TYR A 215 -13.37 2.55 -21.90
C TYR A 215 -14.71 1.97 -21.50
N ASN A 216 -15.72 2.82 -21.31
CA ASN A 216 -17.02 2.34 -20.84
C ASN A 216 -16.80 1.70 -19.47
N PHE A 217 -16.26 2.49 -18.54
CA PHE A 217 -15.97 1.96 -17.21
C PHE A 217 -17.22 1.52 -16.42
N PRO A 218 -18.24 2.38 -16.29
CA PRO A 218 -19.36 1.93 -15.45
C PRO A 218 -20.03 0.67 -15.97
N PHE A 219 -20.12 0.51 -17.29
CA PHE A 219 -20.84 -0.63 -17.86
C PHE A 219 -20.02 -1.46 -18.87
N ASP A 220 -18.84 -1.94 -18.49
CA ASP A 220 -17.99 -2.64 -19.46
C ASP A 220 -18.41 -4.07 -19.81
N VAL A 221 -18.10 -4.49 -21.04
CA VAL A 221 -18.38 -5.87 -21.44
C VAL A 221 -17.04 -6.44 -21.87
N GLN A 222 -16.46 -7.29 -21.05
CA GLN A 222 -15.13 -7.81 -21.34
C GLN A 222 -15.20 -9.14 -22.07
N ASN A 223 -14.23 -9.36 -22.95
CA ASN A 223 -14.16 -10.52 -23.84
C ASN A 223 -12.76 -11.11 -23.67
N CYS A 224 -12.63 -12.09 -22.78
CA CYS A 224 -11.32 -12.70 -22.48
C CYS A 224 -11.18 -14.03 -23.20
N SER A 225 -9.94 -14.48 -23.35
CA SER A 225 -9.63 -15.67 -24.12
C SER A 225 -8.80 -16.65 -23.29
N LEU A 226 -9.13 -17.94 -23.44
CA LEU A 226 -8.38 -19.03 -22.82
C LEU A 226 -7.98 -20.00 -23.92
N THR A 227 -6.68 -20.28 -24.03
CA THR A 227 -6.16 -21.08 -25.14
C THR A 227 -5.56 -22.37 -24.61
N PHE A 228 -6.20 -23.50 -24.93
CA PHE A 228 -5.70 -24.82 -24.58
C PHE A 228 -5.01 -25.45 -25.78
N THR A 229 -3.79 -25.92 -25.56
CA THR A 229 -3.03 -26.59 -26.61
C THR A 229 -1.96 -27.45 -25.97
N SER A 230 -1.43 -28.39 -26.75
CA SER A 230 -0.29 -29.18 -26.32
C SER A 230 0.99 -28.39 -26.57
N TRP A 231 1.83 -28.26 -25.55
CA TRP A 231 3.02 -27.43 -25.69
C TRP A 231 4.04 -28.07 -26.62
N LEU A 232 4.05 -29.39 -26.72
CA LEU A 232 5.04 -30.10 -27.51
C LEU A 232 4.47 -30.78 -28.74
N HIS A 233 3.39 -31.53 -28.60
CA HIS A 233 2.94 -32.41 -29.67
C HIS A 233 2.22 -31.63 -30.77
N THR A 234 2.20 -32.21 -31.96
CA THR A 234 1.67 -31.60 -33.16
C THR A 234 0.25 -32.10 -33.42
N ILE A 235 -0.29 -31.71 -34.58
CA ILE A 235 -1.66 -32.08 -34.91
C ILE A 235 -1.77 -33.57 -35.20
N GLN A 236 -0.69 -34.18 -35.70
CA GLN A 236 -0.70 -35.60 -36.01
C GLN A 236 -0.28 -36.45 -34.81
N ASP A 237 -0.14 -35.85 -33.64
CA ASP A 237 0.15 -36.55 -32.40
C ASP A 237 -0.95 -36.39 -31.37
N ILE A 238 -1.43 -35.18 -31.14
CA ILE A 238 -2.52 -34.92 -30.19
C ILE A 238 -3.54 -34.01 -30.84
N ASN A 239 -4.79 -34.45 -30.87
CA ASN A 239 -5.92 -33.65 -31.34
C ASN A 239 -6.88 -33.42 -30.18
N ILE A 240 -7.40 -32.20 -30.08
CA ILE A 240 -8.25 -31.81 -28.96
C ILE A 240 -9.66 -31.56 -29.47
N THR A 241 -10.62 -32.36 -29.05
CA THR A 241 -12.00 -32.21 -29.45
C THR A 241 -12.78 -31.84 -28.22
N LEU A 242 -14.09 -32.03 -28.20
CA LEU A 242 -14.89 -31.60 -27.06
C LEU A 242 -15.79 -32.71 -26.53
N TRP A 243 -16.02 -32.77 -25.23
CA TRP A 243 -16.80 -33.84 -24.62
C TRP A 243 -18.21 -33.66 -24.99
N ARG A 244 -18.77 -32.53 -24.61
CA ARG A 244 -20.16 -32.22 -24.94
C ARG A 244 -20.22 -31.23 -26.12
N SER A 245 -21.38 -30.96 -26.70
CA SER A 245 -21.46 -30.08 -27.88
C SER A 245 -21.29 -28.60 -27.54
N PRO A 246 -21.07 -27.76 -28.59
CA PRO A 246 -20.81 -26.39 -28.19
C PRO A 246 -22.00 -25.74 -27.52
N GLU A 247 -23.21 -26.08 -27.93
CA GLU A 247 -24.32 -25.37 -27.36
C GLU A 247 -24.39 -25.61 -25.89
N GLU A 248 -24.35 -26.86 -25.46
CA GLU A 248 -24.53 -27.13 -24.05
C GLU A 248 -23.40 -26.59 -23.24
N VAL A 249 -22.31 -26.28 -23.88
CA VAL A 249 -21.15 -25.69 -23.22
C VAL A 249 -21.33 -24.17 -23.10
N ARG A 250 -21.97 -23.56 -24.10
CA ARG A 250 -22.15 -22.12 -24.12
C ARG A 250 -22.96 -21.62 -22.93
N SER A 251 -24.05 -22.32 -22.60
CA SER A 251 -24.93 -21.93 -21.50
C SER A 251 -24.71 -22.90 -20.35
N ASP A 252 -23.86 -22.51 -19.39
CA ASP A 252 -23.55 -23.35 -18.24
C ASP A 252 -23.29 -22.47 -17.02
N LYS A 253 -24.34 -22.24 -16.23
CA LYS A 253 -24.26 -21.42 -15.04
C LYS A 253 -24.86 -22.14 -13.84
N SER A 254 -24.85 -23.47 -13.86
CA SER A 254 -25.45 -24.25 -12.79
C SER A 254 -24.58 -24.33 -11.54
N ILE A 255 -23.33 -23.88 -11.61
CA ILE A 255 -22.41 -24.01 -10.49
C ILE A 255 -21.93 -22.62 -10.09
N PHE A 256 -21.94 -21.69 -11.04
CA PHE A 256 -21.42 -20.35 -10.81
C PHE A 256 -22.23 -19.63 -9.73
N ILE A 257 -21.53 -18.91 -8.86
CA ILE A 257 -22.15 -18.17 -7.77
C ILE A 257 -22.30 -16.71 -8.20
N ASN A 258 -23.52 -16.20 -8.15
CA ASN A 258 -23.84 -14.83 -8.58
C ASN A 258 -23.81 -13.86 -7.41
N GLN A 259 -22.69 -13.82 -6.68
CA GLN A 259 -22.54 -12.91 -5.55
C GLN A 259 -21.48 -11.83 -5.77
N GLY A 260 -20.61 -11.99 -6.77
CA GLY A 260 -19.54 -11.05 -7.00
C GLY A 260 -20.00 -9.85 -7.83
N GLU A 261 -19.02 -9.07 -8.27
CA GLU A 261 -19.26 -7.90 -9.09
C GLU A 261 -19.21 -8.18 -10.58
N TRP A 262 -19.02 -9.44 -10.97
CA TRP A 262 -19.00 -9.84 -12.37
C TRP A 262 -20.00 -10.96 -12.59
N GLU A 263 -20.57 -11.02 -13.79
CA GLU A 263 -21.66 -11.93 -14.10
C GLU A 263 -21.40 -12.58 -15.44
N LEU A 264 -21.54 -13.89 -15.51
CA LEU A 264 -21.22 -14.62 -16.74
C LEU A 264 -22.28 -14.42 -17.80
N LEU A 265 -21.84 -14.32 -19.05
CA LEU A 265 -22.75 -14.18 -20.19
C LEU A 265 -22.62 -15.33 -21.18
N GLU A 266 -21.39 -15.69 -21.57
CA GLU A 266 -21.20 -16.68 -22.62
C GLU A 266 -19.82 -17.29 -22.50
N VAL A 267 -19.75 -18.60 -22.70
CA VAL A 267 -18.50 -19.35 -22.77
C VAL A 267 -18.51 -20.09 -24.10
N PHE A 268 -17.93 -19.47 -25.13
CA PHE A 268 -18.01 -19.99 -26.49
C PHE A 268 -16.75 -20.74 -26.85
N PRO A 269 -16.83 -22.02 -27.20
CA PRO A 269 -15.64 -22.76 -27.63
C PRO A 269 -15.44 -22.73 -29.13
N GLN A 270 -14.17 -22.75 -29.52
CA GLN A 270 -13.79 -22.81 -30.93
C GLN A 270 -12.51 -23.63 -31.05
N PHE A 271 -12.34 -24.25 -32.21
CA PHE A 271 -11.17 -25.09 -32.49
C PHE A 271 -10.54 -24.67 -33.80
N LYS A 272 -9.22 -24.59 -33.82
CA LYS A 272 -8.51 -24.30 -35.06
C LYS A 272 -7.08 -24.81 -34.94
N GLU A 273 -6.24 -24.42 -35.90
CA GLU A 273 -4.87 -24.88 -36.00
C GLU A 273 -3.93 -23.70 -35.90
N PHE A 274 -2.87 -23.85 -35.12
CA PHE A 274 -1.89 -22.78 -34.93
C PHE A 274 -0.55 -23.13 -35.56
N SER A 275 -0.23 -22.52 -36.69
CA SER A 275 1.06 -22.74 -37.34
C SER A 275 1.74 -21.42 -37.61
N ILE A 276 3.03 -21.31 -37.28
CA ILE A 276 3.72 -20.02 -37.43
C ILE A 276 4.76 -20.08 -38.53
N ASP A 277 5.55 -21.15 -38.52
CA ASP A 277 6.55 -21.34 -39.55
C ASP A 277 5.96 -22.15 -40.69
N ILE A 278 6.82 -22.68 -41.55
CA ILE A 278 6.32 -23.44 -42.68
C ILE A 278 6.51 -24.93 -42.42
N SER A 279 6.58 -25.31 -41.14
CA SER A 279 6.85 -26.70 -40.81
C SER A 279 5.90 -27.39 -39.83
N ASN A 280 5.64 -26.78 -38.67
CA ASN A 280 4.84 -27.49 -37.66
C ASN A 280 3.34 -27.15 -37.64
N SER A 281 2.48 -28.15 -37.40
CA SER A 281 1.05 -27.84 -37.30
C SER A 281 0.55 -28.19 -35.92
N TYR A 282 -0.13 -27.27 -35.26
CA TYR A 282 -0.57 -27.50 -33.89
C TYR A 282 -2.06 -27.34 -33.68
N ALA A 283 -2.65 -28.14 -32.81
CA ALA A 283 -4.07 -28.00 -32.46
C ALA A 283 -4.25 -26.80 -31.55
N GLU A 284 -5.47 -26.27 -31.45
CA GLU A 284 -5.71 -25.15 -30.56
C GLU A 284 -7.20 -25.06 -30.26
N MET A 285 -7.55 -24.89 -28.99
CA MET A 285 -8.94 -24.69 -28.59
C MET A 285 -9.04 -23.39 -27.80
N LYS A 286 -9.85 -22.47 -28.29
CA LYS A 286 -10.01 -21.16 -27.69
C LYS A 286 -11.40 -21.05 -27.07
N PHE A 287 -11.44 -20.76 -25.78
CA PHE A 287 -12.67 -20.47 -25.07
C PHE A 287 -12.77 -18.96 -24.90
N TYR A 288 -13.81 -18.37 -25.48
CA TYR A 288 -14.09 -16.95 -25.31
C TYR A 288 -15.07 -16.79 -24.16
N VAL A 289 -14.69 -15.99 -23.17
CA VAL A 289 -15.48 -15.80 -21.96
C VAL A 289 -15.94 -14.36 -21.92
N ILE A 290 -17.25 -14.15 -21.77
CA ILE A 290 -17.86 -12.82 -21.80
C ILE A 290 -18.29 -12.46 -20.39
N ILE A 291 -17.90 -11.33 -19.89
CA ILE A 291 -18.25 -10.98 -18.55
C ILE A 291 -18.83 -9.59 -18.54
N ARG A 292 -19.76 -9.28 -17.65
CA ARG A 292 -20.29 -7.94 -17.54
C ARG A 292 -20.05 -7.47 -16.13
N ARG A 293 -20.14 -6.18 -15.90
CA ARG A 293 -19.99 -5.68 -14.54
C ARG A 293 -21.31 -5.25 -14.00
N ARG A 294 -21.52 -5.48 -12.71
CA ARG A 294 -22.77 -5.13 -12.10
C ARG A 294 -22.51 -3.76 -11.56
N PRO A 295 -23.11 -2.70 -12.15
CA PRO A 295 -22.71 -1.38 -11.66
C PRO A 295 -23.66 -0.64 -10.73
N LEU A 296 -24.68 -1.29 -10.18
CA LEU A 296 -25.66 -0.57 -9.38
C LEU A 296 -25.00 0.11 -8.19
N PHE A 297 -24.20 -0.64 -7.44
CA PHE A 297 -23.55 -0.10 -6.25
C PHE A 297 -22.47 0.93 -6.58
N TYR A 298 -21.76 0.73 -7.68
CA TYR A 298 -20.75 1.68 -8.07
C TYR A 298 -21.39 3.00 -8.48
N ALA A 299 -22.51 2.94 -9.18
CA ALA A 299 -23.21 4.14 -9.61
C ALA A 299 -23.62 5.02 -8.44
N VAL A 300 -24.28 4.44 -7.44
CA VAL A 300 -24.77 5.25 -6.33
C VAL A 300 -23.64 5.91 -5.51
N SER A 301 -22.41 5.44 -5.68
CA SER A 301 -21.28 5.98 -4.93
C SER A 301 -20.40 6.93 -5.72
N LEU A 302 -20.68 7.09 -7.01
CA LEU A 302 -19.84 7.94 -7.86
C LEU A 302 -20.66 8.93 -8.67
N LEU A 303 -21.80 8.48 -9.20
CA LEU A 303 -22.64 9.34 -10.01
C LEU A 303 -23.52 10.25 -9.18
N LEU A 304 -24.25 9.66 -8.26
CA LEU A 304 -25.07 10.47 -7.37
C LEU A 304 -24.34 11.65 -6.75
N PRO A 305 -23.11 11.53 -6.23
CA PRO A 305 -22.40 12.74 -5.79
C PRO A 305 -22.12 13.72 -6.92
N SER A 306 -21.89 13.23 -8.14
CA SER A 306 -21.65 14.13 -9.26
C SER A 306 -22.93 14.88 -9.64
N ILE A 307 -24.06 14.20 -9.67
CA ILE A 307 -25.33 14.87 -9.93
C ILE A 307 -25.71 15.81 -8.80
N PHE A 308 -25.41 15.45 -7.56
CA PHE A 308 -25.70 16.33 -6.44
C PHE A 308 -24.82 17.57 -6.44
N LEU A 309 -23.55 17.42 -6.80
CA LEU A 309 -22.64 18.56 -6.92
C LEU A 309 -22.85 19.36 -8.19
N MET A 310 -23.90 19.07 -8.95
CA MET A 310 -24.18 19.91 -10.12
C MET A 310 -25.21 20.97 -9.73
N VAL A 311 -25.26 21.30 -8.44
CA VAL A 311 -26.12 22.38 -7.95
C VAL A 311 -25.27 23.60 -7.62
N VAL A 312 -23.96 23.51 -7.80
CA VAL A 312 -23.09 24.64 -7.49
C VAL A 312 -23.39 25.82 -8.42
N ASP A 313 -23.65 25.53 -9.70
CA ASP A 313 -24.07 26.59 -10.60
C ASP A 313 -25.44 27.12 -10.23
N ILE A 314 -26.31 26.28 -9.67
CA ILE A 314 -27.61 26.75 -9.21
C ILE A 314 -27.46 27.71 -8.05
N VAL A 315 -26.50 27.46 -7.17
CA VAL A 315 -26.30 28.33 -6.01
C VAL A 315 -25.70 29.66 -6.44
N GLY A 316 -24.51 29.67 -7.01
CA GLY A 316 -23.88 30.93 -7.36
C GLY A 316 -24.47 31.52 -8.64
N PHE A 317 -25.53 32.32 -8.51
CA PHE A 317 -26.13 32.92 -9.70
C PHE A 317 -26.62 34.36 -9.50
N CYS A 318 -26.39 35.20 -10.52
CA CYS A 318 -26.81 36.62 -10.48
C CYS A 318 -26.21 37.47 -9.36
N LEU A 319 -24.89 37.70 -9.38
CA LEU A 319 -24.30 38.61 -8.39
C LEU A 319 -23.01 39.32 -8.89
N PRO A 320 -23.08 40.01 -10.05
CA PRO A 320 -21.87 40.75 -10.47
C PRO A 320 -21.42 41.87 -9.50
N PRO A 321 -22.33 42.71 -8.97
CA PRO A 321 -21.83 43.71 -8.02
C PRO A 321 -21.27 43.05 -6.77
N ASP A 322 -21.95 42.03 -6.26
CA ASP A 322 -21.50 41.34 -5.06
C ASP A 322 -20.56 40.19 -5.43
N SER A 323 -19.67 40.42 -6.40
CA SER A 323 -18.72 39.37 -6.76
C SER A 323 -17.68 39.11 -5.68
N GLY A 324 -17.61 39.92 -4.63
CA GLY A 324 -16.81 39.54 -3.48
C GLY A 324 -17.32 38.27 -2.83
N GLU A 325 -18.64 38.21 -2.60
CA GLU A 325 -19.26 36.99 -2.09
C GLU A 325 -19.16 35.86 -3.11
N ARG A 326 -19.30 36.19 -4.40
CA ARG A 326 -19.21 35.17 -5.44
C ARG A 326 -17.83 34.52 -5.46
N VAL A 327 -16.82 35.40 -5.52
CA VAL A 327 -15.46 34.91 -5.57
C VAL A 327 -15.29 34.12 -4.28
N SER A 328 -15.81 34.61 -3.16
CA SER A 328 -15.72 33.83 -1.94
C SER A 328 -16.20 32.44 -2.23
N PHE A 329 -17.44 32.36 -2.71
CA PHE A 329 -18.05 31.05 -2.97
C PHE A 329 -17.20 30.12 -3.79
N LYS A 330 -16.75 30.56 -4.94
CA LYS A 330 -16.05 29.64 -5.80
C LYS A 330 -14.65 29.30 -5.29
N ILE A 331 -13.98 30.24 -4.67
CA ILE A 331 -12.60 30.00 -4.24
C ILE A 331 -12.57 28.84 -3.27
N THR A 332 -13.68 28.59 -2.59
CA THR A 332 -13.79 27.46 -1.70
C THR A 332 -14.41 26.24 -2.37
N LEU A 333 -15.39 26.43 -3.26
CA LEU A 333 -15.91 25.31 -4.03
C LEU A 333 -14.89 24.71 -4.99
N LEU A 334 -14.05 25.53 -5.62
CA LEU A 334 -12.99 25.02 -6.48
C LEU A 334 -11.99 24.14 -5.76
N LEU A 335 -12.04 24.10 -4.43
CA LEU A 335 -11.25 23.17 -3.64
C LEU A 335 -12.07 22.11 -2.91
N GLY A 336 -13.36 22.37 -2.66
CA GLY A 336 -14.15 21.44 -1.87
C GLY A 336 -14.30 20.07 -2.49
N TYR A 337 -14.55 20.03 -3.81
CA TYR A 337 -14.47 18.79 -4.56
C TYR A 337 -13.10 18.49 -5.16
N SER A 338 -12.24 19.50 -5.29
CA SER A 338 -10.89 19.24 -5.78
C SER A 338 -10.05 18.44 -4.77
N VAL A 339 -10.36 18.56 -3.48
CA VAL A 339 -9.60 17.83 -2.47
C VAL A 339 -9.93 16.34 -2.49
N PHE A 340 -11.19 15.99 -2.74
CA PHE A 340 -11.52 14.56 -2.83
C PHE A 340 -11.37 14.06 -4.26
N LEU A 341 -11.01 14.92 -5.19
CA LEU A 341 -10.74 14.46 -6.55
C LEU A 341 -9.54 13.54 -6.43
N ILE A 342 -8.67 13.81 -5.46
CA ILE A 342 -7.52 12.97 -5.20
C ILE A 342 -7.97 11.55 -4.86
N ILE A 343 -8.88 11.43 -3.91
CA ILE A 343 -9.35 10.10 -3.49
C ILE A 343 -10.18 9.46 -4.61
N VAL A 344 -10.83 10.26 -5.45
CA VAL A 344 -11.57 9.72 -6.57
C VAL A 344 -10.57 9.07 -7.51
N SER A 345 -9.51 9.79 -7.85
CA SER A 345 -8.50 9.24 -8.75
C SER A 345 -7.77 8.07 -8.12
N ASP A 346 -7.64 8.07 -6.78
CA ASP A 346 -7.08 6.91 -6.10
C ASP A 346 -7.99 5.70 -6.23
N THR A 347 -9.30 5.89 -6.16
CA THR A 347 -10.23 4.76 -6.25
C THR A 347 -10.39 4.25 -7.68
N LEU A 348 -10.07 5.06 -8.69
CA LEU A 348 -10.12 4.56 -10.06
C LEU A 348 -9.07 3.48 -10.27
N PRO A 349 -9.46 2.34 -10.91
CA PRO A 349 -8.40 1.38 -11.25
C PRO A 349 -7.65 1.97 -12.41
N ALA A 350 -6.59 2.71 -12.14
CA ALA A 350 -5.85 3.43 -13.17
C ALA A 350 -5.18 2.46 -14.14
N THR A 351 -5.34 2.72 -15.43
CA THR A 351 -4.76 1.93 -16.49
C THR A 351 -3.90 2.84 -17.36
N ALA A 352 -2.76 2.38 -17.80
CA ALA A 352 -1.95 3.21 -18.64
C ALA A 352 -2.77 3.58 -19.84
N ILE A 353 -3.30 2.60 -20.55
CA ILE A 353 -4.21 2.95 -21.66
C ILE A 353 -5.56 3.24 -21.03
N GLY A 354 -5.71 4.46 -20.52
CA GLY A 354 -6.94 4.81 -19.84
C GLY A 354 -7.63 6.09 -20.24
N THR A 355 -8.82 5.97 -20.83
CA THR A 355 -9.59 7.16 -21.20
C THR A 355 -11.11 6.94 -21.00
N PRO A 356 -11.55 6.88 -19.74
CA PRO A 356 -12.98 6.65 -19.48
C PRO A 356 -13.84 7.82 -19.94
N LEU A 357 -15.05 7.54 -20.41
CA LEU A 357 -15.96 8.60 -20.84
C LEU A 357 -16.25 9.57 -19.72
N ILE A 358 -16.47 9.04 -18.51
CA ILE A 358 -16.73 9.90 -17.37
C ILE A 358 -15.46 10.65 -16.99
N GLY A 359 -14.31 9.97 -17.05
CA GLY A 359 -13.06 10.59 -16.66
C GLY A 359 -12.58 11.70 -17.56
N VAL A 360 -13.22 11.89 -18.73
CA VAL A 360 -12.87 13.02 -19.59
C VAL A 360 -13.95 14.09 -19.48
N TYR A 361 -15.20 13.66 -19.27
CA TYR A 361 -16.26 14.64 -19.06
C TYR A 361 -16.07 15.38 -17.74
N PHE A 362 -15.68 14.67 -16.69
CA PHE A 362 -15.45 15.29 -15.39
C PHE A 362 -14.30 16.28 -15.44
N VAL A 363 -13.39 16.12 -16.39
CA VAL A 363 -12.25 17.03 -16.52
C VAL A 363 -12.66 18.28 -17.28
N VAL A 364 -13.29 18.09 -18.44
CA VAL A 364 -13.76 19.24 -19.22
C VAL A 364 -14.85 20.00 -18.47
N CYS A 365 -15.59 19.31 -17.60
CA CYS A 365 -16.58 19.98 -16.77
C CYS A 365 -15.88 21.00 -15.90
N MET A 366 -14.80 20.57 -15.25
CA MET A 366 -14.06 21.50 -14.40
C MET A 366 -13.35 22.57 -15.20
N ALA A 367 -12.78 22.21 -16.35
CA ALA A 367 -12.13 23.20 -17.21
C ALA A 367 -13.08 24.32 -17.57
N LEU A 368 -14.27 23.96 -18.04
CA LEU A 368 -15.29 24.95 -18.38
C LEU A 368 -15.64 25.83 -17.18
N LEU A 369 -15.78 25.21 -16.01
CA LEU A 369 -16.08 26.01 -14.83
C LEU A 369 -14.91 26.92 -14.47
N VAL A 370 -13.68 26.43 -14.63
CA VAL A 370 -12.52 27.25 -14.31
C VAL A 370 -12.43 28.45 -15.25
N ILE A 371 -12.65 28.25 -16.56
CA ILE A 371 -12.56 29.37 -17.48
C ILE A 371 -13.72 30.33 -17.28
N SER A 372 -14.90 29.83 -16.90
CA SER A 372 -16.01 30.71 -16.58
C SER A 372 -15.66 31.62 -15.40
N LEU A 373 -15.07 31.04 -14.36
CA LEU A 373 -14.68 31.85 -13.20
C LEU A 373 -13.57 32.81 -13.56
N ALA A 374 -12.65 32.42 -14.44
CA ALA A 374 -11.61 33.35 -14.89
C ALA A 374 -12.21 34.55 -15.60
N GLU A 375 -13.19 34.30 -16.48
CA GLU A 375 -13.87 35.40 -17.16
C GLU A 375 -14.59 36.31 -16.18
N THR A 376 -15.29 35.73 -15.20
CA THR A 376 -16.00 36.57 -14.23
C THR A 376 -15.04 37.40 -13.38
N ILE A 377 -13.92 36.80 -12.94
CA ILE A 377 -12.95 37.56 -12.16
C ILE A 377 -12.34 38.68 -12.99
N PHE A 378 -12.04 38.41 -14.25
CA PHE A 378 -11.51 39.46 -15.12
C PHE A 378 -12.51 40.59 -15.30
N ILE A 379 -13.79 40.25 -15.46
CA ILE A 379 -14.83 41.26 -15.64
C ILE A 379 -14.97 42.11 -14.39
N VAL A 380 -14.99 41.48 -13.21
CA VAL A 380 -15.18 42.27 -12.00
C VAL A 380 -13.93 43.09 -11.69
N ARG A 381 -12.74 42.60 -12.06
CA ARG A 381 -11.55 43.41 -11.90
C ARG A 381 -11.57 44.62 -12.83
N LEU A 382 -12.08 44.44 -14.05
CA LEU A 382 -12.17 45.55 -14.99
C LEU A 382 -13.18 46.59 -14.52
N VAL A 383 -14.32 46.15 -13.99
CA VAL A 383 -15.37 47.09 -13.62
C VAL A 383 -15.25 47.61 -12.19
N HIS A 384 -14.38 47.03 -11.38
CA HIS A 384 -14.26 47.47 -9.99
C HIS A 384 -13.46 48.77 -9.88
N LYS A 385 -12.43 48.94 -10.71
CA LYS A 385 -11.58 50.11 -10.65
C LYS A 385 -12.24 51.28 -11.35
N GLN A 386 -11.48 52.37 -11.53
CA GLN A 386 -11.97 53.56 -12.21
C GLN A 386 -11.82 53.48 -13.73
N ASP A 387 -11.61 52.27 -14.26
CA ASP A 387 -11.49 52.12 -15.71
C ASP A 387 -12.80 52.41 -16.43
N LEU A 388 -13.93 52.14 -15.76
CA LEU A 388 -15.27 52.36 -16.32
C LEU A 388 -15.45 51.60 -17.64
N GLN A 389 -15.17 50.30 -17.59
CA GLN A 389 -15.27 49.36 -18.72
C GLN A 389 -14.61 49.89 -19.99
N ARG A 390 -13.55 50.71 -19.82
CA ARG A 390 -12.75 51.27 -20.91
C ARG A 390 -13.62 51.99 -21.93
N PRO A 391 -14.11 53.20 -21.62
CA PRO A 391 -15.02 53.90 -22.53
C PRO A 391 -14.40 54.32 -23.86
N VAL A 392 -13.15 53.98 -24.12
CA VAL A 392 -12.52 54.23 -25.41
C VAL A 392 -13.22 53.38 -26.47
N PRO A 393 -13.22 53.78 -27.75
CA PRO A 393 -13.95 53.02 -28.77
C PRO A 393 -13.42 51.61 -29.01
N ASP A 394 -12.40 51.15 -28.29
CA ASP A 394 -11.94 49.78 -28.42
C ASP A 394 -12.99 48.79 -27.95
N TRP A 395 -13.72 49.13 -26.89
CA TRP A 395 -14.74 48.21 -26.37
C TRP A 395 -15.94 48.13 -27.30
N LEU A 396 -16.19 49.17 -28.10
CA LEU A 396 -17.19 49.06 -29.16
C LEU A 396 -16.79 47.99 -30.17
N ARG A 397 -15.52 47.99 -30.58
CA ARG A 397 -15.03 46.98 -31.51
C ARG A 397 -15.08 45.59 -30.87
N HIS A 398 -14.75 45.50 -29.59
CA HIS A 398 -14.82 44.22 -28.89
C HIS A 398 -16.25 43.69 -28.85
N LEU A 399 -17.22 44.56 -28.56
CA LEU A 399 -18.62 44.15 -28.54
C LEU A 399 -19.10 43.74 -29.92
N VAL A 400 -18.67 44.47 -30.96
CA VAL A 400 -19.08 44.12 -32.32
C VAL A 400 -18.52 42.77 -32.72
N LEU A 401 -17.23 42.52 -32.42
CA LEU A 401 -16.62 41.23 -32.74
C LEU A 401 -17.29 40.10 -31.96
N ASP A 402 -17.62 40.35 -30.69
CA ASP A 402 -18.31 39.32 -29.90
C ASP A 402 -19.70 39.04 -30.44
N ARG A 403 -20.44 40.08 -30.85
CA ARG A 403 -21.75 39.88 -31.44
C ARG A 403 -21.67 39.08 -32.74
N ILE A 404 -20.62 39.33 -33.53
CA ILE A 404 -20.37 38.50 -34.70
C ILE A 404 -20.05 37.07 -34.26
N ALA A 405 -19.35 36.92 -33.14
CA ALA A 405 -18.94 35.60 -32.67
C ALA A 405 -20.14 34.73 -32.30
N TRP A 406 -21.08 35.27 -31.52
CA TRP A 406 -22.27 34.47 -31.22
C TRP A 406 -23.41 34.68 -32.22
N ILE A 407 -23.18 35.45 -33.30
CA ILE A 407 -24.16 35.76 -34.35
C ILE A 407 -25.57 35.99 -33.84
N LEU A 472 -17.59 92.50 5.91
CA LEU A 472 -16.56 91.59 5.43
C LEU A 472 -16.77 90.19 5.97
N ALA A 473 -17.39 90.09 7.15
CA ALA A 473 -17.65 88.79 7.76
C ALA A 473 -18.68 88.00 6.96
N VAL A 474 -19.76 88.66 6.55
CA VAL A 474 -20.82 87.98 5.81
C VAL A 474 -20.32 87.43 4.48
N ARG A 475 -19.29 88.08 3.90
CA ARG A 475 -18.65 87.54 2.71
C ARG A 475 -18.08 86.16 2.98
N GLY A 476 -17.34 86.02 4.08
CA GLY A 476 -16.86 84.71 4.49
C GLY A 476 -17.99 83.75 4.81
N LEU A 477 -19.07 84.25 5.39
CA LEU A 477 -20.21 83.38 5.71
C LEU A 477 -20.71 82.72 4.43
N LEU A 478 -21.20 83.52 3.49
CA LEU A 478 -21.75 82.94 2.26
C LEU A 478 -20.70 82.14 1.48
N GLN A 479 -19.43 82.53 1.58
CA GLN A 479 -18.37 81.77 0.92
C GLN A 479 -18.35 80.37 1.50
N GLU A 480 -18.23 80.26 2.82
CA GLU A 480 -18.22 78.96 3.46
C GLU A 480 -19.50 78.18 3.16
N LEU A 481 -20.62 78.87 3.05
CA LEU A 481 -21.87 78.19 2.70
C LEU A 481 -21.79 77.58 1.30
N SER A 482 -21.25 78.33 0.33
CA SER A 482 -21.18 77.85 -1.04
C SER A 482 -20.04 76.88 -1.28
N SER A 483 -19.03 76.85 -0.40
CA SER A 483 -17.90 75.95 -0.60
C SER A 483 -18.28 74.48 -0.42
N ILE A 484 -19.12 74.19 0.57
CA ILE A 484 -19.42 72.80 0.91
C ILE A 484 -20.44 72.17 -0.04
N ARG A 485 -21.25 72.98 -0.73
CA ARG A 485 -22.25 72.42 -1.64
C ARG A 485 -21.60 71.69 -2.80
N HIS A 486 -20.49 72.24 -3.32
CA HIS A 486 -19.77 71.58 -4.40
C HIS A 486 -19.23 70.23 -3.96
N PHE A 487 -18.69 70.16 -2.74
CA PHE A 487 -18.18 68.90 -2.22
C PHE A 487 -19.31 67.88 -2.03
N LEU A 488 -20.46 68.33 -1.52
CA LEU A 488 -21.60 67.43 -1.37
C LEU A 488 -22.08 66.91 -2.73
N GLU A 489 -22.12 67.78 -3.74
CA GLU A 489 -22.51 67.34 -5.07
C GLU A 489 -21.52 66.35 -5.64
N LYS A 490 -20.22 66.59 -5.43
CA LYS A 490 -19.19 65.65 -5.89
C LYS A 490 -19.33 64.30 -5.20
N ARG A 491 -19.64 64.32 -3.89
CA ARG A 491 -19.85 63.07 -3.16
C ARG A 491 -21.06 62.33 -3.69
N ASP A 492 -22.16 63.04 -3.98
CA ASP A 492 -23.39 62.40 -4.40
C ASP A 492 -23.36 61.94 -5.86
N GLU A 493 -22.52 62.55 -6.70
CA GLU A 493 -22.53 62.20 -8.12
C GLU A 493 -21.87 60.86 -8.41
N MET A 494 -21.06 60.33 -7.49
CA MET A 494 -20.28 59.13 -7.76
C MET A 494 -21.12 57.87 -7.78
N ARG A 495 -22.29 57.87 -7.11
CA ARG A 495 -23.06 56.64 -6.95
C ARG A 495 -23.57 56.12 -8.29
N GLU A 496 -24.18 56.98 -9.11
CA GLU A 496 -24.71 56.56 -10.40
C GLU A 496 -23.59 56.13 -11.34
N VAL A 497 -22.46 56.85 -11.32
CA VAL A 497 -21.33 56.48 -12.17
C VAL A 497 -20.80 55.12 -11.79
N ALA A 498 -20.72 54.84 -10.49
CA ALA A 498 -20.27 53.52 -10.04
C ALA A 498 -21.26 52.43 -10.41
N ARG A 499 -22.56 52.71 -10.29
CA ARG A 499 -23.58 51.70 -10.50
C ARG A 499 -23.95 51.49 -11.97
N ASP A 500 -23.47 52.35 -12.87
CA ASP A 500 -23.85 52.23 -14.28
C ASP A 500 -23.02 51.23 -15.06
N TRP A 501 -22.05 50.55 -14.43
CA TRP A 501 -21.16 49.66 -15.18
C TRP A 501 -21.21 48.22 -14.66
N LEU A 502 -22.41 47.67 -14.44
CA LEU A 502 -22.55 46.31 -13.95
C LEU A 502 -23.38 45.43 -14.87
N ARG A 503 -23.47 45.77 -16.15
CA ARG A 503 -24.32 45.04 -17.09
C ARG A 503 -23.59 43.95 -17.87
N VAL A 504 -22.31 44.14 -18.18
CA VAL A 504 -21.59 43.20 -19.03
C VAL A 504 -21.47 41.83 -18.38
N GLY A 505 -21.16 41.80 -17.07
CA GLY A 505 -21.11 40.52 -16.37
C GLY A 505 -22.49 39.88 -16.27
N TYR A 506 -23.51 40.70 -15.98
CA TYR A 506 -24.88 40.21 -15.89
C TYR A 506 -25.41 39.73 -17.24
N VAL A 507 -24.73 40.06 -18.34
CA VAL A 507 -25.10 39.53 -19.65
C VAL A 507 -24.30 38.28 -19.98
N LEU A 508 -22.99 38.29 -19.75
CA LEU A 508 -22.15 37.17 -20.15
C LEU A 508 -22.31 35.96 -19.24
N ASP A 509 -22.74 36.16 -17.99
CA ASP A 509 -22.95 35.00 -17.12
C ASP A 509 -24.08 34.13 -17.64
N ARG A 510 -25.09 34.73 -18.28
CA ARG A 510 -26.17 33.95 -18.85
C ARG A 510 -25.69 33.08 -20.00
N LEU A 511 -24.82 33.62 -20.86
CA LEU A 511 -24.24 32.81 -21.94
C LEU A 511 -23.37 31.69 -21.38
N LEU A 512 -22.59 31.99 -20.34
CA LEU A 512 -21.79 30.94 -19.70
C LEU A 512 -22.67 29.84 -19.12
N PHE A 513 -23.78 30.23 -18.48
CA PHE A 513 -24.73 29.26 -17.98
C PHE A 513 -25.38 28.45 -19.09
N ARG A 514 -25.64 29.08 -20.24
CA ARG A 514 -26.18 28.34 -21.39
C ARG A 514 -25.19 27.28 -21.86
N ILE A 515 -23.91 27.64 -21.94
CA ILE A 515 -22.89 26.66 -22.30
C ILE A 515 -22.85 25.53 -21.28
N TYR A 516 -22.96 25.87 -19.99
CA TYR A 516 -22.94 24.86 -18.94
C TYR A 516 -24.13 23.92 -19.04
N LEU A 517 -25.32 24.46 -19.33
CA LEU A 517 -26.51 23.62 -19.50
C LEU A 517 -26.37 22.71 -20.71
N LEU A 518 -25.81 23.23 -21.80
CA LEU A 518 -25.56 22.38 -22.97
C LEU A 518 -24.61 21.24 -22.60
N ALA A 519 -23.56 21.55 -21.83
CA ALA A 519 -22.61 20.52 -21.43
C ALA A 519 -23.26 19.45 -20.57
N VAL A 520 -24.07 19.86 -19.59
CA VAL A 520 -24.67 18.86 -18.70
C VAL A 520 -25.73 18.04 -19.44
N LEU A 521 -26.45 18.66 -20.39
CA LEU A 521 -27.39 17.90 -21.20
C LEU A 521 -26.66 16.87 -22.06
N ALA A 522 -25.52 17.25 -22.64
CA ALA A 522 -24.74 16.30 -23.42
C ALA A 522 -24.23 15.16 -22.53
N TYR A 523 -23.80 15.49 -21.32
CA TYR A 523 -23.32 14.46 -20.39
C TYR A 523 -24.43 13.48 -20.04
N SER A 524 -25.64 14.00 -19.77
CA SER A 524 -26.75 13.12 -19.46
C SER A 524 -27.13 12.25 -20.64
N ILE A 525 -27.09 12.81 -21.86
CA ILE A 525 -27.41 12.03 -23.05
C ILE A 525 -26.39 10.91 -23.24
N THR A 526 -25.12 11.21 -23.03
CA THR A 526 -24.08 10.18 -23.15
C THR A 526 -24.27 9.08 -22.11
N LEU A 527 -24.59 9.46 -20.88
CA LEU A 527 -24.84 8.46 -19.84
C LEU A 527 -26.04 7.59 -20.19
N VAL A 528 -27.10 8.21 -20.72
CA VAL A 528 -28.31 7.47 -21.05
C VAL A 528 -28.03 6.46 -22.17
N THR A 529 -27.32 6.89 -23.21
CA THR A 529 -27.05 5.97 -24.30
C THR A 529 -26.04 4.90 -23.90
N LEU A 530 -25.18 5.18 -22.95
CA LEU A 530 -24.30 4.10 -22.51
C LEU A 530 -25.14 3.07 -21.75
N TRP A 531 -25.95 3.54 -20.82
CA TRP A 531 -26.77 2.57 -20.11
C TRP A 531 -27.64 1.77 -21.07
N SER A 532 -28.12 2.41 -22.14
CA SER A 532 -28.91 1.69 -23.13
C SER A 532 -28.08 0.61 -23.82
N ILE A 533 -26.81 0.93 -24.14
CA ILE A 533 -25.92 -0.07 -24.72
C ILE A 533 -25.67 -1.21 -23.72
N TRP A 534 -25.50 -0.86 -22.45
CA TRP A 534 -25.29 -1.86 -21.41
C TRP A 534 -26.48 -2.80 -21.29
N HIS A 535 -27.70 -2.25 -21.35
CA HIS A 535 -28.89 -3.08 -21.25
C HIS A 535 -29.10 -3.92 -22.49
N TYR A 536 -28.78 -3.38 -23.67
CA TYR A 536 -28.99 -4.10 -24.91
C TYR A 536 -27.86 -5.09 -25.23
N SER A 537 -26.77 -5.06 -24.47
CA SER A 537 -25.67 -5.98 -24.73
C SER A 537 -26.04 -7.42 -24.38
N GLU A 538 -27.02 -7.62 -23.49
CA GLU A 538 -27.37 -8.95 -23.03
C GLU A 538 -28.51 -9.60 -23.80
N ASN A 539 -29.06 -8.93 -24.82
CA ASN A 539 -30.14 -9.54 -25.59
C ASN A 539 -29.65 -10.67 -26.48
N LEU A 540 -28.36 -10.68 -26.82
CA LEU A 540 -27.80 -11.74 -27.66
C LEU A 540 -27.61 -13.02 -26.86
N THR B 82 13.47 -66.53 15.72
CA THR B 82 12.91 -65.23 15.38
C THR B 82 13.12 -64.22 16.52
N THR B 83 14.38 -63.97 16.85
CA THR B 83 14.74 -63.04 17.92
C THR B 83 14.78 -61.63 17.34
N GLN B 84 13.60 -61.05 17.18
CA GLN B 84 13.43 -59.71 16.63
C GLN B 84 12.47 -58.92 17.48
N PRO B 85 12.60 -57.59 17.49
CA PRO B 85 11.62 -56.77 18.22
C PRO B 85 10.23 -56.88 17.60
N ALA B 86 9.22 -56.67 18.43
CA ALA B 86 7.83 -56.86 18.00
C ALA B 86 7.44 -55.85 16.92
N LEU B 87 7.79 -54.58 17.10
CA LEU B 87 7.38 -53.54 16.16
C LEU B 87 8.01 -53.74 14.80
N LEU B 88 9.30 -54.07 14.76
CA LEU B 88 9.97 -54.28 13.48
C LEU B 88 9.38 -55.47 12.74
N ARG B 89 9.03 -56.54 13.45
CA ARG B 89 8.44 -57.75 12.87
C ARG B 89 7.03 -57.53 12.40
N LEU B 90 6.29 -56.70 13.08
CA LEU B 90 4.95 -56.35 12.61
C LEU B 90 4.99 -55.45 11.40
N SER B 91 5.91 -54.47 11.38
CA SER B 91 6.04 -53.61 10.21
C SER B 91 6.51 -54.39 8.99
N ASP B 92 7.42 -55.35 9.20
CA ASP B 92 7.87 -56.19 8.09
C ASP B 92 6.74 -57.06 7.57
N HIS B 93 5.91 -57.60 8.46
CA HIS B 93 4.84 -58.49 8.05
C HIS B 93 3.74 -57.73 7.32
N LEU B 94 3.37 -56.55 7.82
CA LEU B 94 2.23 -55.83 7.23
C LEU B 94 2.52 -55.14 5.90
N LEU B 95 3.62 -54.41 5.83
CA LEU B 95 3.91 -53.65 4.60
C LEU B 95 4.76 -54.41 3.59
N ALA B 96 4.89 -55.72 3.76
CA ALA B 96 5.67 -56.54 2.84
C ALA B 96 5.09 -56.53 1.43
N ASN B 97 3.79 -56.70 1.31
CA ASN B 97 3.16 -56.79 -0.01
C ASN B 97 1.95 -55.88 -0.20
N TYR B 98 1.74 -54.95 0.72
CA TYR B 98 0.61 -54.04 0.60
C TYR B 98 0.92 -53.04 -0.48
N LYS B 99 0.38 -53.26 -1.66
CA LYS B 99 0.60 -52.33 -2.77
C LYS B 99 -0.29 -51.13 -2.58
N LYS B 100 0.25 -49.95 -2.74
CA LYS B 100 -0.60 -48.77 -2.67
C LYS B 100 -1.24 -48.48 -4.01
N GLY B 101 -2.46 -47.95 -3.96
CA GLY B 101 -3.19 -47.67 -5.17
C GLY B 101 -4.53 -48.39 -5.24
N VAL B 102 -4.55 -49.59 -4.69
CA VAL B 102 -5.77 -50.35 -4.66
C VAL B 102 -6.64 -49.82 -3.56
N ARG B 103 -7.91 -49.60 -3.85
CA ARG B 103 -8.77 -49.16 -2.79
C ARG B 103 -8.76 -50.34 -1.88
N PRO B 104 -8.65 -50.08 -0.61
CA PRO B 104 -8.51 -51.21 0.26
C PRO B 104 -9.85 -51.81 0.51
N VAL B 105 -10.20 -52.87 -0.17
CA VAL B 105 -11.43 -53.53 0.11
C VAL B 105 -11.32 -54.88 -0.50
N ARG B 106 -12.12 -55.82 -0.04
CA ARG B 106 -11.96 -57.15 -0.55
C ARG B 106 -12.98 -57.47 -1.61
N ASP B 107 -14.16 -56.89 -1.56
CA ASP B 107 -15.14 -57.08 -2.62
C ASP B 107 -15.44 -55.74 -3.17
N TRP B 108 -15.23 -55.60 -4.45
CA TRP B 108 -15.41 -54.28 -4.99
C TRP B 108 -16.80 -53.76 -4.78
N ARG B 109 -17.72 -54.58 -4.29
CA ARG B 109 -19.09 -54.09 -4.21
C ARG B 109 -19.25 -53.09 -3.06
N LYS B 110 -18.71 -53.41 -1.91
CA LYS B 110 -18.95 -52.54 -0.79
C LYS B 110 -18.09 -51.32 -0.86
N PRO B 111 -18.66 -50.17 -0.61
CA PRO B 111 -17.85 -48.95 -0.58
C PRO B 111 -17.15 -48.77 0.75
N THR B 112 -16.06 -48.00 0.72
CA THR B 112 -15.35 -47.63 1.93
C THR B 112 -15.88 -46.31 2.46
N THR B 113 -15.90 -46.18 3.79
CA THR B 113 -16.48 -45.01 4.45
C THR B 113 -15.39 -44.29 5.23
N VAL B 114 -15.27 -42.99 5.01
CA VAL B 114 -14.36 -42.13 5.77
C VAL B 114 -15.20 -41.25 6.68
N SER B 115 -14.81 -41.15 7.94
CA SER B 115 -15.52 -40.32 8.91
C SER B 115 -14.58 -39.22 9.38
N ILE B 116 -15.09 -37.99 9.39
CA ILE B 116 -14.28 -36.80 9.59
C ILE B 116 -14.76 -36.05 10.83
N ASP B 117 -13.91 -35.15 11.31
CA ASP B 117 -14.20 -34.29 12.45
C ASP B 117 -13.32 -33.05 12.34
N VAL B 118 -13.90 -31.88 12.60
CA VAL B 118 -13.21 -30.61 12.45
C VAL B 118 -13.43 -29.76 13.69
N ILE B 119 -12.34 -29.21 14.24
CA ILE B 119 -12.45 -28.35 15.42
C ILE B 119 -11.76 -27.02 15.12
N MET B 120 -12.42 -25.91 15.43
CA MET B 120 -11.85 -24.60 15.08
C MET B 120 -10.86 -24.05 16.09
N TYR B 121 -9.81 -23.38 15.59
CA TYR B 121 -8.81 -22.82 16.43
C TYR B 121 -8.89 -21.33 16.38
N ALA B 122 -8.78 -20.67 15.24
CA ALA B 122 -8.78 -19.22 15.22
C ALA B 122 -9.20 -18.73 13.85
N ILE B 123 -9.55 -17.46 13.77
CA ILE B 123 -9.86 -16.79 12.52
C ILE B 123 -8.80 -15.72 12.31
N LEU B 124 -8.07 -15.82 11.21
CA LEU B 124 -6.92 -14.95 11.01
C LEU B 124 -7.28 -13.66 10.28
N ASN B 125 -8.04 -13.78 9.18
CA ASN B 125 -8.33 -12.62 8.35
C ASN B 125 -9.68 -12.81 7.68
N VAL B 126 -10.47 -11.74 7.66
CA VAL B 126 -11.72 -11.70 6.90
C VAL B 126 -11.64 -10.47 6.01
N ASP B 127 -11.16 -10.65 4.79
CA ASP B 127 -10.99 -9.54 3.86
C ASP B 127 -12.25 -9.39 3.03
N GLU B 128 -12.88 -8.22 3.14
CA GLU B 128 -14.13 -7.96 2.43
C GLU B 128 -13.93 -7.36 1.05
N LYS B 129 -12.69 -7.07 0.67
CA LYS B 129 -12.45 -6.49 -0.64
C LYS B 129 -12.72 -7.49 -1.76
N ASN B 130 -12.33 -8.75 -1.56
CA ASN B 130 -12.50 -9.76 -2.60
C ASN B 130 -12.99 -11.10 -2.06
N GLN B 131 -13.72 -11.09 -0.94
CA GLN B 131 -14.41 -12.26 -0.40
C GLN B 131 -13.43 -13.40 -0.11
N VAL B 132 -12.53 -13.14 0.83
CA VAL B 132 -11.50 -14.09 1.24
C VAL B 132 -11.61 -14.31 2.75
N LEU B 133 -11.71 -15.57 3.15
CA LEU B 133 -11.79 -15.95 4.56
C LEU B 133 -10.63 -16.88 4.89
N THR B 134 -9.86 -16.53 5.92
CA THR B 134 -8.73 -17.32 6.36
C THR B 134 -9.09 -18.03 7.66
N THR B 135 -8.96 -19.35 7.67
CA THR B 135 -9.34 -20.13 8.85
C THR B 135 -8.27 -21.18 9.12
N TYR B 136 -8.24 -21.62 10.38
CA TYR B 136 -7.31 -22.64 10.84
C TYR B 136 -8.11 -23.71 11.58
N ILE B 137 -7.97 -24.95 11.24
CA ILE B 137 -8.76 -25.92 11.91
C ILE B 137 -7.94 -27.11 12.25
N TRP B 138 -8.42 -27.98 13.10
CA TRP B 138 -7.73 -29.21 13.35
C TRP B 138 -8.58 -30.23 12.63
N TYR B 139 -8.16 -31.47 12.45
CA TYR B 139 -8.93 -32.42 11.64
C TYR B 139 -8.73 -33.83 12.11
N ARG B 140 -9.45 -34.79 11.57
CA ARG B 140 -9.35 -36.15 12.02
C ARG B 140 -10.16 -36.98 11.09
N GLN B 141 -9.57 -38.04 10.54
CA GLN B 141 -10.27 -38.87 9.58
C GLN B 141 -9.95 -40.33 9.79
N TYR B 142 -10.99 -41.15 9.98
CA TYR B 142 -10.76 -42.58 10.12
C TYR B 142 -11.39 -43.38 8.99
N TRP B 143 -10.67 -44.36 8.49
CA TRP B 143 -11.22 -45.23 7.45
C TRP B 143 -10.88 -46.68 7.70
N THR B 144 -11.87 -47.55 7.58
CA THR B 144 -11.64 -48.97 7.77
C THR B 144 -10.74 -49.51 6.68
N ASP B 145 -9.87 -50.43 7.06
CA ASP B 145 -8.87 -50.99 6.17
C ASP B 145 -9.00 -52.51 6.19
N GLU B 146 -8.64 -53.18 5.12
CA GLU B 146 -8.82 -54.62 5.18
C GLU B 146 -7.66 -55.41 4.72
N PHE B 147 -6.48 -54.80 4.64
CA PHE B 147 -5.30 -55.57 4.34
C PHE B 147 -4.29 -55.39 5.46
N LEU B 148 -4.67 -54.78 6.58
CA LEU B 148 -3.80 -54.60 7.74
C LEU B 148 -4.46 -55.18 8.98
N GLN B 149 -4.94 -56.41 8.87
CA GLN B 149 -5.49 -57.13 10.02
C GLN B 149 -4.44 -58.08 10.56
N TRP B 150 -4.27 -58.08 11.87
CA TRP B 150 -3.33 -58.98 12.51
C TRP B 150 -3.86 -59.38 13.88
N THR B 151 -3.40 -60.52 14.36
CA THR B 151 -3.80 -61.05 15.67
C THR B 151 -2.83 -60.58 16.73
N PRO B 152 -3.30 -59.88 17.77
CA PRO B 152 -2.38 -59.42 18.82
C PRO B 152 -1.73 -60.53 19.62
N GLU B 153 -2.28 -61.74 19.57
CA GLU B 153 -1.71 -62.85 20.34
C GLU B 153 -0.29 -63.19 19.87
N ASP B 154 -0.03 -63.08 18.57
CA ASP B 154 1.25 -63.48 18.02
C ASP B 154 2.33 -62.43 18.28
N PHE B 155 2.08 -61.19 17.87
CA PHE B 155 3.11 -60.14 17.87
C PHE B 155 3.15 -59.35 19.17
N ASP B 156 3.21 -60.07 20.29
CA ASP B 156 3.49 -59.54 21.62
C ASP B 156 2.48 -58.45 22.01
N ASN B 157 1.20 -58.79 21.87
CA ASN B 157 0.09 -58.05 22.47
C ASN B 157 0.08 -56.58 22.04
N VAL B 158 0.42 -56.34 20.78
CA VAL B 158 0.41 -54.99 20.22
C VAL B 158 -0.98 -54.68 19.71
N THR B 159 -1.44 -53.44 19.93
CA THR B 159 -2.79 -53.04 19.54
C THR B 159 -2.82 -51.72 18.78
N LYS B 160 -1.69 -51.02 18.65
CA LYS B 160 -1.68 -49.77 17.92
C LYS B 160 -0.28 -49.54 17.38
N LEU B 161 -0.20 -49.19 16.09
CA LEU B 161 1.07 -49.03 15.41
C LEU B 161 1.08 -47.71 14.63
N SER B 162 2.27 -47.14 14.49
CA SER B 162 2.47 -45.93 13.71
C SER B 162 3.23 -46.27 12.43
N ILE B 163 2.65 -45.91 11.29
CA ILE B 163 3.21 -46.27 9.99
C ILE B 163 3.34 -45.02 9.12
N PRO B 164 4.30 -44.97 8.21
CA PRO B 164 4.42 -43.80 7.34
C PRO B 164 3.20 -43.62 6.46
N THR B 165 2.88 -42.36 6.16
CA THR B 165 1.70 -42.03 5.39
C THR B 165 1.87 -42.28 3.89
N ASP B 166 3.09 -42.51 3.42
CA ASP B 166 3.34 -42.76 2.00
C ASP B 166 3.35 -44.23 1.64
N SER B 167 3.11 -45.12 2.61
CA SER B 167 3.13 -46.56 2.36
C SER B 167 1.75 -47.19 2.30
N ILE B 168 0.69 -46.40 2.47
CA ILE B 168 -0.68 -46.91 2.47
C ILE B 168 -1.55 -46.02 1.59
N TRP B 169 -2.83 -46.36 1.55
CA TRP B 169 -3.81 -45.67 0.72
C TRP B 169 -4.48 -44.56 1.52
N VAL B 170 -4.48 -43.36 0.96
CA VAL B 170 -5.05 -42.19 1.61
C VAL B 170 -6.11 -41.61 0.68
N PRO B 171 -7.34 -41.42 1.14
CA PRO B 171 -8.39 -40.87 0.27
C PRO B 171 -8.11 -39.41 -0.05
N ASP B 172 -8.63 -38.96 -1.19
CA ASP B 172 -8.44 -37.61 -1.68
C ASP B 172 -9.57 -36.67 -1.24
N ILE B 173 -9.77 -36.60 0.08
CA ILE B 173 -10.78 -35.74 0.67
C ILE B 173 -10.25 -34.31 0.60
N LEU B 174 -10.75 -33.53 -0.35
CA LEU B 174 -10.31 -32.16 -0.56
C LEU B 174 -11.50 -31.23 -0.43
N ILE B 175 -11.31 -30.13 0.29
CA ILE B 175 -12.38 -29.17 0.51
C ILE B 175 -12.59 -28.34 -0.75
N ASN B 176 -13.85 -28.01 -1.03
CA ASN B 176 -14.17 -27.13 -2.14
C ASN B 176 -14.09 -25.68 -1.67
N GLU B 177 -14.42 -24.76 -2.58
CA GLU B 177 -14.32 -23.32 -2.34
C GLU B 177 -12.95 -22.92 -1.78
N PHE B 178 -11.89 -23.47 -2.37
CA PHE B 178 -10.55 -23.21 -1.88
C PHE B 178 -9.82 -22.26 -2.82
N VAL B 179 -9.05 -21.34 -2.24
CA VAL B 179 -8.15 -20.47 -2.99
C VAL B 179 -6.78 -20.58 -2.34
N ASP B 180 -5.74 -20.79 -3.16
CA ASP B 180 -4.35 -20.99 -2.76
C ASP B 180 -4.25 -21.91 -1.53
N VAL B 181 -4.87 -23.08 -1.64
CA VAL B 181 -4.79 -24.06 -0.56
C VAL B 181 -3.37 -24.62 -0.49
N GLY B 182 -2.94 -24.81 0.75
CA GLY B 182 -1.56 -25.19 0.99
C GLY B 182 -1.14 -24.54 2.30
N LYS B 183 0.10 -24.07 2.42
CA LYS B 183 0.58 -23.39 3.63
C LYS B 183 0.41 -24.19 4.89
N SER B 184 0.40 -25.50 4.80
CA SER B 184 0.19 -26.34 5.97
C SER B 184 1.02 -27.57 5.85
N PRO B 185 1.75 -27.95 6.89
CA PRO B 185 2.64 -29.09 6.75
C PRO B 185 1.87 -30.38 6.54
N ASN B 186 2.62 -31.44 6.24
CA ASN B 186 2.06 -32.79 6.14
C ASN B 186 2.60 -33.65 7.27
N ILE B 187 1.71 -34.45 7.87
CA ILE B 187 2.08 -35.35 8.95
C ILE B 187 2.60 -36.65 8.33
N PRO B 188 3.84 -37.05 8.62
CA PRO B 188 4.41 -38.22 7.95
C PRO B 188 4.04 -39.55 8.58
N TYR B 189 3.20 -39.58 9.60
CA TYR B 189 2.83 -40.82 10.28
C TYR B 189 1.32 -40.88 10.44
N VAL B 190 0.80 -42.11 10.51
CA VAL B 190 -0.60 -42.37 10.79
C VAL B 190 -0.70 -43.59 11.69
N TYR B 191 -1.80 -43.65 12.46
CA TYR B 191 -2.08 -44.80 13.31
C TYR B 191 -2.81 -45.90 12.56
N VAL B 192 -2.60 -47.13 13.03
CA VAL B 192 -3.37 -48.28 12.59
C VAL B 192 -3.63 -49.18 13.80
N HIS B 193 -4.87 -49.66 13.92
CA HIS B 193 -5.27 -50.64 14.92
C HIS B 193 -5.40 -52.00 14.26
N HIS B 194 -5.82 -52.99 15.05
CA HIS B 194 -6.08 -54.29 14.45
C HIS B 194 -7.41 -54.18 13.71
N ARG B 195 -7.69 -55.11 12.78
CA ARG B 195 -8.93 -55.10 11.97
C ARG B 195 -8.99 -54.00 10.89
N GLY B 196 -8.13 -52.99 10.96
CA GLY B 196 -8.09 -51.97 9.92
C GLY B 196 -8.49 -50.55 10.27
N GLU B 197 -8.66 -50.27 11.56
CA GLU B 197 -9.01 -48.92 11.99
C GLU B 197 -7.82 -48.00 11.75
N VAL B 198 -7.90 -47.18 10.70
CA VAL B 198 -6.81 -46.28 10.33
C VAL B 198 -7.23 -44.85 10.62
N GLN B 199 -6.39 -44.12 11.37
CA GLN B 199 -6.67 -42.78 11.82
C GLN B 199 -5.62 -41.82 11.29
N ASN B 200 -5.98 -40.54 11.24
CA ASN B 200 -5.06 -39.51 10.77
C ASN B 200 -5.45 -38.16 11.36
N TYR B 201 -4.46 -37.41 11.83
CA TYR B 201 -4.64 -36.08 12.40
C TYR B 201 -3.82 -35.11 11.56
N LYS B 202 -4.40 -33.96 11.22
CA LYS B 202 -3.66 -32.98 10.43
C LYS B 202 -4.26 -31.60 10.62
N PRO B 203 -3.46 -30.55 10.57
CA PRO B 203 -4.00 -29.20 10.56
C PRO B 203 -4.20 -28.69 9.13
N LEU B 204 -5.24 -27.89 8.97
CA LEU B 204 -5.54 -27.27 7.69
C LEU B 204 -5.68 -25.77 7.86
N GLN B 205 -4.92 -25.01 7.08
CA GLN B 205 -5.03 -23.57 7.03
C GLN B 205 -5.64 -23.21 5.68
N LEU B 206 -6.90 -22.79 5.69
CA LEU B 206 -7.69 -22.68 4.47
C LEU B 206 -7.99 -21.23 4.15
N VAL B 207 -7.81 -20.86 2.89
CA VAL B 207 -8.23 -19.57 2.36
C VAL B 207 -9.40 -19.86 1.43
N THR B 208 -10.62 -19.55 1.89
CA THR B 208 -11.84 -19.89 1.19
C THR B 208 -12.54 -18.65 0.66
N ALA B 209 -13.50 -18.87 -0.23
CA ALA B 209 -14.32 -17.82 -0.80
C ALA B 209 -15.70 -17.86 -0.17
N CYS B 210 -16.06 -16.79 0.53
CA CYS B 210 -17.33 -16.70 1.25
C CYS B 210 -18.05 -15.43 0.83
N SER B 211 -19.36 -15.50 0.67
CA SER B 211 -20.11 -14.30 0.31
C SER B 211 -20.40 -13.49 1.52
N LEU B 212 -19.57 -12.48 1.76
CA LEU B 212 -19.73 -11.64 2.93
C LEU B 212 -20.65 -10.47 2.65
N ASP B 213 -21.60 -10.22 3.54
CA ASP B 213 -22.53 -9.11 3.36
C ASP B 213 -22.07 -7.90 4.15
N ILE B 214 -21.68 -6.84 3.44
CA ILE B 214 -21.24 -5.61 4.11
C ILE B 214 -22.42 -4.87 4.75
N TYR B 215 -23.65 -5.19 4.33
CA TYR B 215 -24.82 -4.58 4.95
C TYR B 215 -24.78 -4.90 6.42
N ASN B 216 -25.26 -3.99 7.26
CA ASN B 216 -25.18 -4.18 8.71
C ASN B 216 -23.70 -4.30 9.07
N PHE B 217 -22.93 -3.28 8.72
CA PHE B 217 -21.49 -3.31 8.99
C PHE B 217 -21.12 -3.36 10.48
N PRO B 218 -21.65 -2.45 11.31
CA PRO B 218 -21.19 -2.50 12.71
C PRO B 218 -21.50 -3.82 13.40
N PHE B 219 -22.64 -4.43 13.07
CA PHE B 219 -23.06 -5.65 13.77
C PHE B 219 -23.38 -6.83 12.85
N ASP B 220 -22.46 -7.22 11.96
CA ASP B 220 -22.79 -8.27 10.99
C ASP B 220 -22.81 -9.70 11.52
N VAL B 221 -23.63 -10.55 10.92
CA VAL B 221 -23.67 -11.96 11.30
C VAL B 221 -23.37 -12.73 10.03
N GLN B 222 -22.18 -13.28 9.91
CA GLN B 222 -21.79 -13.94 8.69
C GLN B 222 -22.04 -15.45 8.77
N ASN B 223 -22.38 -16.02 7.61
CA ASN B 223 -22.76 -17.43 7.49
C ASN B 223 -21.92 -18.01 6.35
N CYS B 224 -20.79 -18.61 6.69
CA CYS B 224 -19.87 -19.14 5.70
C CYS B 224 -20.02 -20.66 5.58
N SER B 225 -19.56 -21.20 4.46
CA SER B 225 -19.75 -22.61 4.14
C SER B 225 -18.41 -23.28 3.84
N LEU B 226 -18.27 -24.51 4.33
CA LEU B 226 -17.11 -25.35 4.03
C LEU B 226 -17.63 -26.67 3.48
N THR B 227 -17.16 -27.07 2.30
CA THR B 227 -17.69 -28.24 1.61
C THR B 227 -16.60 -29.29 1.47
N PHE B 228 -16.77 -30.41 2.16
CA PHE B 228 -15.87 -31.54 2.07
C PHE B 228 -16.48 -32.60 1.15
N THR B 229 -15.70 -33.04 0.17
CA THR B 229 -16.13 -34.09 -0.74
C THR B 229 -14.90 -34.73 -1.37
N SER B 230 -15.10 -35.91 -1.94
CA SER B 230 -14.05 -36.57 -2.71
C SER B 230 -14.05 -36.01 -4.12
N TRP B 231 -12.88 -35.58 -4.60
CA TRP B 231 -12.82 -34.93 -5.90
C TRP B 231 -13.06 -35.92 -7.03
N LEU B 232 -12.73 -37.19 -6.82
CA LEU B 232 -12.84 -38.20 -7.87
C LEU B 232 -13.93 -39.23 -7.61
N HIS B 233 -13.97 -39.81 -6.42
CA HIS B 233 -14.79 -40.98 -6.18
C HIS B 233 -16.26 -40.60 -6.02
N THR B 234 -17.13 -41.56 -6.28
CA THR B 234 -18.58 -41.38 -6.30
C THR B 234 -19.17 -41.86 -4.98
N ILE B 235 -20.51 -41.86 -4.92
CA ILE B 235 -21.20 -42.25 -3.69
C ILE B 235 -21.02 -43.74 -3.41
N GLN B 236 -20.88 -44.56 -4.45
CA GLN B 236 -20.71 -45.98 -4.28
C GLN B 236 -19.25 -46.38 -4.12
N ASP B 237 -18.36 -45.40 -3.98
CA ASP B 237 -16.94 -45.64 -3.72
C ASP B 237 -16.49 -45.06 -2.39
N ILE B 238 -16.84 -43.81 -2.10
CA ILE B 238 -16.49 -43.16 -0.83
C ILE B 238 -17.72 -42.48 -0.27
N ASN B 239 -18.08 -42.82 0.96
CA ASN B 239 -19.15 -42.18 1.72
C ASN B 239 -18.56 -41.49 2.93
N ILE B 240 -19.04 -40.28 3.23
CA ILE B 240 -18.50 -39.47 4.31
C ILE B 240 -19.55 -39.33 5.41
N THR B 241 -19.28 -39.86 6.57
CA THR B 241 -20.18 -39.78 7.70
C THR B 241 -19.51 -38.94 8.75
N LEU B 242 -19.92 -39.04 10.01
CA LEU B 242 -19.34 -38.17 11.04
C LEU B 242 -18.87 -38.97 12.25
N TRP B 243 -17.79 -38.54 12.90
CA TRP B 243 -17.22 -39.27 14.03
C TRP B 243 -18.12 -39.15 15.18
N ARG B 244 -18.35 -37.93 15.62
CA ARG B 244 -19.25 -37.67 16.73
C ARG B 244 -20.61 -37.16 16.22
N SER B 245 -21.62 -37.05 17.06
CA SER B 245 -22.96 -36.63 16.58
C SER B 245 -23.06 -35.15 16.25
N PRO B 246 -24.16 -34.75 15.57
CA PRO B 246 -24.13 -33.35 15.19
C PRO B 246 -24.18 -32.43 16.38
N GLU B 247 -24.89 -32.81 17.43
CA GLU B 247 -25.02 -31.89 18.53
C GLU B 247 -23.67 -31.58 19.12
N GLU B 248 -22.90 -32.59 19.45
CA GLU B 248 -21.65 -32.34 20.13
C GLU B 248 -20.69 -31.61 19.24
N VAL B 249 -20.94 -31.62 17.95
CA VAL B 249 -20.11 -30.90 16.99
C VAL B 249 -20.55 -29.45 16.91
N ARG B 250 -21.85 -29.19 17.08
CA ARG B 250 -22.38 -27.83 16.95
C ARG B 250 -21.79 -26.91 18.01
N SER B 251 -21.68 -27.36 19.25
CA SER B 251 -21.17 -26.54 20.34
C SER B 251 -19.78 -27.06 20.71
N ASP B 252 -18.75 -26.41 20.16
CA ASP B 252 -17.36 -26.80 20.40
C ASP B 252 -16.46 -25.56 20.39
N LYS B 253 -16.24 -25.02 21.57
CA LYS B 253 -15.41 -23.82 21.73
C LYS B 253 -14.37 -24.02 22.82
N SER B 254 -13.96 -25.28 23.04
CA SER B 254 -13.01 -25.59 24.10
C SER B 254 -11.57 -25.27 23.71
N ILE B 255 -11.30 -24.96 22.46
CA ILE B 255 -9.95 -24.73 21.98
C ILE B 255 -9.85 -23.32 21.40
N PHE B 256 -10.97 -22.79 20.94
CA PHE B 256 -10.99 -21.50 20.28
C PHE B 256 -10.58 -20.40 21.24
N ILE B 257 -9.77 -19.45 20.74
CA ILE B 257 -9.28 -18.33 21.52
C ILE B 257 -10.15 -17.11 21.26
N ASN B 258 -10.72 -16.56 22.32
CA ASN B 258 -11.63 -15.42 22.22
C ASN B 258 -10.90 -14.09 22.37
N GLN B 259 -9.86 -13.86 21.58
CA GLN B 259 -9.10 -12.62 21.63
C GLN B 259 -9.23 -11.76 20.39
N GLY B 260 -9.74 -12.31 19.28
CA GLY B 260 -9.85 -11.59 18.03
C GLY B 260 -11.11 -10.74 17.97
N GLU B 261 -11.37 -10.23 16.76
CA GLU B 261 -12.54 -9.40 16.50
C GLU B 261 -13.75 -10.21 16.03
N TRP B 262 -13.62 -11.53 15.96
CA TRP B 262 -14.72 -12.41 15.56
C TRP B 262 -14.93 -13.46 16.64
N GLU B 263 -16.18 -13.90 16.79
CA GLU B 263 -16.56 -14.80 17.87
C GLU B 263 -17.46 -15.89 17.31
N LEU B 264 -17.16 -17.15 17.66
CA LEU B 264 -17.89 -18.27 17.10
C LEU B 264 -19.28 -18.41 17.70
N LEU B 265 -20.24 -18.77 16.87
CA LEU B 265 -21.61 -19.00 17.31
C LEU B 265 -22.08 -20.43 17.08
N GLU B 266 -21.86 -20.98 15.88
CA GLU B 266 -22.40 -22.28 15.55
C GLU B 266 -21.58 -22.90 14.42
N VAL B 267 -21.34 -24.21 14.54
CA VAL B 267 -20.71 -25.00 13.49
C VAL B 267 -21.65 -26.16 13.21
N PHE B 268 -22.53 -25.98 12.22
CA PHE B 268 -23.59 -26.94 11.96
C PHE B 268 -23.20 -27.86 10.81
N PRO B 269 -23.15 -29.17 11.01
CA PRO B 269 -22.85 -30.09 9.90
C PRO B 269 -24.11 -30.60 9.22
N GLN B 270 -23.97 -30.85 7.92
CA GLN B 270 -25.04 -31.42 7.13
C GLN B 270 -24.43 -32.31 6.05
N PHE B 271 -25.19 -33.32 5.63
CA PHE B 271 -24.74 -34.26 4.61
C PHE B 271 -25.79 -34.39 3.53
N LYS B 272 -25.34 -34.40 2.28
CA LYS B 272 -26.26 -34.61 1.16
C LYS B 272 -25.47 -35.14 -0.04
N GLU B 273 -26.12 -35.16 -1.19
CA GLU B 273 -25.56 -35.72 -2.42
C GLU B 273 -25.49 -34.65 -3.48
N PHE B 274 -24.36 -34.58 -4.17
CA PHE B 274 -24.17 -33.57 -5.22
C PHE B 274 -24.12 -34.20 -6.60
N SER B 275 -25.18 -34.05 -7.37
CA SER B 275 -25.21 -34.58 -8.75
C SER B 275 -25.60 -33.48 -9.72
N ILE B 276 -24.88 -33.33 -10.81
CA ILE B 276 -25.15 -32.24 -11.74
C ILE B 276 -25.71 -32.75 -13.05
N ASP B 277 -25.07 -33.80 -13.58
CA ASP B 277 -25.55 -34.39 -14.81
C ASP B 277 -26.51 -35.53 -14.49
N ILE B 278 -26.79 -36.38 -15.47
CA ILE B 278 -27.73 -37.47 -15.23
C ILE B 278 -26.96 -38.76 -15.04
N SER B 279 -25.71 -38.67 -14.61
CA SER B 279 -24.88 -39.87 -14.50
C SER B 279 -24.16 -40.09 -13.17
N ASN B 280 -23.43 -39.10 -12.67
CA ASN B 280 -22.62 -39.37 -11.46
C ASN B 280 -23.26 -38.93 -10.13
N SER B 281 -23.06 -39.72 -9.07
CA SER B 281 -23.59 -39.31 -7.77
C SER B 281 -22.45 -39.11 -6.79
N TYR B 282 -22.42 -37.98 -6.12
CA TYR B 282 -21.30 -37.69 -5.22
C TYR B 282 -21.73 -37.36 -3.80
N ALA B 283 -20.93 -37.77 -2.82
CA ALA B 283 -21.19 -37.42 -1.42
C ALA B 283 -20.83 -35.96 -1.18
N GLU B 284 -21.36 -35.36 -0.12
CA GLU B 284 -21.02 -33.98 0.19
C GLU B 284 -21.34 -33.70 1.65
N MET B 285 -20.41 -33.07 2.36
CA MET B 285 -20.63 -32.65 3.73
C MET B 285 -20.37 -31.15 3.84
N LYS B 286 -21.39 -30.41 4.27
CA LYS B 286 -21.32 -28.97 4.37
C LYS B 286 -21.33 -28.57 5.83
N PHE B 287 -20.30 -27.83 6.24
CA PHE B 287 -20.23 -27.23 7.56
C PHE B 287 -20.58 -25.76 7.42
N TYR B 288 -21.65 -25.34 8.09
CA TYR B 288 -22.05 -23.94 8.14
C TYR B 288 -21.44 -23.33 9.39
N VAL B 289 -20.69 -22.25 9.21
CA VAL B 289 -19.97 -21.60 10.30
C VAL B 289 -20.57 -20.21 10.47
N ILE B 290 -20.98 -19.88 11.70
CA ILE B 290 -21.63 -18.61 12.00
C ILE B 290 -20.68 -17.74 12.79
N ILE B 291 -20.44 -16.54 12.38
CA ILE B 291 -19.50 -15.71 13.07
C ILE B 291 -20.14 -14.38 13.35
N ARG B 292 -19.80 -13.71 14.45
CA ARG B 292 -20.31 -12.38 14.72
C ARG B 292 -19.15 -11.46 14.87
N ARG B 293 -19.36 -10.17 14.80
CA ARG B 293 -18.28 -9.23 15.00
C ARG B 293 -18.42 -8.55 16.32
N ARG B 294 -17.31 -8.30 16.98
CA ARG B 294 -17.33 -7.67 18.27
C ARG B 294 -17.19 -6.23 17.96
N PRO B 295 -18.26 -5.42 18.12
CA PRO B 295 -18.08 -4.04 17.65
C PRO B 295 -17.85 -2.95 18.71
N LEU B 296 -17.55 -3.30 19.96
CA LEU B 296 -17.42 -2.27 20.98
C LEU B 296 -16.34 -1.26 20.63
N PHE B 297 -15.16 -1.75 20.28
CA PHE B 297 -14.04 -0.86 19.96
C PHE B 297 -14.25 -0.08 18.67
N TYR B 298 -14.90 -0.70 17.68
CA TYR B 298 -15.16 -0.02 16.43
C TYR B 298 -16.17 1.10 16.65
N ALA B 299 -17.17 0.87 17.48
CA ALA B 299 -18.18 1.88 17.76
C ALA B 299 -17.57 3.14 18.35
N VAL B 300 -16.76 3.00 19.40
CA VAL B 300 -16.22 4.19 20.07
C VAL B 300 -15.29 5.01 19.16
N SER B 301 -14.85 4.44 18.05
CA SER B 301 -13.93 5.13 17.16
C SER B 301 -14.60 5.69 15.90
N LEU B 302 -15.88 5.40 15.71
CA LEU B 302 -16.58 5.84 14.50
C LEU B 302 -17.89 6.53 14.82
N LEU B 303 -18.63 5.99 15.77
CA LEU B 303 -19.92 6.55 16.13
C LEU B 303 -19.80 7.75 17.05
N LEU B 304 -19.08 7.57 18.13
CA LEU B 304 -18.85 8.70 19.04
C LEU B 304 -18.40 9.97 18.33
N PRO B 305 -17.45 9.96 17.39
CA PRO B 305 -17.19 11.21 16.65
C PRO B 305 -18.38 11.70 15.84
N SER B 306 -19.21 10.80 15.32
CA SER B 306 -20.39 11.22 14.56
C SER B 306 -21.42 11.87 15.48
N ILE B 307 -21.65 11.29 16.66
CA ILE B 307 -22.56 11.91 17.62
C ILE B 307 -22.00 13.21 18.16
N PHE B 308 -20.69 13.30 18.36
CA PHE B 308 -20.09 14.54 18.84
C PHE B 308 -20.15 15.63 17.78
N LEU B 309 -19.95 15.29 16.51
CA LEU B 309 -20.06 16.25 15.42
C LEU B 309 -21.52 16.56 15.06
N MET B 310 -22.47 16.08 15.83
CA MET B 310 -23.86 16.47 15.57
C MET B 310 -24.23 17.66 16.44
N VAL B 311 -23.22 18.43 16.84
CA VAL B 311 -23.43 19.66 17.60
C VAL B 311 -23.21 20.87 16.71
N VAL B 312 -22.85 20.63 15.44
CA VAL B 312 -22.61 21.74 14.52
C VAL B 312 -23.90 22.53 14.28
N ASP B 313 -25.03 21.83 14.16
CA ASP B 313 -26.31 22.51 14.06
C ASP B 313 -26.66 23.24 15.34
N ILE B 314 -26.23 22.69 16.49
CA ILE B 314 -26.45 23.38 17.76
C ILE B 314 -25.67 24.69 17.81
N VAL B 315 -24.46 24.70 17.26
CA VAL B 315 -23.65 25.91 17.29
C VAL B 315 -24.21 26.97 16.34
N GLY B 316 -24.27 26.69 15.05
CA GLY B 316 -24.74 27.70 14.12
C GLY B 316 -26.25 27.83 14.14
N PHE B 317 -26.79 28.69 15.02
CA PHE B 317 -28.23 28.88 15.07
C PHE B 317 -28.69 30.31 15.32
N CYS B 318 -29.75 30.71 14.62
CA CYS B 318 -30.31 32.08 14.76
C CYS B 318 -29.38 33.24 14.41
N LEU B 319 -28.97 33.35 13.14
CA LEU B 319 -28.18 34.53 12.74
C LEU B 319 -28.35 34.93 11.25
N PRO B 320 -29.60 35.16 10.81
CA PRO B 320 -29.76 35.63 9.41
C PRO B 320 -29.09 36.98 9.09
N PRO B 321 -29.22 38.02 9.97
CA PRO B 321 -28.51 39.26 9.61
C PRO B 321 -27.00 39.06 9.63
N ASP B 322 -26.49 38.33 10.62
CA ASP B 322 -25.06 38.08 10.71
C ASP B 322 -24.68 36.82 9.94
N SER B 323 -25.27 36.63 8.76
CA SER B 323 -24.91 35.47 7.95
C SER B 323 -23.51 35.54 7.39
N GLY B 324 -22.81 36.67 7.52
CA GLY B 324 -21.39 36.68 7.22
C GLY B 324 -20.62 35.75 8.15
N GLU B 325 -20.89 35.86 9.45
CA GLU B 325 -20.29 34.94 10.41
C GLU B 325 -20.80 33.52 10.21
N ARG B 326 -22.08 33.37 9.85
CA ARG B 326 -22.64 32.04 9.61
C ARG B 326 -21.95 31.35 8.45
N VAL B 327 -21.90 32.09 7.35
CA VAL B 327 -21.29 31.52 6.16
C VAL B 327 -19.85 31.24 6.57
N SER B 328 -19.21 32.13 7.32
CA SER B 328 -17.87 31.82 7.77
C SER B 328 -17.88 30.45 8.39
N PHE B 329 -18.72 30.28 9.39
CA PHE B 329 -18.77 29.02 10.12
C PHE B 329 -18.89 27.80 9.24
N LYS B 330 -19.87 27.78 8.36
CA LYS B 330 -20.08 26.56 7.60
C LYS B 330 -19.01 26.34 6.54
N ILE B 331 -18.51 27.41 5.94
CA ILE B 331 -17.55 27.24 4.85
C ILE B 331 -16.34 26.50 5.36
N THR B 332 -16.08 26.58 6.65
CA THR B 332 -14.98 25.85 7.26
C THR B 332 -15.42 24.51 7.83
N LEU B 333 -16.62 24.44 8.42
CA LEU B 333 -17.14 23.14 8.86
C LEU B 333 -17.42 22.18 7.71
N LEU B 334 -17.91 22.67 6.57
CA LEU B 334 -18.13 21.81 5.41
C LEU B 334 -16.84 21.19 4.88
N LEU B 335 -15.68 21.63 5.37
CA LEU B 335 -14.41 21.00 5.06
C LEU B 335 -13.76 20.32 6.26
N GLY B 336 -14.08 20.73 7.49
CA GLY B 336 -13.40 20.20 8.66
C GLY B 336 -13.58 18.71 8.84
N TYR B 337 -14.80 18.22 8.65
CA TYR B 337 -15.05 16.78 8.57
C TYR B 337 -14.99 16.22 7.16
N SER B 338 -15.09 17.05 6.13
CA SER B 338 -14.94 16.54 4.77
C SER B 338 -13.51 16.12 4.46
N VAL B 339 -12.52 16.70 5.15
CA VAL B 339 -11.13 16.33 4.91
C VAL B 339 -10.80 14.96 5.49
N PHE B 340 -11.38 14.62 6.65
CA PHE B 340 -11.14 13.28 7.18
C PHE B 340 -12.19 12.28 6.67
N LEU B 341 -13.14 12.74 5.87
CA LEU B 341 -14.08 11.80 5.27
C LEU B 341 -13.24 10.91 4.37
N ILE B 342 -12.16 11.46 3.82
CA ILE B 342 -11.26 10.69 3.00
C ILE B 342 -10.69 9.52 3.78
N ILE B 343 -10.15 9.80 4.97
CA ILE B 343 -9.54 8.74 5.78
C ILE B 343 -10.62 7.80 6.31
N VAL B 344 -11.85 8.30 6.49
CA VAL B 344 -12.94 7.43 6.91
C VAL B 344 -13.19 6.42 5.80
N SER B 345 -13.32 6.91 4.58
CA SER B 345 -13.57 6.02 3.45
C SER B 345 -12.38 5.11 3.20
N ASP B 346 -11.17 5.57 3.50
CA ASP B 346 -9.99 4.70 3.43
C ASP B 346 -10.07 3.58 4.45
N THR B 347 -10.56 3.87 5.65
CA THR B 347 -10.63 2.85 6.70
C THR B 347 -11.79 1.85 6.48
N LEU B 348 -12.80 2.24 5.70
CA LEU B 348 -13.86 1.29 5.40
C LEU B 348 -13.33 0.15 4.55
N PRO B 349 -13.68 -1.14 4.92
CA PRO B 349 -13.29 -2.21 4.01
C PRO B 349 -14.22 -2.11 2.83
N ALA B 350 -13.81 -1.40 1.79
CA ALA B 350 -14.67 -1.14 0.64
C ALA B 350 -14.96 -2.43 -0.12
N THR B 351 -16.24 -2.63 -0.43
CA THR B 351 -16.71 -3.78 -1.17
C THR B 351 -17.44 -3.30 -2.42
N ALA B 352 -17.26 -3.96 -3.54
CA ALA B 352 -17.95 -3.53 -4.71
C ALA B 352 -19.42 -3.56 -4.41
N ILE B 353 -19.94 -4.70 -3.97
CA ILE B 353 -21.35 -4.72 -3.55
C ILE B 353 -21.38 -4.13 -2.14
N GLY B 354 -21.37 -2.80 -2.07
CA GLY B 354 -21.33 -2.15 -0.77
C GLY B 354 -22.34 -1.06 -0.50
N THR B 355 -23.27 -1.31 0.43
CA THR B 355 -24.25 -0.28 0.81
C THR B 355 -24.56 -0.32 2.31
N PRO B 356 -23.60 0.10 3.16
CA PRO B 356 -23.83 0.06 4.60
C PRO B 356 -24.90 1.05 5.03
N LEU B 357 -25.68 0.69 6.06
CA LEU B 357 -26.73 1.59 6.56
C LEU B 357 -26.14 2.91 7.01
N ILE B 358 -25.01 2.86 7.70
CA ILE B 358 -24.36 4.09 8.16
C ILE B 358 -23.80 4.83 6.96
N GLY B 359 -23.22 4.11 6.00
CA GLY B 359 -22.60 4.75 4.86
C GLY B 359 -23.56 5.43 3.91
N VAL B 360 -24.87 5.24 4.09
CA VAL B 360 -25.85 5.96 3.28
C VAL B 360 -26.49 7.06 4.11
N TYR B 361 -26.63 6.83 5.42
CA TYR B 361 -27.14 7.88 6.29
C TYR B 361 -26.15 9.03 6.42
N PHE B 362 -24.86 8.71 6.52
CA PHE B 362 -23.83 9.73 6.61
C PHE B 362 -23.75 10.57 5.34
N VAL B 363 -24.19 10.02 4.23
CA VAL B 363 -24.17 10.75 2.96
C VAL B 363 -25.38 11.68 2.86
N VAL B 364 -26.57 11.13 3.09
CA VAL B 364 -27.79 11.96 3.06
C VAL B 364 -27.75 12.99 4.18
N CYS B 365 -27.05 12.71 5.27
CA CYS B 365 -26.91 13.69 6.34
C CYS B 365 -26.20 14.90 5.78
N MET B 366 -25.10 14.67 5.07
CA MET B 366 -24.36 15.79 4.49
C MET B 366 -25.14 16.46 3.37
N ALA B 367 -25.82 15.67 2.53
CA ALA B 367 -26.63 16.25 1.46
C ALA B 367 -27.65 17.23 2.03
N LEU B 368 -28.39 16.81 3.05
CA LEU B 368 -29.38 17.67 3.68
C LEU B 368 -28.72 18.94 4.23
N LEU B 369 -27.56 18.79 4.87
CA LEU B 369 -26.87 19.97 5.38
C LEU B 369 -26.42 20.88 4.23
N VAL B 370 -25.95 20.27 3.14
CA VAL B 370 -25.49 21.08 2.02
C VAL B 370 -26.66 21.87 1.40
N ILE B 371 -27.82 21.23 1.22
CA ILE B 371 -28.95 21.94 0.63
C ILE B 371 -29.50 22.99 1.59
N SER B 372 -29.45 22.72 2.90
CA SER B 372 -29.84 23.73 3.87
C SER B 372 -28.96 24.97 3.75
N LEU B 373 -27.64 24.77 3.66
CA LEU B 373 -26.75 25.90 3.52
C LEU B 373 -26.95 26.61 2.18
N ALA B 374 -27.26 25.87 1.13
CA ALA B 374 -27.55 26.51 -0.15
C ALA B 374 -28.78 27.41 -0.05
N GLU B 375 -29.82 26.93 0.62
CA GLU B 375 -31.01 27.76 0.81
C GLU B 375 -30.70 29.00 1.64
N THR B 376 -29.92 28.86 2.71
CA THR B 376 -29.58 30.02 3.54
C THR B 376 -28.75 31.04 2.76
N ILE B 377 -27.78 30.57 1.98
CA ILE B 377 -26.96 31.50 1.20
C ILE B 377 -27.81 32.21 0.15
N PHE B 378 -28.72 31.48 -0.49
CA PHE B 378 -29.61 32.13 -1.46
C PHE B 378 -30.48 33.17 -0.79
N ILE B 379 -31.00 32.88 0.40
CA ILE B 379 -31.85 33.83 1.11
C ILE B 379 -31.07 35.07 1.49
N VAL B 380 -29.85 34.91 2.01
CA VAL B 380 -29.09 36.08 2.43
C VAL B 380 -28.62 36.88 1.22
N ARG B 381 -28.35 36.22 0.10
CA ARG B 381 -28.02 36.96 -1.12
C ARG B 381 -29.22 37.76 -1.62
N LEU B 382 -30.42 37.17 -1.52
CA LEU B 382 -31.62 37.89 -1.95
C LEU B 382 -31.91 39.09 -1.05
N VAL B 383 -31.73 38.94 0.26
CA VAL B 383 -32.08 40.01 1.19
C VAL B 383 -30.95 41.00 1.44
N HIS B 384 -29.73 40.70 1.01
CA HIS B 384 -28.61 41.59 1.26
C HIS B 384 -28.61 42.79 0.32
N LYS B 385 -29.01 42.59 -0.94
CA LYS B 385 -29.00 43.65 -1.93
C LYS B 385 -30.23 44.54 -1.76
N GLN B 386 -30.45 45.44 -2.72
CA GLN B 386 -31.59 46.34 -2.72
C GLN B 386 -32.84 45.71 -3.33
N ASP B 387 -32.86 44.38 -3.48
CA ASP B 387 -34.03 43.72 -4.03
C ASP B 387 -35.22 43.82 -3.10
N LEU B 388 -34.99 43.88 -1.79
CA LEU B 388 -36.04 43.97 -0.77
C LEU B 388 -37.02 42.80 -0.89
N GLN B 389 -36.47 41.58 -0.89
CA GLN B 389 -37.21 40.32 -0.98
C GLN B 389 -38.25 40.31 -2.12
N ARG B 390 -37.96 41.06 -3.20
CA ARG B 390 -38.79 41.15 -4.39
C ARG B 390 -40.23 41.51 -4.05
N PRO B 391 -40.51 42.79 -3.73
CA PRO B 391 -41.86 43.17 -3.30
C PRO B 391 -42.93 43.05 -4.38
N VAL B 392 -42.59 42.56 -5.57
CA VAL B 392 -43.57 42.29 -6.62
C VAL B 392 -44.49 41.18 -6.16
N PRO B 393 -45.74 41.10 -6.65
CA PRO B 393 -46.67 40.06 -6.15
C PRO B 393 -46.25 38.63 -6.46
N ASP B 394 -45.09 38.40 -7.10
CA ASP B 394 -44.61 37.04 -7.31
C ASP B 394 -44.29 36.35 -5.99
N TRP B 395 -43.72 37.10 -5.03
CA TRP B 395 -43.36 36.49 -3.76
C TRP B 395 -44.61 36.15 -2.93
N LEU B 396 -45.72 36.86 -3.15
CA LEU B 396 -46.98 36.44 -2.55
C LEU B 396 -47.39 35.06 -3.04
N ARG B 397 -47.29 34.84 -4.35
CA ARG B 397 -47.59 33.52 -4.91
C ARG B 397 -46.63 32.46 -4.41
N HIS B 398 -45.35 32.82 -4.28
CA HIS B 398 -44.37 31.87 -3.75
C HIS B 398 -44.70 31.48 -2.32
N LEU B 399 -45.07 32.46 -1.48
CA LEU B 399 -45.44 32.17 -0.10
C LEU B 399 -46.71 31.33 -0.04
N VAL B 400 -47.69 31.60 -0.90
CA VAL B 400 -48.92 30.83 -0.90
C VAL B 400 -48.64 29.38 -1.30
N LEU B 401 -47.84 29.18 -2.34
CA LEU B 401 -47.49 27.82 -2.77
C LEU B 401 -46.70 27.09 -1.70
N ASP B 402 -45.79 27.80 -1.01
CA ASP B 402 -45.03 27.17 0.06
C ASP B 402 -45.94 26.79 1.24
N ARG B 403 -46.88 27.66 1.59
CA ARG B 403 -47.83 27.35 2.66
C ARG B 403 -48.67 26.15 2.31
N ILE B 404 -49.07 26.04 1.03
CA ILE B 404 -49.75 24.82 0.57
C ILE B 404 -48.80 23.62 0.69
N ALA B 405 -47.51 23.84 0.43
CA ALA B 405 -46.54 22.74 0.45
C ALA B 405 -46.39 22.15 1.85
N TRP B 406 -46.23 22.98 2.87
CA TRP B 406 -46.15 22.42 4.22
C TRP B 406 -47.51 22.34 4.90
N ILE B 407 -48.60 22.65 4.21
CA ILE B 407 -49.99 22.63 4.71
C ILE B 407 -50.14 23.11 6.15
N LEU B 472 -29.82 89.45 1.13
CA LEU B 472 -29.58 88.37 0.18
C LEU B 472 -28.75 87.26 0.81
N ALA B 473 -27.92 87.62 1.79
CA ALA B 473 -27.08 86.65 2.46
C ALA B 473 -27.92 85.69 3.30
N VAL B 474 -28.89 86.23 4.06
CA VAL B 474 -29.72 85.40 4.93
C VAL B 474 -30.52 84.38 4.13
N ARG B 475 -30.85 84.72 2.88
CA ARG B 475 -31.49 83.75 1.99
C ARG B 475 -30.62 82.52 1.81
N GLY B 476 -29.34 82.74 1.51
CA GLY B 476 -28.40 81.63 1.44
C GLY B 476 -28.22 80.92 2.77
N LEU B 477 -28.28 81.66 3.87
CA LEU B 477 -28.15 81.04 5.18
C LEU B 477 -29.25 79.99 5.36
N LEU B 478 -30.50 80.43 5.35
CA LEU B 478 -31.60 79.49 5.57
C LEU B 478 -31.65 78.40 4.50
N GLN B 479 -31.22 78.72 3.28
CA GLN B 479 -31.17 77.71 2.23
C GLN B 479 -30.22 76.61 2.65
N GLU B 480 -28.99 76.97 2.99
CA GLU B 480 -28.02 75.99 3.43
C GLU B 480 -28.51 75.23 4.66
N LEU B 481 -29.25 75.91 5.55
CA LEU B 481 -29.80 75.22 6.71
C LEU B 481 -30.81 74.15 6.30
N SER B 482 -31.69 74.47 5.35
CA SER B 482 -32.72 73.54 4.92
C SER B 482 -32.20 72.47 3.97
N SER B 483 -31.04 72.69 3.32
CA SER B 483 -30.53 71.71 2.38
C SER B 483 -30.06 70.44 3.07
N ILE B 484 -29.41 70.57 4.23
CA ILE B 484 -28.79 69.41 4.86
C ILE B 484 -29.80 68.55 5.63
N ARG B 485 -30.95 69.11 6.00
CA ARG B 485 -31.95 68.32 6.73
C ARG B 485 -32.51 67.20 5.88
N HIS B 486 -32.72 67.45 4.59
CA HIS B 486 -33.20 66.40 3.70
C HIS B 486 -32.19 65.26 3.60
N PHE B 487 -30.90 65.61 3.50
CA PHE B 487 -29.87 64.57 3.43
C PHE B 487 -29.80 63.77 4.73
N LEU B 488 -29.93 64.45 5.88
CA LEU B 488 -29.93 63.74 7.15
C LEU B 488 -31.13 62.80 7.25
N GLU B 489 -32.31 63.25 6.80
CA GLU B 489 -33.49 62.38 6.82
C GLU B 489 -33.31 61.19 5.89
N LYS B 490 -32.72 61.42 4.71
CA LYS B 490 -32.46 60.32 3.79
C LYS B 490 -31.48 59.31 4.38
N ARG B 491 -30.46 59.81 5.09
CA ARG B 491 -29.51 58.92 5.76
C ARG B 491 -30.20 58.10 6.85
N ASP B 492 -31.06 58.74 7.64
CA ASP B 492 -31.70 58.07 8.76
C ASP B 492 -32.81 57.13 8.35
N GLU B 493 -33.44 57.33 7.18
CA GLU B 493 -34.57 56.52 6.79
C GLU B 493 -34.17 55.11 6.34
N MET B 494 -32.90 54.91 5.99
CA MET B 494 -32.48 53.63 5.40
C MET B 494 -32.42 52.50 6.41
N ARG B 495 -32.26 52.81 7.70
CA ARG B 495 -32.03 51.77 8.70
C ARG B 495 -33.24 50.83 8.84
N GLU B 496 -34.43 51.41 8.97
CA GLU B 496 -35.63 50.58 9.12
C GLU B 496 -35.91 49.77 7.87
N VAL B 497 -35.70 50.38 6.69
CA VAL B 497 -35.92 49.66 5.43
C VAL B 497 -34.95 48.48 5.32
N ALA B 498 -33.70 48.68 5.72
CA ALA B 498 -32.74 47.58 5.68
C ALA B 498 -33.09 46.50 6.69
N ARG B 499 -33.55 46.89 7.88
CA ARG B 499 -33.80 45.93 8.95
C ARG B 499 -35.16 45.25 8.85
N ASP B 500 -36.04 45.70 7.96
CA ASP B 500 -37.38 45.11 7.88
C ASP B 500 -37.45 43.84 7.04
N TRP B 501 -36.33 43.37 6.46
CA TRP B 501 -36.38 42.22 5.58
C TRP B 501 -35.50 41.06 6.05
N LEU B 502 -35.58 40.71 7.33
CA LEU B 502 -34.77 39.62 7.88
C LEU B 502 -35.61 38.52 8.52
N ARG B 503 -36.88 38.38 8.12
CA ARG B 503 -37.79 37.43 8.74
C ARG B 503 -37.87 36.09 8.01
N VAL B 504 -37.72 36.08 6.69
CA VAL B 504 -37.91 34.86 5.91
C VAL B 504 -36.86 33.81 6.27
N GLY B 505 -35.61 34.21 6.41
CA GLY B 505 -34.58 33.27 6.84
C GLY B 505 -34.80 32.80 8.26
N TYR B 506 -35.17 33.72 9.15
CA TYR B 506 -35.45 33.38 10.54
C TYR B 506 -36.68 32.49 10.68
N VAL B 507 -37.50 32.37 9.65
CA VAL B 507 -38.62 31.43 9.66
C VAL B 507 -38.23 30.10 9.04
N LEU B 508 -37.54 30.11 7.89
CA LEU B 508 -37.24 28.87 7.20
C LEU B 508 -36.13 28.08 7.87
N ASP B 509 -35.25 28.73 8.63
CA ASP B 509 -34.21 27.98 9.33
C ASP B 509 -34.81 27.05 10.37
N ARG B 510 -35.93 27.45 10.99
CA ARG B 510 -36.59 26.58 11.96
C ARG B 510 -37.16 25.33 11.29
N LEU B 511 -37.74 25.47 10.10
CA LEU B 511 -38.23 24.30 9.37
C LEU B 511 -37.08 23.40 8.95
N LEU B 512 -35.96 23.98 8.51
CA LEU B 512 -34.79 23.18 8.17
C LEU B 512 -34.26 22.44 9.39
N PHE B 513 -34.24 23.10 10.54
CA PHE B 513 -33.84 22.43 11.78
C PHE B 513 -34.80 21.32 12.16
N ARG B 514 -36.11 21.51 11.91
CA ARG B 514 -37.07 20.45 12.17
C ARG B 514 -36.80 19.23 11.31
N ILE B 515 -36.51 19.46 10.02
CA ILE B 515 -36.14 18.35 9.14
C ILE B 515 -34.88 17.65 9.65
N TYR B 516 -33.91 18.44 10.10
CA TYR B 516 -32.66 17.87 10.62
C TYR B 516 -32.89 17.03 11.86
N LEU B 517 -33.75 17.50 12.77
CA LEU B 517 -34.08 16.74 13.97
C LEU B 517 -34.81 15.45 13.63
N LEU B 518 -35.73 15.51 12.65
CA LEU B 518 -36.39 14.29 12.20
C LEU B 518 -35.37 13.30 11.65
N ALA B 519 -34.40 13.80 10.87
CA ALA B 519 -33.38 12.92 10.31
C ALA B 519 -32.53 12.26 11.40
N VAL B 520 -32.10 13.05 12.39
CA VAL B 520 -31.23 12.46 13.42
C VAL B 520 -32.02 11.51 14.31
N LEU B 521 -33.30 11.80 14.56
CA LEU B 521 -34.13 10.86 15.31
C LEU B 521 -34.30 9.55 14.55
N ALA B 522 -34.51 9.62 13.23
CA ALA B 522 -34.60 8.40 12.43
C ALA B 522 -33.29 7.62 12.46
N TYR B 523 -32.16 8.34 12.39
CA TYR B 523 -30.85 7.69 12.44
C TYR B 523 -30.66 6.96 13.76
N SER B 524 -31.03 7.61 14.86
CA SER B 524 -30.89 6.98 16.17
C SER B 524 -31.80 5.76 16.29
N ILE B 525 -33.02 5.86 15.77
CA ILE B 525 -33.95 4.73 15.82
C ILE B 525 -33.39 3.54 15.03
N THR B 526 -32.83 3.82 13.85
CA THR B 526 -32.23 2.76 13.04
C THR B 526 -31.06 2.11 13.76
N LEU B 527 -30.20 2.93 14.39
CA LEU B 527 -29.08 2.38 15.14
C LEU B 527 -29.56 1.52 16.30
N VAL B 528 -30.60 1.97 17.00
CA VAL B 528 -31.12 1.24 18.15
C VAL B 528 -31.68 -0.12 17.72
N THR B 529 -32.46 -0.13 16.63
CA THR B 529 -33.03 -1.40 16.20
C THR B 529 -31.97 -2.32 15.61
N LEU B 530 -30.91 -1.77 15.06
CA LEU B 530 -29.88 -2.67 14.59
C LEU B 530 -29.20 -3.31 15.81
N TRP B 531 -28.83 -2.49 16.78
CA TRP B 531 -28.21 -3.09 17.95
C TRP B 531 -29.12 -4.13 18.59
N SER B 532 -30.44 -3.88 18.56
CA SER B 532 -31.38 -4.86 19.10
C SER B 532 -31.33 -6.16 18.31
N ILE B 533 -31.25 -6.06 16.98
CA ILE B 533 -31.12 -7.25 16.15
C ILE B 533 -29.80 -7.96 16.46
N TRP B 534 -28.73 -7.20 16.64
CA TRP B 534 -27.42 -7.77 16.98
C TRP B 534 -27.48 -8.54 18.30
N HIS B 535 -28.14 -7.97 19.30
CA HIS B 535 -28.24 -8.63 20.60
C HIS B 535 -29.15 -9.85 20.53
N TYR B 536 -30.23 -9.78 19.76
CA TYR B 536 -31.17 -10.88 19.68
C TYR B 536 -30.73 -11.98 18.73
N SER B 537 -29.67 -11.75 17.95
CA SER B 537 -29.20 -12.78 17.03
C SER B 537 -28.59 -13.97 17.75
N GLU B 538 -28.12 -13.79 18.97
CA GLU B 538 -27.42 -14.83 19.70
C GLU B 538 -28.32 -15.64 20.62
N ASN B 539 -29.62 -15.35 20.68
CA ASN B 539 -30.51 -16.11 21.54
C ASN B 539 -30.76 -17.53 21.00
N LEU B 540 -30.56 -17.74 19.71
CA LEU B 540 -30.77 -19.05 19.12
C LEU B 540 -29.61 -19.99 19.43
N THR C 82 39.43 -57.24 4.91
CA THR C 82 38.52 -56.10 5.07
C THR C 82 39.28 -54.78 5.06
N THR C 83 39.95 -54.50 3.94
CA THR C 83 40.73 -53.27 3.79
C THR C 83 39.80 -52.17 3.30
N GLN C 84 39.04 -51.61 4.24
CA GLN C 84 38.08 -50.56 3.96
C GLN C 84 38.23 -49.44 4.98
N PRO C 85 37.86 -48.22 4.63
CA PRO C 85 37.89 -47.12 5.61
C PRO C 85 36.88 -47.37 6.72
N ALA C 86 37.17 -46.80 7.89
CA ALA C 86 36.34 -47.04 9.07
C ALA C 86 34.95 -46.47 8.91
N LEU C 87 34.84 -45.24 8.40
CA LEU C 87 33.54 -44.58 8.29
C LEU C 87 32.63 -45.30 7.31
N LEU C 88 33.17 -45.70 6.17
CA LEU C 88 32.36 -46.40 5.17
C LEU C 88 31.86 -47.73 5.70
N ARG C 89 32.70 -48.46 6.45
CA ARG C 89 32.34 -49.75 7.04
C ARG C 89 31.36 -49.63 8.15
N LEU C 90 31.42 -48.57 8.91
CA LEU C 90 30.42 -48.32 9.93
C LEU C 90 29.08 -47.91 9.34
N SER C 91 29.09 -47.07 8.30
CA SER C 91 27.85 -46.69 7.64
C SER C 91 27.21 -47.90 6.96
N ASP C 92 28.01 -48.76 6.36
CA ASP C 92 27.46 -49.97 5.74
C ASP C 92 26.86 -50.90 6.79
N HIS C 93 27.52 -51.02 7.94
CA HIS C 93 27.04 -51.93 8.97
C HIS C 93 25.76 -51.42 9.63
N LEU C 94 25.70 -50.12 9.91
CA LEU C 94 24.54 -49.59 10.64
C LEU C 94 23.27 -49.44 9.82
N LEU C 95 23.37 -48.85 8.63
CA LEU C 95 22.17 -48.60 7.83
C LEU C 95 21.82 -49.73 6.87
N ALA C 96 22.43 -50.89 7.04
CA ALA C 96 22.16 -52.04 6.16
C ALA C 96 20.72 -52.49 6.25
N ASN C 97 20.19 -52.61 7.46
CA ASN C 97 18.82 -53.13 7.63
C ASN C 97 17.93 -52.28 8.54
N TYR C 98 18.38 -51.06 8.85
CA TYR C 98 17.57 -50.19 9.68
C TYR C 98 16.42 -49.65 8.86
N LYS C 99 15.26 -50.26 9.03
CA LYS C 99 14.08 -49.80 8.30
C LYS C 99 13.55 -48.56 8.96
N LYS C 100 13.22 -47.54 8.19
CA LYS C 100 12.63 -46.36 8.78
C LYS C 100 11.12 -46.53 8.90
N GLY C 101 10.55 -45.94 9.94
CA GLY C 101 9.13 -46.08 10.18
C GLY C 101 8.81 -46.68 11.53
N VAL C 102 9.66 -47.60 11.95
CA VAL C 102 9.48 -48.22 13.24
C VAL C 102 9.96 -47.28 14.31
N ARG C 103 9.17 -47.09 15.35
CA ARG C 103 9.66 -46.26 16.41
C ARG C 103 10.82 -47.02 16.90
N PRO C 104 11.90 -46.34 17.15
CA PRO C 104 13.06 -47.09 17.53
C PRO C 104 12.99 -47.46 18.96
N VAL C 105 12.59 -48.68 19.26
CA VAL C 105 12.60 -49.12 20.62
C VAL C 105 12.53 -50.60 20.57
N ARG C 106 12.92 -51.26 21.63
CA ARG C 106 12.94 -52.70 21.57
C ARG C 106 11.74 -53.31 22.24
N ASP C 107 11.18 -52.66 23.25
CA ASP C 107 9.95 -53.17 23.85
C ASP C 107 8.94 -52.11 23.70
N TRP C 108 7.84 -52.43 23.08
CA TRP C 108 6.90 -51.40 22.82
C TRP C 108 6.41 -50.74 24.09
N ARG C 109 6.77 -51.28 25.24
CA ARG C 109 6.18 -50.69 26.45
C ARG C 109 6.82 -49.35 26.80
N LYS C 110 8.12 -49.26 26.71
CA LYS C 110 8.76 -48.03 27.13
C LYS C 110 8.62 -46.99 26.08
N PRO C 111 8.27 -45.78 26.48
CA PRO C 111 8.22 -44.69 25.50
C PRO C 111 9.59 -44.09 25.25
N THR C 112 9.71 -43.45 24.08
CA THR C 112 10.93 -42.73 23.75
C THR C 112 10.78 -41.26 24.15
N THR C 113 11.89 -40.67 24.59
CA THR C 113 11.90 -39.31 25.11
C THR C 113 12.77 -38.42 24.22
N VAL C 114 12.20 -37.30 23.79
CA VAL C 114 12.94 -36.29 23.03
C VAL C 114 13.15 -35.09 23.93
N SER C 115 14.37 -34.58 23.97
CA SER C 115 14.70 -33.41 24.77
C SER C 115 15.11 -32.27 23.85
N ILE C 116 14.55 -31.08 24.09
CA ILE C 116 14.66 -29.96 23.20
C ILE C 116 15.33 -28.79 23.89
N ASP C 117 15.80 -27.84 23.08
CA ASP C 117 16.41 -26.61 23.56
C ASP C 117 16.25 -25.54 22.48
N VAL C 118 15.90 -24.33 22.89
CA VAL C 118 15.62 -23.24 21.95
C VAL C 118 16.37 -22.00 22.39
N ILE C 119 17.07 -21.35 21.46
CA ILE C 119 17.80 -20.12 21.77
C ILE C 119 17.38 -19.03 20.79
N MET C 120 17.06 -17.85 21.30
CA MET C 120 16.55 -16.78 20.42
C MET C 120 17.63 -15.98 19.71
N TYR C 121 17.37 -15.61 18.46
CA TYR C 121 18.29 -14.83 17.70
C TYR C 121 17.75 -13.46 17.48
N ALA C 122 16.59 -13.27 16.87
CA ALA C 122 16.13 -11.91 16.60
C ALA C 122 14.61 -11.93 16.47
N ILE C 123 14.03 -10.74 16.53
CA ILE C 123 12.61 -10.55 16.29
C ILE C 123 12.47 -9.69 15.05
N LEU C 124 11.80 -10.23 14.03
CA LEU C 124 11.78 -9.56 12.73
C LEU C 124 10.59 -8.60 12.59
N ASN C 125 9.40 -9.05 12.98
CA ASN C 125 8.21 -8.25 12.77
C ASN C 125 7.17 -8.58 13.84
N VAL C 126 6.54 -7.55 14.36
CA VAL C 126 5.41 -7.69 15.27
C VAL C 126 4.27 -6.87 14.68
N ASP C 127 3.43 -7.50 13.88
CA ASP C 127 2.34 -6.82 13.21
C ASP C 127 1.10 -6.89 14.10
N GLU C 128 0.59 -5.73 14.50
CA GLU C 128 -0.56 -5.65 15.39
C GLU C 128 -1.89 -5.61 14.65
N LYS C 129 -1.86 -5.54 13.32
CA LYS C 129 -3.11 -5.49 12.56
C LYS C 129 -3.87 -6.81 12.64
N ASN C 130 -3.16 -7.93 12.58
CA ASN C 130 -3.81 -9.24 12.59
C ASN C 130 -3.10 -10.26 13.47
N GLN C 131 -2.39 -9.80 14.51
CA GLN C 131 -1.81 -10.66 15.53
C GLN C 131 -0.83 -11.68 14.93
N VAL C 132 0.24 -11.15 14.35
CA VAL C 132 1.27 -11.97 13.70
C VAL C 132 2.61 -11.63 14.33
N LEU C 133 3.33 -12.64 14.79
CA LEU C 133 4.66 -12.49 15.38
C LEU C 133 5.66 -13.30 14.58
N THR C 134 6.72 -12.66 14.14
CA THR C 134 7.78 -13.32 13.37
C THR C 134 9.00 -13.49 14.25
N THR C 135 9.48 -14.72 14.38
CA THR C 135 10.60 -15.01 15.25
C THR C 135 11.57 -15.96 14.55
N TYR C 136 12.82 -15.92 15.00
CA TYR C 136 13.88 -16.76 14.48
C TYR C 136 14.57 -17.44 15.65
N ILE C 137 14.71 -18.74 15.66
CA ILE C 137 15.32 -19.35 16.78
C ILE C 137 16.28 -20.38 16.34
N TRP C 138 17.12 -20.86 17.23
CA TRP C 138 17.98 -21.96 16.89
C TRP C 138 17.35 -23.11 17.64
N TYR C 139 17.74 -24.36 17.43
CA TYR C 139 17.04 -25.49 18.06
C TYR C 139 17.96 -26.65 18.29
N ARG C 140 17.53 -27.69 18.96
CA ARG C 140 18.39 -28.80 19.26
C ARG C 140 17.53 -29.86 19.88
N GLN C 141 17.59 -31.08 19.35
CA GLN C 141 16.74 -32.14 19.84
C GLN C 141 17.51 -33.46 19.89
N TYR C 142 17.55 -34.08 21.06
CA TYR C 142 18.20 -35.38 21.16
C TYR C 142 17.23 -36.49 21.54
N TRP C 143 17.37 -37.64 20.89
CA TRP C 143 16.52 -38.78 21.24
C TRP C 143 17.32 -40.06 21.27
N THR C 144 17.12 -40.85 22.31
CA THR C 144 17.82 -42.12 22.42
C THR C 144 17.35 -43.07 21.34
N ASP C 145 18.29 -43.84 20.82
CA ASP C 145 18.05 -44.75 19.71
C ASP C 145 18.49 -46.15 20.12
N GLU C 146 17.90 -47.18 19.57
CA GLU C 146 18.32 -48.49 20.02
C GLU C 146 18.60 -49.46 18.93
N PHE C 147 18.78 -49.00 17.72
CA PHE C 147 19.17 -49.91 16.66
C PHE C 147 20.48 -49.40 16.05
N LEU C 148 21.12 -48.40 16.65
CA LEU C 148 22.40 -47.88 16.18
C LEU C 148 23.43 -47.93 17.30
N GLN C 149 23.54 -49.08 17.94
CA GLN C 149 24.56 -49.31 18.95
C GLN C 149 25.72 -50.06 18.32
N TRP C 150 26.94 -49.61 18.58
CA TRP C 150 28.13 -50.29 18.08
C TRP C 150 29.25 -50.13 19.09
N THR C 151 30.20 -51.06 19.03
CA THR C 151 31.36 -51.04 19.91
C THR C 151 32.51 -50.29 19.27
N PRO C 152 33.04 -49.24 19.91
CA PRO C 152 34.14 -48.48 19.29
C PRO C 152 35.42 -49.29 19.16
N GLU C 153 35.56 -50.40 19.88
CA GLU C 153 36.79 -51.19 19.80
C GLU C 153 37.00 -51.77 18.40
N ASP C 154 35.92 -52.14 17.72
CA ASP C 154 36.03 -52.80 16.42
C ASP C 154 36.32 -51.80 15.31
N PHE C 155 35.49 -50.77 15.18
CA PHE C 155 35.54 -49.86 14.04
C PHE C 155 36.44 -48.66 14.27
N ASP C 156 37.67 -48.94 14.70
CA ASP C 156 38.78 -47.98 14.76
C ASP C 156 38.41 -46.76 15.62
N ASN C 157 37.93 -47.04 16.83
CA ASN C 157 37.82 -46.07 17.92
C ASN C 157 36.99 -44.85 17.52
N VAL C 158 35.93 -45.10 16.75
CA VAL C 158 35.02 -44.04 16.34
C VAL C 158 33.96 -43.85 17.40
N THR C 159 33.59 -42.59 17.66
CA THR C 159 32.64 -42.27 18.72
C THR C 159 31.55 -41.31 18.26
N LYS C 160 31.63 -40.78 17.04
CA LYS C 160 30.59 -39.86 16.57
C LYS C 160 30.56 -39.94 15.05
N LEU C 161 29.36 -40.07 14.49
CA LEU C 161 29.17 -40.24 13.06
C LEU C 161 28.08 -39.30 12.56
N SER C 162 28.22 -38.89 11.30
CA SER C 162 27.22 -38.05 10.64
C SER C 162 26.49 -38.88 9.60
N ILE C 163 25.17 -38.92 9.70
CA ILE C 163 24.34 -39.75 8.82
C ILE C 163 23.24 -38.91 8.20
N PRO C 164 22.77 -39.24 7.00
CA PRO C 164 21.68 -38.48 6.39
C PRO C 164 20.41 -38.55 7.21
N THR C 165 19.64 -37.46 7.19
CA THR C 165 18.42 -37.36 7.98
C THR C 165 17.25 -38.14 7.39
N ASP C 166 17.36 -38.60 6.15
CA ASP C 166 16.29 -39.34 5.51
C ASP C 166 16.43 -40.85 5.65
N SER C 167 17.46 -41.32 6.34
CA SER C 167 17.71 -42.74 6.51
C SER C 167 17.35 -43.26 7.90
N ILE C 168 16.86 -42.41 8.79
CA ILE C 168 16.53 -42.79 10.15
C ILE C 168 15.16 -42.22 10.52
N TRP C 169 14.76 -42.47 11.76
CA TRP C 169 13.45 -42.07 12.28
C TRP C 169 13.57 -40.70 12.94
N VAL C 170 12.70 -39.78 12.54
CA VAL C 170 12.70 -38.42 13.06
C VAL C 170 11.32 -38.15 13.64
N PRO C 171 11.22 -37.74 14.91
CA PRO C 171 9.90 -37.45 15.48
C PRO C 171 9.26 -36.22 14.86
N ASP C 172 7.94 -36.19 14.90
CA ASP C 172 7.15 -35.10 14.30
C ASP C 172 6.83 -34.01 15.32
N ILE C 173 7.90 -33.47 15.92
CA ILE C 173 7.77 -32.38 16.89
C ILE C 173 7.47 -31.11 16.10
N LEU C 174 6.20 -30.69 16.11
CA LEU C 174 5.75 -29.52 15.37
C LEU C 174 5.14 -28.53 16.35
N ILE C 175 5.51 -27.26 16.21
CA ILE C 175 5.01 -26.21 17.09
C ILE C 175 3.56 -25.88 16.73
N ASN C 176 2.76 -25.60 17.75
CA ASN C 176 1.39 -25.15 17.53
C ASN C 176 1.38 -23.64 17.33
N GLU C 177 0.17 -23.08 17.17
CA GLU C 177 -0.03 -21.66 16.90
C GLU C 177 0.84 -21.18 15.73
N PHE C 178 0.88 -21.96 14.66
CA PHE C 178 1.71 -21.63 13.51
C PHE C 178 0.86 -21.13 12.36
N VAL C 179 1.37 -20.13 11.66
CA VAL C 179 0.77 -19.63 10.43
C VAL C 179 1.87 -19.58 9.38
N ASP C 180 1.58 -20.14 8.19
CA ASP C 180 2.52 -20.27 7.07
C ASP C 180 3.91 -20.70 7.53
N VAL C 181 3.96 -21.79 8.30
CA VAL C 181 5.25 -22.31 8.75
C VAL C 181 5.99 -22.91 7.55
N GLY C 182 7.29 -22.67 7.59
CA GLY C 182 8.13 -23.04 6.45
C GLY C 182 9.23 -21.99 6.36
N LYS C 183 9.63 -21.57 5.17
CA LYS C 183 10.66 -20.54 4.99
C LYS C 183 11.97 -20.82 5.69
N SER C 184 12.29 -22.08 5.92
CA SER C 184 13.50 -22.43 6.64
C SER C 184 14.07 -23.68 6.06
N PRO C 185 15.37 -23.69 5.79
CA PRO C 185 15.94 -24.87 5.12
C PRO C 185 15.86 -26.10 6.02
N ASN C 186 16.21 -27.23 5.43
CA ASN C 186 16.34 -28.49 6.15
C ASN C 186 17.80 -28.93 6.19
N ILE C 187 18.25 -29.40 7.34
CA ILE C 187 19.61 -29.88 7.52
C ILE C 187 19.66 -31.34 7.08
N PRO C 188 20.49 -31.69 6.09
CA PRO C 188 20.48 -33.06 5.56
C PRO C 188 21.31 -34.05 6.35
N TYR C 189 21.91 -33.66 7.48
CA TYR C 189 22.75 -34.54 8.26
C TYR C 189 22.36 -34.45 9.73
N VAL C 190 22.63 -35.54 10.46
CA VAL C 190 22.43 -35.61 11.91
C VAL C 190 23.57 -36.40 12.52
N TYR C 191 23.87 -36.12 13.78
CA TYR C 191 24.86 -36.86 14.54
C TYR C 191 24.28 -38.12 15.17
N VAL C 192 25.15 -39.10 15.36
CA VAL C 192 24.85 -40.29 16.16
C VAL C 192 26.09 -40.66 16.95
N HIS C 193 25.89 -41.00 18.21
CA HIS C 193 26.93 -41.52 19.09
C HIS C 193 26.73 -43.01 19.27
N HIS C 194 27.57 -43.63 20.09
CA HIS C 194 27.36 -45.04 20.39
C HIS C 194 26.20 -45.13 21.37
N ARG C 195 25.56 -46.29 21.49
CA ARG C 195 24.40 -46.49 22.38
C ARG C 195 23.09 -45.86 21.89
N GLY C 196 23.15 -44.95 20.92
CA GLY C 196 21.93 -44.37 20.36
C GLY C 196 21.65 -42.90 20.58
N GLU C 197 22.62 -42.17 21.10
CA GLU C 197 22.47 -40.74 21.32
C GLU C 197 22.39 -40.04 19.96
N VAL C 198 21.19 -39.63 19.55
CA VAL C 198 20.98 -39.00 18.25
C VAL C 198 20.64 -37.53 18.47
N GLN C 199 21.38 -36.66 17.79
CA GLN C 199 21.26 -35.22 17.94
C GLN C 199 20.86 -34.58 16.61
N ASN C 200 20.30 -33.38 16.70
CA ASN C 200 19.90 -32.65 15.50
C ASN C 200 19.85 -31.16 15.81
N TYR C 201 20.39 -30.35 14.91
CA TYR C 201 20.40 -28.90 15.00
C TYR C 201 19.67 -28.34 13.79
N LYS C 202 18.80 -27.36 14.00
CA LYS C 202 18.08 -26.78 12.88
C LYS C 202 17.59 -25.39 13.24
N PRO C 203 17.52 -24.48 12.28
CA PRO C 203 16.88 -23.18 12.52
C PRO C 203 15.41 -23.21 12.17
N LEU C 204 14.63 -22.46 12.94
CA LEU C 204 13.20 -22.32 12.68
C LEU C 204 12.84 -20.85 12.58
N GLN C 205 12.20 -20.47 11.48
CA GLN C 205 11.66 -19.13 11.31
C GLN C 205 10.14 -19.25 11.37
N LEU C 206 9.55 -18.78 12.47
CA LEU C 206 8.17 -19.05 12.80
C LEU C 206 7.33 -17.79 12.69
N VAL C 207 6.17 -17.91 12.07
CA VAL C 207 5.15 -16.88 12.04
C VAL C 207 3.99 -17.40 12.89
N THR C 208 3.87 -16.87 14.10
CA THR C 208 2.91 -17.37 15.08
C THR C 208 1.80 -16.35 15.33
N ALA C 209 0.74 -16.82 15.98
CA ALA C 209 -0.39 -15.98 16.36
C ALA C 209 -0.32 -15.70 17.85
N CYS C 210 -0.18 -14.44 18.22
CA CYS C 210 -0.05 -14.02 19.61
C CYS C 210 -1.07 -12.94 19.91
N SER C 211 -1.67 -12.97 21.09
CA SER C 211 -2.63 -11.95 21.44
C SER C 211 -1.93 -10.74 21.95
N LEU C 212 -1.73 -9.76 21.07
CA LEU C 212 -1.02 -8.55 21.43
C LEU C 212 -1.97 -7.50 21.98
N ASP C 213 -1.61 -6.89 23.11
CA ASP C 213 -2.45 -5.87 23.70
C ASP C 213 -1.97 -4.48 23.29
N ILE C 214 -2.78 -3.77 22.51
CA ILE C 214 -2.41 -2.42 22.08
C ILE C 214 -2.51 -1.43 23.25
N TYR C 215 -3.22 -1.79 24.31
CA TYR C 215 -3.30 -0.93 25.49
C TYR C 215 -1.89 -0.70 25.99
N ASN C 216 -1.62 0.48 26.53
CA ASN C 216 -0.26 0.81 26.95
C ASN C 216 0.63 0.74 25.71
N PHE C 217 0.28 1.51 24.70
CA PHE C 217 1.05 1.48 23.45
C PHE C 217 2.52 1.95 23.60
N PRO C 218 2.76 3.13 24.19
CA PRO C 218 4.18 3.55 24.21
C PRO C 218 5.08 2.59 24.97
N PHE C 219 4.58 1.98 26.04
CA PHE C 219 5.41 1.11 26.87
C PHE C 219 4.85 -0.29 27.11
N ASP C 220 4.53 -1.03 26.03
CA ASP C 220 3.88 -2.33 26.22
C ASP C 220 4.79 -3.47 26.69
N VAL C 221 4.23 -4.44 27.42
CA VAL C 221 4.99 -5.61 27.83
C VAL C 221 4.22 -6.79 27.29
N GLN C 222 4.72 -7.42 26.24
CA GLN C 222 3.99 -8.51 25.62
C GLN C 222 4.45 -9.87 26.15
N ASN C 223 3.49 -10.78 26.20
CA ASN C 223 3.66 -12.12 26.78
C ASN C 223 3.16 -13.12 25.75
N CYS C 224 4.07 -13.63 24.92
CA CYS C 224 3.70 -14.55 23.84
C CYS C 224 4.01 -15.98 24.23
N SER C 225 3.37 -16.92 23.55
CA SER C 225 3.45 -18.33 23.88
C SER C 225 3.89 -19.16 22.67
N LEU C 226 4.76 -20.14 22.91
CA LEU C 226 5.18 -21.10 21.91
C LEU C 226 4.92 -22.50 22.46
N THR C 227 4.19 -23.31 21.72
CA THR C 227 3.74 -24.61 22.21
C THR C 227 4.34 -25.73 21.35
N PHE C 228 5.24 -26.50 21.94
CA PHE C 228 5.83 -27.66 21.27
C PHE C 228 5.15 -28.93 21.74
N THR C 229 4.70 -29.74 20.79
CA THR C 229 4.07 -31.02 21.09
C THR C 229 4.16 -31.91 19.86
N SER C 230 3.96 -33.21 20.08
CA SER C 230 3.88 -34.16 18.99
C SER C 230 2.46 -34.14 18.43
N TRP C 231 2.34 -33.98 17.11
CA TRP C 231 1.01 -33.85 16.52
C TRP C 231 0.24 -35.16 16.57
N LEU C 232 0.94 -36.29 16.57
CA LEU C 232 0.30 -37.59 16.53
C LEU C 232 0.45 -38.40 17.80
N HIS C 233 1.66 -38.51 18.33
CA HIS C 233 1.93 -39.47 19.39
C HIS C 233 1.41 -38.95 20.73
N THR C 234 1.16 -39.89 21.64
CA THR C 234 0.58 -39.65 22.94
C THR C 234 1.66 -39.57 24.01
N ILE C 235 1.23 -39.47 25.27
CA ILE C 235 2.18 -39.34 26.37
C ILE C 235 2.96 -40.64 26.57
N GLN C 236 2.34 -41.78 26.27
CA GLN C 236 3.00 -43.07 26.43
C GLN C 236 3.80 -43.47 25.20
N ASP C 237 3.94 -42.57 24.22
CA ASP C 237 4.76 -42.78 23.04
C ASP C 237 5.91 -41.80 22.94
N ILE C 238 5.65 -40.50 23.14
CA ILE C 238 6.68 -39.48 23.09
C ILE C 238 6.51 -38.56 24.29
N ASN C 239 7.58 -38.41 25.08
CA ASN C 239 7.63 -37.47 26.19
C ASN C 239 8.71 -36.43 25.91
N ILE C 240 8.42 -35.17 26.22
CA ILE C 240 9.31 -34.06 25.91
C ILE C 240 9.85 -33.48 27.21
N THR C 241 11.14 -33.57 27.43
CA THR C 241 11.76 -33.04 28.62
C THR C 241 12.68 -31.92 28.17
N LEU C 242 13.66 -31.54 28.97
CA LEU C 242 14.51 -30.41 28.61
C LEU C 242 15.99 -30.74 28.70
N TRP C 243 16.82 -30.18 27.83
CA TRP C 243 18.24 -30.49 27.80
C TRP C 243 18.89 -29.91 28.98
N ARG C 244 18.80 -28.59 29.10
CA ARG C 244 19.38 -27.90 30.24
C ARG C 244 18.27 -27.52 31.25
N SER C 245 18.61 -27.05 32.44
CA SER C 245 17.57 -26.75 33.45
C SER C 245 16.78 -25.48 33.17
N PRO C 246 15.65 -25.29 33.89
CA PRO C 246 14.90 -24.12 33.48
C PRO C 246 15.64 -22.83 33.75
N GLU C 247 16.42 -22.76 34.80
CA GLU C 247 17.05 -21.50 35.11
C GLU C 247 17.95 -21.09 33.99
N GLU C 248 18.84 -21.96 33.56
CA GLU C 248 19.82 -21.57 32.58
C GLU C 248 19.16 -21.27 31.27
N VAL C 249 17.94 -21.72 31.08
CA VAL C 249 17.17 -21.45 29.87
C VAL C 249 16.49 -20.09 29.98
N ARG C 250 16.08 -19.72 31.20
CA ARG C 250 15.37 -18.45 31.39
C ARG C 250 16.21 -17.25 31.01
N SER C 251 17.49 -17.25 31.40
CA SER C 251 18.38 -16.13 31.12
C SER C 251 19.36 -16.57 30.04
N ASP C 252 19.06 -16.22 28.79
CA ASP C 252 19.91 -16.59 27.65
C ASP C 252 19.83 -15.50 26.58
N LYS C 253 20.78 -14.57 26.65
CA LYS C 253 20.85 -13.46 25.71
C LYS C 253 22.25 -13.33 25.13
N SER C 254 22.97 -14.43 25.05
CA SER C 254 24.35 -14.41 24.56
C SER C 254 24.44 -14.35 23.04
N ILE C 255 23.34 -14.52 22.33
CA ILE C 255 23.35 -14.57 20.88
C ILE C 255 22.44 -13.46 20.34
N PHE C 256 21.45 -13.07 21.14
CA PHE C 256 20.47 -12.08 20.71
C PHE C 256 21.12 -10.74 20.42
N ILE C 257 20.67 -10.11 19.34
CA ILE C 257 21.20 -8.81 18.92
C ILE C 257 20.26 -7.71 19.43
N ASN C 258 20.80 -6.77 20.19
CA ASN C 258 20.03 -5.69 20.79
C ASN C 258 20.03 -4.44 19.91
N GLN C 259 19.64 -4.58 18.65
CA GLN C 259 19.57 -3.45 17.73
C GLN C 259 18.17 -3.10 17.29
N GLY C 260 17.18 -3.97 17.51
CA GLY C 260 15.83 -3.73 17.07
C GLY C 260 15.05 -2.88 18.07
N GLU C 261 13.73 -2.83 17.83
CA GLU C 261 12.82 -2.07 18.68
C GLU C 261 12.21 -2.92 19.80
N TRP C 262 12.61 -4.18 19.92
CA TRP C 262 12.13 -5.06 20.95
C TRP C 262 13.32 -5.65 21.70
N GLU C 263 13.14 -5.93 22.99
CA GLU C 263 14.23 -6.36 23.86
C GLU C 263 13.75 -7.53 24.71
N LEU C 264 14.56 -8.58 24.79
CA LEU C 264 14.15 -9.79 25.49
C LEU C 264 14.21 -9.60 27.00
N LEU C 265 13.24 -10.19 27.70
CA LEU C 265 13.20 -10.15 29.15
C LEU C 265 13.28 -11.54 29.77
N GLU C 266 12.48 -12.48 29.30
CA GLU C 266 12.39 -13.79 29.94
C GLU C 266 11.89 -14.82 28.93
N VAL C 267 12.50 -16.00 28.98
CA VAL C 267 12.06 -17.17 28.20
C VAL C 267 11.82 -18.28 29.21
N PHE C 268 10.59 -18.41 29.68
CA PHE C 268 10.26 -19.35 30.76
C PHE C 268 9.68 -20.62 30.20
N PRO C 269 10.29 -21.78 30.46
CA PRO C 269 9.71 -23.05 30.00
C PRO C 269 8.81 -23.69 31.04
N GLN C 270 7.79 -24.40 30.54
CA GLN C 270 6.89 -25.15 31.40
C GLN C 270 6.45 -26.40 30.65
N PHE C 271 6.11 -27.44 31.41
CA PHE C 271 5.69 -28.71 30.84
C PHE C 271 4.38 -29.15 31.49
N LYS C 272 3.45 -29.63 30.67
CA LYS C 272 2.20 -30.18 31.20
C LYS C 272 1.61 -31.15 30.18
N GLU C 273 0.36 -31.53 30.42
CA GLU C 273 -0.33 -32.54 29.62
C GLU C 273 -1.57 -31.91 29.01
N PHE C 274 -1.80 -32.17 27.73
CA PHE C 274 -2.96 -31.61 27.03
C PHE C 274 -3.95 -32.69 26.66
N SER C 275 -5.06 -32.77 27.37
CA SER C 275 -6.11 -33.75 27.05
C SER C 275 -7.45 -33.05 26.90
N ILE C 276 -8.20 -33.35 25.85
CA ILE C 276 -9.45 -32.64 25.61
C ILE C 276 -10.65 -33.55 25.79
N ASP C 277 -10.55 -34.75 25.24
CA ASP C 277 -11.62 -35.73 25.39
C ASP C 277 -11.33 -36.60 26.60
N ILE C 278 -12.03 -37.73 26.70
CA ILE C 278 -11.82 -38.59 27.85
C ILE C 278 -10.97 -39.78 27.44
N SER C 279 -10.17 -39.62 26.40
CA SER C 279 -9.39 -40.76 25.89
C SER C 279 -7.90 -40.53 25.69
N ASN C 280 -7.50 -39.48 24.99
CA ASN C 280 -6.06 -39.34 24.67
C ASN C 280 -5.26 -38.42 25.61
N SER C 281 -4.01 -38.79 25.92
CA SER C 281 -3.19 -37.91 26.74
C SER C 281 -1.98 -37.45 25.97
N TYR C 282 -1.73 -36.15 25.94
CA TYR C 282 -0.63 -35.64 25.14
C TYR C 282 0.36 -34.80 25.92
N ALA C 283 1.64 -34.87 25.57
CA ALA C 283 2.66 -34.04 26.21
C ALA C 283 2.55 -32.61 25.67
N GLU C 284 3.11 -31.64 26.39
CA GLU C 284 3.07 -30.26 25.92
C GLU C 284 4.14 -29.47 26.62
N MET C 285 4.90 -28.68 25.86
CA MET C 285 5.90 -27.79 26.43
C MET C 285 5.63 -26.37 25.95
N LYS C 286 5.40 -25.46 26.90
CA LYS C 286 5.06 -24.08 26.59
C LYS C 286 6.23 -23.18 26.99
N PHE C 287 6.72 -22.42 26.04
CA PHE C 287 7.72 -21.39 26.27
C PHE C 287 7.02 -20.04 26.28
N TYR C 288 7.07 -19.35 27.41
CA TYR C 288 6.54 -18.00 27.55
C TYR C 288 7.67 -17.02 27.26
N VAL C 289 7.45 -16.14 26.30
CA VAL C 289 8.45 -15.18 25.87
C VAL C 289 7.95 -13.79 26.22
N ILE C 290 8.79 -13.02 26.93
CA ILE C 290 8.42 -11.69 27.41
C ILE C 290 9.20 -10.66 26.61
N ILE C 291 8.53 -9.69 26.02
CA ILE C 291 9.23 -8.73 25.22
C ILE C 291 8.83 -7.35 25.66
N ARG C 292 9.71 -6.37 25.57
CA ARG C 292 9.36 -4.99 25.88
C ARG C 292 9.62 -4.16 24.67
N ARG C 293 9.08 -2.96 24.61
CA ARG C 293 9.35 -2.08 23.50
C ARG C 293 10.24 -0.97 23.92
N ARG C 294 11.15 -0.57 23.06
CA ARG C 294 12.08 0.48 23.38
C ARG C 294 11.41 1.70 22.87
N PRO C 295 10.90 2.58 23.77
CA PRO C 295 10.13 3.70 23.20
C PRO C 295 10.81 5.06 23.12
N LEU C 296 12.11 5.17 23.31
CA LEU C 296 12.74 6.49 23.32
C LEU C 296 12.52 7.24 22.02
N PHE C 297 12.79 6.58 20.90
CA PHE C 297 12.63 7.22 19.59
C PHE C 297 11.18 7.50 19.23
N TYR C 298 10.28 6.60 19.62
CA TYR C 298 8.87 6.82 19.34
C TYR C 298 8.35 8.00 20.14
N ALA C 299 8.79 8.13 21.38
CA ALA C 299 8.35 9.24 22.22
C ALA C 299 8.69 10.60 21.61
N VAL C 300 9.95 10.79 21.23
CA VAL C 300 10.36 12.10 20.71
C VAL C 300 9.66 12.48 19.40
N SER C 301 9.03 11.52 18.74
CA SER C 301 8.35 11.80 17.47
C SER C 301 6.84 11.90 17.58
N LEU C 302 6.29 11.64 18.77
CA LEU C 302 4.84 11.67 18.95
C LEU C 302 4.42 12.51 20.14
N LEU C 303 5.16 12.40 21.24
CA LEU C 303 4.82 13.13 22.45
C LEU C 303 5.30 14.57 22.41
N LEU C 304 6.57 14.74 22.12
CA LEU C 304 7.10 16.09 21.99
C LEU C 304 6.25 17.01 21.11
N PRO C 305 5.76 16.60 19.92
CA PRO C 305 4.82 17.48 19.20
C PRO C 305 3.53 17.73 19.96
N SER C 306 3.05 16.75 20.73
CA SER C 306 1.83 16.95 21.50
C SER C 306 2.04 17.95 22.64
N ILE C 307 3.18 17.85 23.34
CA ILE C 307 3.50 18.82 24.38
C ILE C 307 3.77 20.20 23.79
N PHE C 308 4.40 20.26 22.62
CA PHE C 308 4.65 21.55 21.99
C PHE C 308 3.36 22.20 21.50
N LEU C 309 2.42 21.40 20.97
CA LEU C 309 1.13 21.92 20.55
C LEU C 309 0.19 22.17 21.71
N MET C 310 0.67 22.06 22.94
CA MET C 310 -0.20 22.41 24.07
C MET C 310 0.06 23.86 24.47
N VAL C 311 0.55 24.67 23.53
CA VAL C 311 0.75 26.10 23.73
C VAL C 311 -0.34 26.89 23.02
N VAL C 312 -1.24 26.19 22.32
CA VAL C 312 -2.30 26.88 21.60
C VAL C 312 -3.23 27.61 22.58
N ASP C 313 -3.52 26.98 23.72
CA ASP C 313 -4.30 27.67 24.75
C ASP C 313 -3.52 28.82 25.34
N ILE C 314 -2.19 28.70 25.41
CA ILE C 314 -1.37 29.81 25.90
C ILE C 314 -1.45 31.00 24.95
N VAL C 315 -1.49 30.73 23.65
CA VAL C 315 -1.56 31.82 22.67
C VAL C 315 -2.91 32.50 22.69
N GLY C 316 -3.98 31.79 22.39
CA GLY C 316 -5.29 32.42 22.34
C GLY C 316 -5.87 32.65 23.73
N PHE C 317 -5.56 33.79 24.34
CA PHE C 317 -6.09 34.08 25.67
C PHE C 317 -6.49 35.53 25.90
N CYS C 318 -7.62 35.73 26.59
CA CYS C 318 -8.12 37.08 26.90
C CYS C 318 -8.45 37.98 25.70
N LEU C 319 -9.46 37.62 24.90
CA LEU C 319 -9.88 38.52 23.81
C LEU C 319 -11.37 38.36 23.43
N PRO C 320 -12.29 38.51 24.41
CA PRO C 320 -13.72 38.45 24.01
C PRO C 320 -14.17 39.56 23.04
N PRO C 321 -13.78 40.84 23.26
CA PRO C 321 -14.22 41.82 22.24
C PRO C 321 -13.59 41.54 20.89
N ASP C 322 -12.31 41.19 20.87
CA ASP C 322 -11.62 40.90 19.62
C ASP C 322 -11.77 39.42 19.25
N SER C 323 -12.96 38.86 19.45
CA SER C 323 -13.18 37.47 19.08
C SER C 323 -13.18 37.24 17.58
N GLY C 324 -13.17 38.30 16.76
CA GLY C 324 -12.91 38.10 15.34
C GLY C 324 -11.53 37.53 15.10
N GLU C 325 -10.52 38.12 15.75
CA GLU C 325 -9.17 37.56 15.67
C GLU C 325 -9.10 36.20 16.34
N ARG C 326 -9.83 36.02 17.44
CA ARG C 326 -9.82 34.73 18.14
C ARG C 326 -10.38 33.62 17.25
N VAL C 327 -11.57 33.91 16.71
CA VAL C 327 -12.21 32.92 15.87
C VAL C 327 -11.24 32.71 14.73
N SER C 328 -10.61 33.76 14.20
CA SER C 328 -9.64 33.55 13.17
C SER C 328 -8.67 32.50 13.62
N PHE C 329 -8.04 32.75 14.76
CA PHE C 329 -7.03 31.84 15.26
C PHE C 329 -7.47 30.40 15.33
N LYS C 330 -8.59 30.13 15.96
CA LYS C 330 -8.95 28.74 16.13
C LYS C 330 -9.43 28.09 14.85
N ILE C 331 -10.09 28.83 13.99
CA ILE C 331 -10.65 28.22 12.78
C ILE C 331 -9.54 27.64 11.95
N THR C 332 -8.33 28.16 12.11
CA THR C 332 -7.17 27.62 11.42
C THR C 332 -6.41 26.61 12.26
N LEU C 333 -6.31 26.83 13.58
CA LEU C 333 -5.71 25.82 14.44
C LEU C 333 -6.52 24.53 14.51
N LEU C 334 -7.85 24.60 14.52
CA LEU C 334 -8.69 23.41 14.50
C LEU C 334 -8.49 22.55 13.25
N LEU C 335 -7.77 23.06 12.25
CA LEU C 335 -7.37 22.28 11.09
C LEU C 335 -5.88 22.04 11.00
N GLY C 336 -5.05 22.89 11.61
CA GLY C 336 -3.60 22.76 11.45
C GLY C 336 -3.05 21.44 11.96
N TYR C 337 -3.50 21.00 13.13
CA TYR C 337 -3.22 19.65 13.60
C TYR C 337 -4.26 18.61 13.19
N SER C 338 -5.46 19.03 12.80
CA SER C 338 -6.44 18.06 12.32
C SER C 338 -6.05 17.46 10.97
N VAL C 339 -5.27 18.19 10.17
CA VAL C 339 -4.86 17.67 8.87
C VAL C 339 -3.81 16.57 9.01
N PHE C 340 -2.90 16.70 9.98
CA PHE C 340 -1.91 15.64 10.18
C PHE C 340 -2.43 14.60 11.17
N LEU C 341 -3.63 14.80 11.70
CA LEU C 341 -4.21 13.76 12.57
C LEU C 341 -4.42 12.57 11.66
N ILE C 342 -4.67 12.82 10.39
CA ILE C 342 -4.82 11.74 9.43
C ILE C 342 -3.56 10.90 9.36
N ILE C 343 -2.41 11.55 9.19
CA ILE C 343 -1.15 10.81 9.08
C ILE C 343 -0.79 10.20 10.44
N VAL C 344 -1.23 10.80 11.53
CA VAL C 344 -0.99 10.22 12.86
C VAL C 344 -1.74 8.90 12.91
N SER C 345 -3.02 8.92 12.56
CA SER C 345 -3.82 7.69 12.59
C SER C 345 -3.31 6.68 11.57
N ASP C 346 -2.75 7.15 10.45
CA ASP C 346 -2.12 6.24 9.51
C ASP C 346 -0.90 5.55 10.10
N THR C 347 -0.11 6.29 10.89
CA THR C 347 1.10 5.71 11.50
C THR C 347 0.80 4.78 12.67
N LEU C 348 -0.38 4.93 13.30
CA LEU C 348 -0.74 4.01 14.37
C LEU C 348 -0.93 2.60 13.82
N PRO C 349 -0.34 1.57 14.50
CA PRO C 349 -0.66 0.21 14.04
C PRO C 349 -2.06 -0.06 14.50
N ALA C 350 -3.04 0.21 13.66
CA ALA C 350 -4.45 0.09 14.04
C ALA C 350 -4.82 -1.36 14.31
N THR C 351 -5.50 -1.58 15.44
CA THR C 351 -5.96 -2.90 15.85
C THR C 351 -7.47 -2.84 16.04
N ALA C 352 -8.18 -3.87 15.63
CA ALA C 352 -9.60 -3.84 15.82
C ALA C 352 -9.87 -3.67 17.28
N ILE C 353 -9.31 -4.53 18.12
CA ILE C 353 -9.46 -4.31 19.57
C ILE C 353 -8.41 -3.26 19.95
N GLY C 354 -8.76 -2.00 19.71
CA GLY C 354 -7.80 -0.94 19.97
C GLY C 354 -8.28 0.25 20.79
N THR C 355 -7.72 0.41 21.99
CA THR C 355 -8.07 1.56 22.83
C THR C 355 -6.85 2.08 23.61
N PRO C 356 -5.90 2.72 22.91
CA PRO C 356 -4.70 3.22 23.59
C PRO C 356 -5.02 4.36 24.55
N LEU C 357 -4.30 4.44 25.66
CA LEU C 357 -4.51 5.52 26.62
C LEU C 357 -4.31 6.88 25.98
N ILE C 358 -3.27 7.01 25.16
CA ILE C 358 -3.03 8.26 24.47
C ILE C 358 -4.10 8.51 23.43
N GLY C 359 -4.50 7.45 22.72
CA GLY C 359 -5.48 7.58 21.66
C GLY C 359 -6.87 7.95 22.13
N VAL C 360 -7.13 7.92 23.43
CA VAL C 360 -8.43 8.36 23.94
C VAL C 360 -8.27 9.72 24.60
N TYR C 361 -7.10 9.98 25.20
CA TYR C 361 -6.85 11.31 25.75
C TYR C 361 -6.74 12.36 24.65
N PHE C 362 -6.08 12.01 23.55
CA PHE C 362 -5.95 12.94 22.43
C PHE C 362 -7.29 13.27 21.79
N VAL C 363 -8.27 12.38 21.96
CA VAL C 363 -9.59 12.61 21.39
C VAL C 363 -10.41 13.50 22.31
N VAL C 364 -10.47 13.16 23.60
CA VAL C 364 -11.19 13.99 24.55
C VAL C 364 -10.53 15.36 24.70
N CYS C 365 -9.22 15.44 24.45
CA CYS C 365 -8.55 16.73 24.47
C CYS C 365 -9.15 17.62 23.41
N MET C 366 -9.30 17.07 22.21
CA MET C 366 -9.88 17.86 21.13
C MET C 366 -11.36 18.14 21.37
N ALA C 367 -12.10 17.15 21.87
CA ALA C 367 -13.52 17.35 22.18
C ALA C 367 -13.70 18.53 23.12
N LEU C 368 -12.94 18.54 24.21
CA LEU C 368 -13.01 19.65 25.17
C LEU C 368 -12.68 20.97 24.50
N LEU C 369 -11.66 21.00 23.66
CA LEU C 369 -11.32 22.24 22.96
C LEU C 369 -12.44 22.63 22.01
N VAL C 370 -13.05 21.66 21.33
CA VAL C 370 -14.13 21.98 20.39
C VAL C 370 -15.33 22.57 21.14
N ILE C 371 -15.72 21.98 22.27
CA ILE C 371 -16.87 22.50 23.00
C ILE C 371 -16.54 23.85 23.63
N SER C 372 -15.30 24.07 24.04
CA SER C 372 -14.90 25.39 24.54
C SER C 372 -15.07 26.44 23.45
N LEU C 373 -14.61 26.13 22.24
CA LEU C 373 -14.76 27.09 21.15
C LEU C 373 -16.23 27.29 20.77
N ALA C 374 -17.03 26.23 20.86
CA ALA C 374 -18.47 26.39 20.60
C ALA C 374 -19.10 27.35 21.60
N GLU C 375 -18.74 27.21 22.88
CA GLU C 375 -19.26 28.12 23.90
C GLU C 375 -18.82 29.56 23.63
N THR C 376 -17.55 29.76 23.28
CA THR C 376 -17.07 31.11 23.02
C THR C 376 -17.76 31.73 21.81
N ILE C 377 -17.94 30.96 20.74
CA ILE C 377 -18.62 31.47 19.55
C ILE C 377 -20.07 31.82 19.87
N PHE C 378 -20.75 30.98 20.65
CA PHE C 378 -22.11 31.29 21.04
C PHE C 378 -22.17 32.56 21.87
N ILE C 379 -21.22 32.74 22.80
CA ILE C 379 -21.21 33.93 23.64
C ILE C 379 -20.98 35.18 22.80
N VAL C 380 -20.02 35.14 21.87
CA VAL C 380 -19.74 36.33 21.08
C VAL C 380 -20.88 36.62 20.11
N ARG C 381 -21.56 35.58 19.62
CA ARG C 381 -22.74 35.81 18.79
C ARG C 381 -23.86 36.45 19.59
N LEU C 382 -24.04 36.02 20.84
CA LEU C 382 -25.07 36.61 21.69
C LEU C 382 -24.76 38.07 22.02
N VAL C 383 -23.50 38.39 22.30
CA VAL C 383 -23.15 39.74 22.73
C VAL C 383 -22.83 40.67 21.57
N HIS C 384 -22.67 40.16 20.35
CA HIS C 384 -22.31 41.01 19.22
C HIS C 384 -23.51 41.80 18.71
N LYS C 385 -24.70 41.19 18.72
CA LYS C 385 -25.89 41.82 18.19
C LYS C 385 -26.47 42.78 19.22
N GLN C 386 -27.67 43.29 18.95
CA GLN C 386 -28.37 44.20 19.84
C GLN C 386 -29.16 43.48 20.91
N ASP C 387 -28.88 42.19 21.14
CA ASP C 387 -29.59 41.45 22.17
C ASP C 387 -29.24 41.95 23.56
N LEU C 388 -28.02 42.46 23.75
CA LEU C 388 -27.54 42.98 25.04
C LEU C 388 -27.65 41.91 26.13
N GLN C 389 -27.07 40.74 25.84
CA GLN C 389 -27.02 39.57 26.74
C GLN C 389 -28.39 39.23 27.34
N ARG C 390 -29.47 39.53 26.59
CA ARG C 390 -30.85 39.23 26.96
C ARG C 390 -31.19 39.79 28.33
N PRO C 391 -31.40 41.10 28.46
CA PRO C 391 -31.64 41.71 29.79
C PRO C 391 -32.94 41.27 30.45
N VAL C 392 -33.71 40.37 29.85
CA VAL C 392 -34.90 39.81 30.47
C VAL C 392 -34.48 38.99 31.68
N PRO C 393 -35.34 38.82 32.70
CA PRO C 393 -34.92 38.09 33.91
C PRO C 393 -34.60 36.62 33.69
N ASP C 394 -34.66 36.11 32.46
CA ASP C 394 -34.26 34.73 32.20
C ASP C 394 -32.77 34.55 32.45
N TRP C 395 -31.95 35.54 32.09
CA TRP C 395 -30.51 35.41 32.28
C TRP C 395 -30.13 35.47 33.76
N LEU C 396 -30.95 36.12 34.58
CA LEU C 396 -30.76 36.03 36.04
C LEU C 396 -30.90 34.59 36.51
N ARG C 397 -31.95 33.90 36.03
CA ARG C 397 -32.15 32.50 36.39
C ARG C 397 -31.01 31.64 35.86
N HIS C 398 -30.54 31.92 34.64
CA HIS C 398 -29.43 31.18 34.07
C HIS C 398 -28.17 31.35 34.92
N LEU C 399 -27.88 32.58 35.34
CA LEU C 399 -26.71 32.82 36.19
C LEU C 399 -26.85 32.14 37.54
N VAL C 400 -28.05 32.16 38.12
CA VAL C 400 -28.27 31.51 39.41
C VAL C 400 -28.06 30.00 39.29
N LEU C 401 -28.62 29.39 38.25
CA LEU C 401 -28.45 27.96 38.04
C LEU C 401 -26.99 27.61 37.79
N ASP C 402 -26.28 28.45 37.03
CA ASP C 402 -24.86 28.20 36.79
C ASP C 402 -24.05 28.32 38.07
N ARG C 403 -24.35 29.32 38.90
CA ARG C 403 -23.66 29.47 40.18
C ARG C 403 -23.91 28.27 41.08
N ILE C 404 -25.13 27.74 41.05
CA ILE C 404 -25.40 26.49 41.76
C ILE C 404 -24.58 25.36 41.15
N ALA C 405 -24.40 25.38 39.82
CA ALA C 405 -23.70 24.30 39.13
C ALA C 405 -22.23 24.24 39.55
N TRP C 406 -21.53 25.38 39.57
CA TRP C 406 -20.15 25.33 40.04
C TRP C 406 -20.01 25.58 41.53
N ILE C 407 -21.12 25.69 42.26
CA ILE C 407 -21.18 25.94 43.73
C ILE C 407 -20.12 26.91 44.22
N LEU C 472 -37.79 85.63 11.40
CA LEU C 472 -38.19 84.27 11.07
C LEU C 472 -36.99 83.41 10.72
N ALA C 473 -35.94 84.06 10.19
CA ALA C 473 -34.74 83.33 9.80
C ALA C 473 -34.00 82.79 11.03
N VAL C 474 -33.87 83.63 12.07
CA VAL C 474 -33.14 83.21 13.27
C VAL C 474 -33.82 82.03 13.95
N ARG C 475 -35.15 81.92 13.80
CA ARG C 475 -35.86 80.75 14.29
C ARG C 475 -35.32 79.47 13.65
N GLY C 476 -35.18 79.49 12.32
CA GLY C 476 -34.56 78.37 11.63
C GLY C 476 -33.10 78.18 12.03
N LEU C 477 -32.39 79.27 12.30
CA LEU C 477 -31.00 79.14 12.72
C LEU C 477 -30.91 78.30 13.98
N LEU C 478 -31.51 78.79 15.06
CA LEU C 478 -31.43 78.06 16.34
C LEU C 478 -32.05 76.67 16.23
N GLN C 479 -33.07 76.50 15.39
CA GLN C 479 -33.66 75.18 15.19
C GLN C 479 -32.59 74.25 14.65
N GLU C 480 -31.96 74.62 13.55
CA GLU C 480 -30.91 73.81 12.97
C GLU C 480 -29.77 73.57 13.97
N LEU C 481 -29.47 74.57 14.80
CA LEU C 481 -28.45 74.38 15.82
C LEU C 481 -28.84 73.30 16.82
N SER C 482 -30.10 73.31 17.27
CA SER C 482 -30.55 72.35 18.27
C SER C 482 -30.87 70.98 17.67
N SER C 483 -31.07 70.89 16.36
CA SER C 483 -31.42 69.60 15.76
C SER C 483 -30.24 68.64 15.78
N ILE C 484 -29.03 69.13 15.53
CA ILE C 484 -27.88 68.23 15.38
C ILE C 484 -27.32 67.77 16.71
N ARG C 485 -27.58 68.50 17.81
CA ARG C 485 -27.06 68.10 19.11
C ARG C 485 -27.66 66.78 19.57
N HIS C 486 -28.95 66.56 19.31
CA HIS C 486 -29.57 65.29 19.66
C HIS C 486 -28.95 64.14 18.89
N PHE C 487 -28.68 64.34 17.60
CA PHE C 487 -28.03 63.29 16.82
C PHE C 487 -26.61 63.00 17.31
N LEU C 488 -25.87 64.05 17.67
CA LEU C 488 -24.53 63.84 18.23
C LEU C 488 -24.59 63.07 19.55
N GLU C 489 -25.55 63.41 20.40
CA GLU C 489 -25.70 62.69 21.66
C GLU C 489 -26.08 61.24 21.42
N LYS C 490 -26.97 60.98 20.46
CA LYS C 490 -27.33 59.61 20.13
C LYS C 490 -26.14 58.82 19.59
N ARG C 491 -25.30 59.48 18.78
CA ARG C 491 -24.10 58.83 18.28
C ARG C 491 -23.13 58.50 19.41
N ASP C 492 -22.96 59.44 20.36
CA ASP C 492 -21.99 59.25 21.43
C ASP C 492 -22.47 58.29 22.51
N GLU C 493 -23.78 58.11 22.68
CA GLU C 493 -24.29 57.27 23.76
C GLU C 493 -24.09 55.79 23.50
N MET C 494 -23.87 55.38 22.25
CA MET C 494 -23.85 53.96 21.90
C MET C 494 -22.58 53.27 22.39
N ARG C 495 -21.49 54.01 22.60
CA ARG C 495 -20.20 53.39 22.90
C ARG C 495 -20.23 52.64 24.23
N GLU C 496 -20.73 53.29 25.28
CA GLU C 496 -20.77 52.64 26.60
C GLU C 496 -21.73 51.47 26.60
N VAL C 497 -22.88 51.60 25.92
CA VAL C 497 -23.83 50.50 25.85
C VAL C 497 -23.22 49.29 25.14
N ALA C 498 -22.46 49.54 24.07
CA ALA C 498 -21.81 48.45 23.36
C ALA C 498 -20.70 47.82 24.22
N ARG C 499 -19.95 48.64 24.96
CA ARG C 499 -18.81 48.14 25.71
C ARG C 499 -19.18 47.55 27.07
N ASP C 500 -20.43 47.71 27.52
CA ASP C 500 -20.81 47.21 28.84
C ASP C 500 -21.17 45.74 28.87
N TRP C 501 -21.12 45.03 27.74
CA TRP C 501 -21.56 43.63 27.72
C TRP C 501 -20.46 42.68 27.26
N LEU C 502 -19.26 42.81 27.82
CA LEU C 502 -18.13 41.94 27.44
C LEU C 502 -17.55 41.20 28.63
N ARG C 503 -18.32 41.01 29.70
CA ARG C 503 -17.81 40.39 30.92
C ARG C 503 -18.06 38.89 31.02
N VAL C 504 -19.16 38.41 30.46
CA VAL C 504 -19.52 37.00 30.62
C VAL C 504 -18.50 36.08 29.96
N GLY C 505 -18.05 36.43 28.75
CA GLY C 505 -17.01 35.64 28.12
C GLY C 505 -15.69 35.72 28.86
N TYR C 506 -15.33 36.93 29.32
CA TYR C 506 -14.11 37.13 30.08
C TYR C 506 -14.14 36.42 31.44
N VAL C 507 -15.32 35.99 31.88
CA VAL C 507 -15.43 35.19 33.11
C VAL C 507 -15.41 33.70 32.80
N LEU C 508 -16.17 33.27 31.79
CA LEU C 508 -16.29 31.83 31.52
C LEU C 508 -15.04 31.26 30.85
N ASP C 509 -14.26 32.09 30.16
CA ASP C 509 -13.04 31.57 29.55
C ASP C 509 -12.05 31.11 30.62
N ARG C 510 -12.04 31.77 31.78
CA ARG C 510 -11.17 31.35 32.86
C ARG C 510 -11.57 29.99 33.41
N LEU C 511 -12.87 29.73 33.55
CA LEU C 511 -13.32 28.42 33.98
C LEU C 511 -12.98 27.35 32.94
N LEU C 512 -13.15 27.67 31.66
CA LEU C 512 -12.77 26.73 30.60
C LEU C 512 -11.27 26.43 30.65
N PHE C 513 -10.46 27.46 30.87
CA PHE C 513 -9.02 27.25 31.02
C PHE C 513 -8.69 26.42 32.25
N ARG C 514 -9.45 26.59 33.34
CA ARG C 514 -9.24 25.76 34.53
C ARG C 514 -9.53 24.30 34.22
N ILE C 515 -10.60 24.03 33.49
CA ILE C 515 -10.90 22.66 33.08
C ILE C 515 -9.78 22.12 32.20
N TYR C 516 -9.26 22.95 31.30
CA TYR C 516 -8.19 22.52 30.40
C TYR C 516 -6.92 22.19 31.18
N LEU C 517 -6.59 23.02 32.18
CA LEU C 517 -5.41 22.75 33.01
C LEU C 517 -5.58 21.47 33.82
N LEU C 518 -6.78 21.24 34.34
CA LEU C 518 -7.04 19.98 35.04
C LEU C 518 -6.85 18.80 34.10
N ALA C 519 -7.33 18.92 32.87
CA ALA C 519 -7.18 17.83 31.90
C ALA C 519 -5.71 17.56 31.58
N VAL C 520 -4.93 18.62 31.34
CA VAL C 520 -3.52 18.39 30.98
C VAL C 520 -2.74 17.87 32.18
N LEU C 521 -3.07 18.31 33.40
CA LEU C 521 -2.43 17.75 34.58
C LEU C 521 -2.74 16.26 34.74
N ALA C 522 -4.00 15.88 34.50
CA ALA C 522 -4.35 14.46 34.55
C ALA C 522 -3.62 13.67 33.49
N TYR C 523 -3.49 14.23 32.29
CA TYR C 523 -2.76 13.56 31.21
C TYR C 523 -1.29 13.35 31.59
N SER C 524 -0.66 14.38 32.16
CA SER C 524 0.73 14.24 32.57
C SER C 524 0.88 13.21 33.69
N ILE C 525 -0.06 13.19 34.64
CA ILE C 525 0.00 12.20 35.71
C ILE C 525 -0.11 10.79 35.16
N THR C 526 -1.04 10.59 34.22
CA THR C 526 -1.19 9.28 33.60
C THR C 526 0.07 8.86 32.86
N LEU C 527 0.68 9.78 32.12
CA LEU C 527 1.91 9.46 31.41
C LEU C 527 3.03 9.12 32.39
N VAL C 528 3.12 9.85 33.50
CA VAL C 528 4.17 9.61 34.49
C VAL C 528 4.00 8.23 35.12
N THR C 529 2.78 7.89 35.50
CA THR C 529 2.58 6.58 36.13
C THR C 529 2.73 5.45 35.13
N LEU C 530 2.46 5.69 33.86
CA LEU C 530 2.71 4.62 32.92
C LEU C 530 4.23 4.42 32.80
N TRP C 531 4.96 5.51 32.61
CA TRP C 531 6.40 5.32 32.52
C TRP C 531 6.95 4.64 33.76
N SER C 532 6.37 4.95 34.93
CA SER C 532 6.81 4.29 36.16
C SER C 532 6.54 2.79 36.12
N ILE C 533 5.36 2.41 35.59
CA ILE C 533 5.06 0.99 35.42
C ILE C 533 6.03 0.34 34.43
N TRP C 534 6.34 1.06 33.35
CA TRP C 534 7.30 0.56 32.35
C TRP C 534 8.67 0.32 32.96
N HIS C 535 9.13 1.26 33.81
CA HIS C 535 10.44 1.10 34.43
C HIS C 535 10.44 0.01 35.49
N TYR C 536 9.34 -0.13 36.22
CA TYR C 536 9.26 -1.13 37.29
C TYR C 536 8.93 -2.53 36.77
N SER C 537 8.57 -2.66 35.49
CA SER C 537 8.24 -3.97 34.96
C SER C 537 9.47 -4.87 34.83
N GLU C 538 10.67 -4.28 34.76
CA GLU C 538 11.89 -5.05 34.54
C GLU C 538 12.62 -5.41 35.82
N ASN C 539 12.10 -5.03 36.99
CA ASN C 539 12.77 -5.39 38.24
C ASN C 539 12.65 -6.87 38.56
N LEU C 540 11.64 -7.55 38.01
CA LEU C 540 11.47 -8.97 38.25
C LEU C 540 12.46 -9.80 37.45
N THR D 82 36.55 -54.01 -24.43
CA THR D 82 36.02 -52.85 -23.74
C THR D 82 35.87 -51.66 -24.69
N THR D 83 35.04 -51.84 -25.73
CA THR D 83 34.81 -50.81 -26.72
C THR D 83 33.70 -49.90 -26.22
N GLN D 84 34.07 -49.00 -25.32
CA GLN D 84 33.14 -48.05 -24.72
C GLN D 84 33.76 -46.66 -24.73
N PRO D 85 32.92 -45.61 -24.73
CA PRO D 85 33.46 -44.25 -24.65
C PRO D 85 34.14 -44.02 -23.30
N ALA D 86 35.09 -43.09 -23.30
CA ALA D 86 35.90 -42.85 -22.11
C ALA D 86 35.07 -42.27 -20.96
N LEU D 87 34.20 -41.31 -21.26
CA LEU D 87 33.43 -40.65 -20.21
C LEU D 87 32.44 -41.62 -19.55
N LEU D 88 31.77 -42.44 -20.35
CA LEU D 88 30.82 -43.39 -19.79
C LEU D 88 31.51 -44.41 -18.91
N ARG D 89 32.71 -44.87 -19.31
CA ARG D 89 33.50 -45.84 -18.55
C ARG D 89 34.07 -45.27 -17.30
N LEU D 90 34.42 -44.01 -17.31
CA LEU D 90 34.89 -43.35 -16.09
C LEU D 90 33.74 -43.11 -15.11
N SER D 91 32.57 -42.69 -15.62
CA SER D 91 31.42 -42.50 -14.75
C SER D 91 30.97 -43.82 -14.15
N ASP D 92 31.00 -44.90 -14.92
CA ASP D 92 30.64 -46.21 -14.38
C ASP D 92 31.62 -46.66 -13.32
N HIS D 93 32.91 -46.41 -13.54
CA HIS D 93 33.93 -46.86 -12.59
C HIS D 93 33.87 -46.06 -11.29
N LEU D 94 33.69 -44.75 -11.38
CA LEU D 94 33.74 -43.92 -10.17
C LEU D 94 32.52 -44.00 -9.28
N LEU D 95 31.33 -43.87 -9.87
CA LEU D 95 30.10 -43.85 -9.06
C LEU D 95 29.48 -45.23 -8.84
N ALA D 96 30.22 -46.29 -9.13
CA ALA D 96 29.72 -47.65 -8.95
C ALA D 96 29.40 -47.96 -7.50
N ASN D 97 30.31 -47.59 -6.59
CA ASN D 97 30.12 -47.94 -5.17
C ASN D 97 30.32 -46.77 -4.22
N TYR D 98 30.38 -45.55 -4.74
CA TYR D 98 30.54 -44.38 -3.90
C TYR D 98 29.23 -44.11 -3.20
N LYS D 99 29.14 -44.54 -1.94
CA LYS D 99 27.94 -44.30 -1.18
C LYS D 99 27.93 -42.87 -0.69
N LYS D 100 26.82 -42.18 -0.84
CA LYS D 100 26.76 -40.83 -0.30
C LYS D 100 26.36 -40.87 1.16
N GLY D 101 26.88 -39.91 1.91
CA GLY D 101 26.62 -39.85 3.34
C GLY D 101 27.87 -39.91 4.18
N VAL D 102 28.83 -40.67 3.70
CA VAL D 102 30.09 -40.77 4.39
C VAL D 102 30.91 -39.55 4.12
N ARG D 103 31.48 -38.95 5.15
CA ARG D 103 32.32 -37.83 4.89
C ARG D 103 33.42 -38.44 4.11
N PRO D 104 33.81 -37.77 3.07
CA PRO D 104 34.80 -38.42 2.24
C PRO D 104 36.15 -38.25 2.84
N VAL D 105 36.64 -39.25 3.53
CA VAL D 105 37.99 -39.18 4.05
C VAL D 105 38.37 -40.57 4.37
N ARG D 106 39.65 -40.83 4.47
CA ARG D 106 40.06 -42.19 4.68
C ARG D 106 40.40 -42.46 6.13
N ASP D 107 40.87 -41.46 6.87
CA ASP D 107 41.11 -41.63 8.29
C ASP D 107 40.27 -40.62 8.98
N TRP D 108 39.43 -41.09 9.86
CA TRP D 108 38.53 -40.16 10.46
C TRP D 108 39.26 -39.06 11.20
N ARG D 109 40.57 -39.17 11.33
CA ARG D 109 41.24 -38.17 12.16
C ARG D 109 41.35 -36.83 11.43
N LYS D 110 41.73 -36.85 10.18
CA LYS D 110 41.95 -35.60 9.51
C LYS D 110 40.65 -34.99 9.10
N PRO D 111 40.49 -33.70 9.32
CA PRO D 111 39.27 -33.03 8.86
C PRO D 111 39.38 -32.66 7.39
N THR D 112 38.20 -32.47 6.78
CA THR D 112 38.12 -31.99 5.41
C THR D 112 37.97 -30.48 5.41
N THR D 113 38.57 -29.84 4.42
CA THR D 113 38.61 -28.39 4.31
C THR D 113 37.87 -27.93 3.07
N VAL D 114 36.94 -27.01 3.24
CA VAL D 114 36.22 -26.37 2.13
C VAL D 114 36.72 -24.95 2.00
N SER D 115 37.02 -24.53 0.78
CA SER D 115 37.50 -23.18 0.51
C SER D 115 36.48 -22.47 -0.38
N ILE D 116 36.12 -21.25 0.01
CA ILE D 116 35.01 -20.53 -0.59
C ILE D 116 35.52 -19.23 -1.21
N ASP D 117 34.67 -18.65 -2.08
CA ASP D 117 34.94 -17.38 -2.72
C ASP D 117 33.60 -16.77 -3.12
N VAL D 118 33.45 -15.47 -2.89
CA VAL D 118 32.20 -14.77 -3.13
C VAL D 118 32.47 -13.49 -3.91
N ILE D 119 31.70 -13.27 -4.98
CA ILE D 119 31.86 -12.06 -5.79
C ILE D 119 30.50 -11.37 -5.91
N MET D 120 30.46 -10.06 -5.67
CA MET D 120 29.17 -9.36 -5.68
C MET D 120 28.70 -8.93 -7.06
N TYR D 121 27.40 -9.01 -7.29
CA TYR D 121 26.81 -8.62 -8.54
C TYR D 121 26.00 -7.38 -8.36
N ALA D 122 24.99 -7.35 -7.50
CA ALA D 122 24.16 -6.15 -7.42
C ALA D 122 23.49 -6.13 -6.05
N ILE D 123 22.96 -4.96 -5.70
CA ILE D 123 22.16 -4.77 -4.50
C ILE D 123 20.75 -4.41 -4.92
N LEU D 124 19.79 -5.23 -4.54
CA LEU D 124 18.44 -5.07 -5.06
C LEU D 124 17.59 -4.16 -4.18
N ASN D 125 17.61 -4.37 -2.87
CA ASN D 125 16.74 -3.62 -1.97
C ASN D 125 17.41 -3.48 -0.62
N VAL D 126 17.31 -2.29 -0.04
CA VAL D 126 17.74 -2.03 1.33
C VAL D 126 16.55 -1.40 2.03
N ASP D 127 15.75 -2.24 2.68
CA ASP D 127 14.54 -1.77 3.36
C ASP D 127 14.89 -1.43 4.80
N GLU D 128 14.70 -0.17 5.19
CA GLU D 128 15.03 0.28 6.52
C GLU D 128 13.88 0.15 7.52
N LYS D 129 12.71 -0.28 7.05
CA LYS D 129 11.56 -0.42 7.95
C LYS D 129 11.77 -1.57 8.93
N ASN D 130 12.33 -2.69 8.46
CA ASN D 130 12.51 -3.85 9.31
C ASN D 130 13.85 -4.54 9.12
N GLN D 131 14.88 -3.79 8.72
CA GLN D 131 16.27 -4.25 8.66
C GLN D 131 16.41 -5.48 7.75
N VAL D 132 16.13 -5.27 6.47
CA VAL D 132 16.19 -6.31 5.46
C VAL D 132 17.13 -5.86 4.35
N LEU D 133 18.11 -6.70 4.02
CA LEU D 133 19.06 -6.42 2.96
C LEU D 133 18.98 -7.52 1.91
N THR D 134 18.79 -7.14 0.65
CA THR D 134 18.71 -8.10 -0.44
C THR D 134 19.98 -8.02 -1.27
N THR D 135 20.65 -9.15 -1.43
CA THR D 135 21.92 -9.18 -2.15
C THR D 135 21.95 -10.37 -3.09
N TYR D 136 22.78 -10.26 -4.12
CA TYR D 136 22.98 -11.30 -5.12
C TYR D 136 24.47 -11.55 -5.25
N ILE D 137 24.93 -12.76 -5.14
CA ILE D 137 26.33 -12.97 -5.23
C ILE D 137 26.63 -14.15 -6.07
N TRP D 138 27.85 -14.33 -6.48
CA TRP D 138 28.21 -15.53 -7.18
C TRP D 138 29.01 -16.29 -6.14
N TYR D 139 29.34 -17.57 -6.34
CA TYR D 139 30.00 -18.35 -5.29
C TYR D 139 30.89 -19.40 -5.85
N ARG D 140 31.65 -20.11 -5.03
CA ARG D 140 32.58 -21.09 -5.53
C ARG D 140 33.13 -21.80 -4.35
N GLN D 141 33.07 -23.12 -4.35
CA GLN D 141 33.53 -23.89 -3.21
C GLN D 141 34.25 -25.15 -3.65
N TYR D 142 35.49 -25.31 -3.19
CA TYR D 142 36.22 -26.53 -3.53
C TYR D 142 36.54 -27.36 -2.31
N TRP D 143 36.38 -28.68 -2.42
CA TRP D 143 36.73 -29.56 -1.32
C TRP D 143 37.46 -30.80 -1.82
N THR D 144 38.54 -31.15 -1.15
CA THR D 144 39.29 -32.33 -1.52
C THR D 144 38.46 -33.58 -1.26
N ASP D 145 38.60 -34.55 -2.17
CA ASP D 145 37.82 -35.77 -2.12
C ASP D 145 38.77 -36.95 -2.14
N GLU D 146 38.39 -38.07 -1.58
CA GLU D 146 39.35 -39.15 -1.59
C GLU D 146 38.81 -40.47 -2.00
N PHE D 147 37.66 -40.48 -2.64
CA PHE D 147 37.16 -41.73 -3.20
C PHE D 147 36.94 -41.56 -4.69
N LEU D 148 37.38 -40.46 -5.28
CA LEU D 148 37.28 -40.22 -6.72
C LEU D 148 38.66 -39.93 -7.31
N GLN D 149 39.63 -40.78 -6.99
CA GLN D 149 40.95 -40.70 -7.58
C GLN D 149 41.06 -41.70 -8.71
N TRP D 150 41.59 -41.25 -9.84
CA TRP D 150 41.80 -42.13 -10.98
C TRP D 150 43.05 -41.70 -11.73
N THR D 151 43.63 -42.64 -12.46
CA THR D 151 44.83 -42.38 -13.25
C THR D 151 44.45 -41.99 -14.66
N PRO D 152 44.87 -40.81 -15.14
CA PRO D 152 44.51 -40.40 -16.50
C PRO D 152 45.11 -41.27 -17.59
N GLU D 153 46.14 -42.07 -17.29
CA GLU D 153 46.75 -42.90 -18.30
C GLU D 153 45.79 -43.95 -18.84
N ASP D 154 44.91 -44.48 -18.00
CA ASP D 154 44.02 -45.56 -18.39
C ASP D 154 42.84 -45.04 -19.20
N PHE D 155 42.10 -44.07 -18.66
CA PHE D 155 40.83 -43.64 -19.25
C PHE D 155 40.99 -42.48 -20.23
N ASP D 156 41.91 -42.68 -21.18
CA ASP D 156 42.07 -41.83 -22.37
C ASP D 156 42.31 -40.36 -21.98
N ASN D 157 43.28 -40.17 -21.09
CA ASN D 157 43.89 -38.87 -20.82
C ASN D 157 42.85 -37.82 -20.40
N VAL D 158 41.87 -38.26 -19.61
CA VAL D 158 40.85 -37.36 -19.10
C VAL D 158 41.33 -36.74 -17.80
N THR D 159 41.04 -35.46 -17.61
CA THR D 159 41.51 -34.71 -16.45
C THR D 159 40.41 -33.91 -15.75
N LYS D 160 39.21 -33.86 -16.32
CA LYS D 160 38.13 -33.12 -15.69
C LYS D 160 36.81 -33.72 -16.12
N LEU D 161 35.92 -33.98 -15.16
CA LEU D 161 34.66 -34.64 -15.42
C LEU D 161 33.53 -33.87 -14.75
N SER D 162 32.34 -33.94 -15.35
CA SER D 162 31.14 -33.33 -14.80
C SER D 162 30.21 -34.44 -14.30
N ILE D 163 29.82 -34.35 -13.03
CA ILE D 163 29.02 -35.38 -12.39
C ILE D 163 27.80 -34.76 -11.72
N PRO D 164 26.68 -35.47 -11.61
CA PRO D 164 25.51 -34.89 -10.94
C PRO D 164 25.79 -34.60 -9.48
N THR D 165 25.14 -33.55 -8.98
CA THR D 165 25.36 -33.09 -7.61
C THR D 165 24.66 -33.95 -6.58
N ASP D 166 23.75 -34.83 -6.99
CA ASP D 166 23.02 -35.69 -6.06
C ASP D 166 23.68 -37.05 -5.86
N SER D 167 24.81 -37.30 -6.51
CA SER D 167 25.49 -38.59 -6.42
C SER D 167 26.74 -38.55 -5.55
N ILE D 168 27.07 -37.40 -4.97
CA ILE D 168 28.27 -37.26 -4.15
C ILE D 168 27.92 -36.51 -2.86
N TRP D 169 28.93 -36.28 -2.05
CA TRP D 169 28.78 -35.64 -0.75
C TRP D 169 28.98 -34.13 -0.89
N VAL D 170 28.03 -33.36 -0.39
CA VAL D 170 28.06 -31.91 -0.47
C VAL D 170 27.97 -31.36 0.95
N PRO D 171 28.91 -30.52 1.38
CA PRO D 171 28.85 -29.98 2.74
C PRO D 171 27.69 -29.01 2.90
N ASP D 172 27.23 -28.89 4.14
CA ASP D 172 26.08 -28.04 4.48
C ASP D 172 26.52 -26.63 4.89
N ILE D 173 27.25 -25.97 3.99
CA ILE D 173 27.72 -24.61 4.22
C ILE D 173 26.53 -23.69 4.02
N LEU D 174 25.95 -23.21 5.12
CA LEU D 174 24.76 -22.36 5.08
C LEU D 174 25.09 -21.05 5.78
N ILE D 175 24.71 -19.94 5.16
CA ILE D 175 24.98 -18.62 5.72
C ILE D 175 24.02 -18.35 6.88
N ASN D 176 24.53 -17.67 7.90
CA ASN D 176 23.70 -17.24 9.01
C ASN D 176 23.05 -15.91 8.68
N GLU D 177 22.30 -15.37 9.65
CA GLU D 177 21.53 -14.13 9.49
C GLU D 177 20.69 -14.15 8.22
N PHE D 178 20.00 -15.26 7.98
CA PHE D 178 19.20 -15.43 6.77
C PHE D 178 17.72 -15.32 7.10
N VAL D 179 16.98 -14.66 6.23
CA VAL D 179 15.52 -14.60 6.29
C VAL D 179 14.99 -15.00 4.91
N ASP D 180 14.02 -15.93 4.91
CA ASP D 180 13.42 -16.51 3.70
C ASP D 180 14.47 -16.83 2.63
N VAL D 181 15.50 -17.57 3.04
CA VAL D 181 16.53 -17.98 2.09
C VAL D 181 15.94 -19.01 1.12
N GLY D 182 16.37 -18.85 -0.12
CA GLY D 182 15.79 -19.65 -1.19
C GLY D 182 15.79 -18.77 -2.44
N LYS D 183 14.76 -18.84 -3.28
CA LYS D 183 14.65 -18.01 -4.49
C LYS D 183 15.84 -18.09 -5.42
N SER D 184 16.55 -19.21 -5.41
CA SER D 184 17.73 -19.36 -6.24
C SER D 184 17.82 -20.76 -6.72
N PRO D 185 18.06 -20.95 -8.01
CA PRO D 185 18.06 -22.32 -8.54
C PRO D 185 19.20 -23.14 -7.96
N ASN D 186 19.16 -24.43 -8.26
CA ASN D 186 20.24 -25.35 -7.91
C ASN D 186 20.94 -25.84 -9.17
N ILE D 187 22.26 -25.89 -9.12
CA ILE D 187 23.05 -26.36 -10.25
C ILE D 187 23.15 -27.88 -10.16
N PRO D 188 22.70 -28.62 -11.19
CA PRO D 188 22.66 -30.07 -11.10
C PRO D 188 23.96 -30.77 -11.43
N TYR D 189 25.04 -30.03 -11.69
CA TYR D 189 26.31 -30.63 -12.06
C TYR D 189 27.44 -30.00 -11.25
N VAL D 190 28.51 -30.77 -11.05
CA VAL D 190 29.72 -30.30 -10.39
C VAL D 190 30.93 -30.90 -11.12
N TYR D 191 32.05 -30.19 -11.03
CA TYR D 191 33.32 -30.68 -11.57
C TYR D 191 34.05 -31.59 -10.60
N VAL D 192 34.84 -32.49 -11.16
CA VAL D 192 35.79 -33.30 -10.40
C VAL D 192 37.06 -33.45 -11.23
N HIS D 193 38.21 -33.29 -10.58
CA HIS D 193 39.52 -33.53 -11.17
C HIS D 193 40.07 -34.84 -10.64
N HIS D 194 41.28 -35.18 -11.04
CA HIS D 194 41.91 -36.37 -10.50
C HIS D 194 42.36 -36.03 -9.08
N ARG D 195 42.61 -37.04 -8.24
CA ARG D 195 43.03 -36.83 -6.83
C ARG D 195 41.92 -36.33 -5.90
N GLY D 196 40.81 -35.83 -6.43
CA GLY D 196 39.69 -35.42 -5.59
C GLY D 196 39.33 -33.95 -5.53
N GLU D 197 39.91 -33.15 -6.40
CA GLU D 197 39.59 -31.72 -6.45
C GLU D 197 38.16 -31.56 -6.95
N VAL D 198 37.23 -31.25 -6.04
CA VAL D 198 35.81 -31.12 -6.38
C VAL D 198 35.42 -29.65 -6.27
N GLN D 199 34.83 -29.12 -7.32
CA GLN D 199 34.47 -27.71 -7.43
C GLN D 199 32.96 -27.57 -7.61
N ASN D 200 32.45 -26.38 -7.29
CA ASN D 200 31.03 -26.10 -7.44
C ASN D 200 30.82 -24.60 -7.57
N TYR D 201 29.97 -24.21 -8.51
CA TYR D 201 29.61 -22.82 -8.76
C TYR D 201 28.11 -22.69 -8.58
N LYS D 202 27.67 -21.64 -7.88
CA LYS D 202 26.24 -21.46 -7.68
C LYS D 202 25.94 -20.00 -7.37
N PRO D 203 24.79 -19.49 -7.77
CA PRO D 203 24.37 -18.16 -7.34
C PRO D 203 23.52 -18.22 -6.08
N LEU D 204 23.68 -17.19 -5.25
CA LEU D 204 22.89 -17.07 -4.03
C LEU D 204 22.22 -15.71 -4.00
N GLN D 205 20.90 -15.72 -3.83
CA GLN D 205 20.13 -14.49 -3.63
C GLN D 205 19.66 -14.48 -2.19
N LEU D 206 20.26 -13.62 -1.37
CA LEU D 206 20.13 -13.68 0.07
C LEU D 206 19.34 -12.48 0.59
N VAL D 207 18.40 -12.75 1.48
CA VAL D 207 17.69 -11.73 2.24
C VAL D 207 18.17 -11.84 3.67
N THR D 208 19.02 -10.91 4.09
CA THR D 208 19.68 -10.96 5.38
C THR D 208 19.18 -9.86 6.29
N ALA D 209 19.51 -10.00 7.58
CA ALA D 209 19.17 -9.01 8.59
C ALA D 209 20.41 -8.22 8.97
N CYS D 210 20.39 -6.92 8.72
CA CYS D 210 21.52 -6.04 8.96
C CYS D 210 21.08 -4.87 9.80
N SER D 211 21.90 -4.44 10.75
CA SER D 211 21.54 -3.30 11.56
C SER D 211 21.87 -2.03 10.85
N LEU D 212 20.87 -1.45 10.21
CA LEU D 212 21.07 -0.23 9.44
C LEU D 212 20.87 1.01 10.29
N ASP D 213 21.80 1.95 10.22
CA ASP D 213 21.70 3.17 10.99
C ASP D 213 21.08 4.29 10.17
N ILE D 214 19.88 4.72 10.53
CA ILE D 214 19.22 5.80 9.80
C ILE D 214 19.89 7.15 10.09
N TYR D 215 20.68 7.23 11.16
CA TYR D 215 21.41 8.46 11.45
C TYR D 215 22.29 8.76 10.27
N ASN D 216 22.50 10.05 9.96
CA ASN D 216 23.26 10.42 8.77
C ASN D 216 22.53 9.85 7.56
N PHE D 217 21.27 10.24 7.41
CA PHE D 217 20.47 9.72 6.30
C PHE D 217 20.98 10.11 4.91
N PRO D 218 21.23 11.41 4.64
CA PRO D 218 21.64 11.72 3.27
C PRO D 218 22.93 11.04 2.85
N PHE D 219 23.87 10.87 3.78
CA PHE D 219 25.18 10.32 3.43
C PHE D 219 25.61 9.12 4.28
N ASP D 220 24.79 8.08 4.37
CA ASP D 220 25.12 6.96 5.28
C ASP D 220 26.21 6.01 4.79
N VAL D 221 26.94 5.42 5.72
CA VAL D 221 27.96 4.42 5.37
C VAL D 221 27.58 3.17 6.14
N GLN D 222 27.04 2.18 5.45
CA GLN D 222 26.55 0.99 6.11
C GLN D 222 27.61 -0.11 6.12
N ASN D 223 27.59 -0.89 7.20
CA ASN D 223 28.58 -1.94 7.47
C ASN D 223 27.80 -3.21 7.79
N CYS D 224 27.56 -4.04 6.77
CA CYS D 224 26.78 -5.25 6.93
C CYS D 224 27.68 -6.47 7.04
N SER D 225 27.13 -7.55 7.59
CA SER D 225 27.90 -8.76 7.87
C SER D 225 27.25 -9.99 7.24
N LEU D 226 28.09 -10.86 6.70
CA LEU D 226 27.66 -12.15 6.16
C LEU D 226 28.49 -13.23 6.83
N THR D 227 27.82 -14.21 7.44
CA THR D 227 28.49 -15.22 8.24
C THR D 227 28.31 -16.60 7.62
N PHE D 228 29.39 -17.17 7.12
CA PHE D 228 29.39 -18.52 6.56
C PHE D 228 29.94 -19.49 7.59
N THR D 229 29.20 -20.56 7.84
CA THR D 229 29.62 -21.61 8.76
C THR D 229 28.87 -22.89 8.45
N SER D 230 29.39 -24.00 8.94
CA SER D 230 28.70 -25.27 8.85
C SER D 230 27.69 -25.37 9.98
N TRP D 231 26.44 -25.69 9.64
CA TRP D 231 25.39 -25.69 10.66
C TRP D 231 25.56 -26.85 11.63
N LEU D 232 26.16 -27.95 11.18
CA LEU D 232 26.29 -29.13 12.01
C LEU D 232 27.72 -29.44 12.43
N HIS D 233 28.66 -29.43 11.49
CA HIS D 233 29.99 -29.95 11.76
C HIS D 233 30.83 -28.96 12.58
N THR D 234 31.82 -29.51 13.28
CA THR D 234 32.66 -28.77 14.20
C THR D 234 33.97 -28.39 13.52
N ILE D 235 34.89 -27.82 14.30
CA ILE D 235 36.17 -27.37 13.76
C ILE D 235 37.03 -28.55 13.34
N GLN D 236 36.89 -29.69 14.02
CA GLN D 236 37.68 -30.86 13.70
C GLN D 236 37.02 -31.73 12.63
N ASP D 237 35.93 -31.25 12.03
CA ASP D 237 35.26 -31.92 10.92
C ASP D 237 35.30 -31.11 9.64
N ILE D 238 34.95 -29.82 9.71
CA ILE D 238 34.97 -28.94 8.54
C ILE D 238 35.69 -27.65 8.92
N ASN D 239 36.71 -27.30 8.15
CA ASN D 239 37.42 -26.03 8.28
C ASN D 239 37.25 -25.23 7.01
N ILE D 240 37.02 -23.92 7.14
CA ILE D 240 36.73 -23.06 6.01
C ILE D 240 37.87 -22.08 5.82
N THR D 241 38.58 -22.16 4.71
CA THR D 241 39.68 -21.28 4.40
C THR D 241 39.27 -20.45 3.22
N LEU D 242 40.22 -19.88 2.49
CA LEU D 242 39.85 -19.00 1.37
C LEU D 242 40.58 -19.37 0.08
N TRP D 243 39.95 -19.22 -1.07
CA TRP D 243 40.54 -19.60 -2.34
C TRP D 243 41.63 -18.67 -2.66
N ARG D 244 41.30 -17.40 -2.79
CA ARG D 244 42.29 -16.39 -3.09
C ARG D 244 42.65 -15.60 -1.81
N SER D 245 43.67 -14.76 -1.82
CA SER D 245 44.09 -14.05 -0.58
C SER D 245 43.14 -12.92 -0.18
N PRO D 246 43.31 -12.42 1.07
CA PRO D 246 42.31 -11.42 1.41
C PRO D 246 42.41 -10.18 0.58
N GLU D 247 43.61 -9.78 0.17
CA GLU D 247 43.70 -8.54 -0.54
C GLU D 247 42.93 -8.61 -1.82
N GLU D 248 43.15 -9.63 -2.62
CA GLU D 248 42.52 -9.68 -3.92
C GLU D 248 41.04 -9.82 -3.79
N VAL D 249 40.57 -10.24 -2.64
CA VAL D 249 39.14 -10.37 -2.36
C VAL D 249 38.57 -9.02 -1.95
N ARG D 250 39.36 -8.20 -1.24
CA ARG D 250 38.89 -6.92 -0.73
C ARG D 250 38.48 -5.99 -1.87
N SER D 251 39.28 -5.92 -2.93
CA SER D 251 39.02 -5.04 -4.06
C SER D 251 38.57 -5.89 -5.24
N ASP D 252 37.25 -6.00 -5.42
CA ASP D 252 36.68 -6.80 -6.49
C ASP D 252 35.37 -6.16 -6.98
N LYS D 253 35.50 -5.33 -8.01
CA LYS D 253 34.35 -4.64 -8.59
C LYS D 253 34.31 -4.81 -10.09
N SER D 254 34.86 -5.91 -10.60
CA SER D 254 34.92 -6.15 -12.03
C SER D 254 33.61 -6.63 -12.62
N ILE D 255 32.63 -6.98 -11.78
CA ILE D 255 31.37 -7.55 -12.25
C ILE D 255 30.23 -6.65 -11.79
N PHE D 256 30.44 -5.95 -10.69
CA PHE D 256 29.40 -5.12 -10.08
C PHE D 256 28.97 -4.01 -11.04
N ILE D 257 27.65 -3.77 -11.09
CA ILE D 257 27.07 -2.74 -11.96
C ILE D 257 26.83 -1.49 -11.12
N ASN D 258 27.40 -0.38 -11.56
CA ASN D 258 27.31 0.90 -10.84
C ASN D 258 26.16 1.75 -11.36
N GLN D 259 24.95 1.19 -11.37
CA GLN D 259 23.77 1.92 -11.82
C GLN D 259 22.76 2.18 -10.71
N GLY D 260 22.87 1.51 -9.58
CA GLY D 260 21.91 1.65 -8.50
C GLY D 260 22.22 2.85 -7.61
N GLU D 261 21.52 2.90 -6.48
CA GLU D 261 21.70 3.97 -5.50
C GLU D 261 22.71 3.61 -4.42
N TRP D 262 23.35 2.46 -4.52
CA TRP D 262 24.37 2.03 -3.57
C TRP D 262 25.64 1.68 -4.33
N GLU D 263 26.79 1.88 -3.69
CA GLU D 263 28.09 1.73 -4.34
C GLU D 263 29.03 0.98 -3.40
N LEU D 264 29.72 -0.03 -3.95
CA LEU D 264 30.56 -0.87 -3.11
C LEU D 264 31.85 -0.17 -2.73
N LEU D 265 32.28 -0.40 -1.49
CA LEU D 265 33.53 0.15 -0.99
C LEU D 265 34.54 -0.93 -0.60
N GLU D 266 34.13 -1.93 0.16
CA GLU D 266 35.06 -2.92 0.69
C GLU D 266 34.33 -4.20 1.02
N VAL D 267 34.95 -5.32 0.70
CA VAL D 267 34.47 -6.65 1.07
C VAL D 267 35.62 -7.32 1.82
N PHE D 268 35.62 -7.20 3.14
CA PHE D 268 36.74 -7.65 3.96
C PHE D 268 36.43 -9.02 4.55
N PRO D 269 37.24 -10.05 4.30
CA PRO D 269 37.03 -11.34 4.91
C PRO D 269 37.81 -11.52 6.21
N GLN D 270 37.22 -12.29 7.12
CA GLN D 270 37.87 -12.63 8.37
C GLN D 270 37.45 -14.03 8.77
N PHE D 271 38.31 -14.72 9.52
CA PHE D 271 38.04 -16.07 9.97
C PHE D 271 38.28 -16.18 11.46
N LYS D 272 37.38 -16.86 12.16
CA LYS D 272 37.55 -17.10 13.59
C LYS D 272 36.74 -18.33 13.99
N GLU D 273 36.62 -18.53 15.30
CA GLU D 273 35.98 -19.70 15.87
C GLU D 273 34.79 -19.26 16.72
N PHE D 274 33.66 -19.94 16.55
CA PHE D 274 32.45 -19.61 17.30
C PHE D 274 32.10 -20.69 18.31
N SER D 275 32.34 -20.43 19.59
CA SER D 275 31.98 -21.39 20.63
C SER D 275 31.15 -20.70 21.70
N ILE D 276 30.05 -21.32 22.11
CA ILE D 276 29.16 -20.67 23.07
C ILE D 276 29.16 -21.38 24.41
N ASP D 277 29.08 -22.71 24.36
CA ASP D 277 29.13 -23.49 25.58
C ASP D 277 30.58 -23.88 25.87
N ILE D 278 30.76 -24.86 26.75
CA ILE D 278 32.11 -25.27 27.09
C ILE D 278 32.44 -26.58 26.39
N SER D 279 31.76 -26.85 25.28
CA SER D 279 31.95 -28.13 24.61
C SER D 279 32.25 -28.09 23.11
N ASN D 280 31.45 -27.38 22.32
CA ASN D 280 31.66 -27.46 20.86
C ASN D 280 32.48 -26.32 20.24
N SER D 281 33.33 -26.63 19.25
CA SER D 281 34.08 -25.57 18.60
C SER D 281 33.70 -25.49 17.14
N TYR D 282 33.36 -24.31 16.66
CA TYR D 282 32.90 -24.18 15.28
C TYR D 282 33.69 -23.18 14.46
N ALA D 283 33.87 -23.45 13.17
CA ALA D 283 34.55 -22.51 12.27
C ALA D 283 33.59 -21.36 11.94
N GLU D 284 34.12 -20.23 11.48
CA GLU D 284 33.25 -19.13 11.10
C GLU D 284 34.03 -18.19 10.18
N MET D 285 33.40 -17.78 9.08
CA MET D 285 33.98 -16.80 8.18
C MET D 285 33.02 -15.63 8.02
N LYS D 286 33.48 -14.44 8.37
CA LYS D 286 32.66 -13.25 8.32
C LYS D 286 33.15 -12.33 7.21
N PHE D 287 32.26 -11.99 6.29
CA PHE D 287 32.51 -11.01 5.26
C PHE D 287 31.84 -9.71 5.66
N TYR D 288 32.64 -8.67 5.84
CA TYR D 288 32.14 -7.33 6.14
C TYR D 288 32.00 -6.58 4.82
N VAL D 289 30.80 -6.08 4.54
CA VAL D 289 30.49 -5.41 3.29
C VAL D 289 30.18 -3.96 3.61
N ILE D 290 30.86 -3.04 2.93
CA ILE D 290 30.73 -1.60 3.18
C ILE D 290 30.00 -0.98 2.00
N ILE D 291 28.94 -0.24 2.24
CA ILE D 291 28.20 0.32 1.18
C ILE D 291 28.00 1.78 1.43
N ARG D 292 27.94 2.61 0.41
CA ARG D 292 27.65 4.03 0.58
C ARG D 292 26.44 4.36 -0.21
N ARG D 293 25.81 5.48 0.06
CA ARG D 293 24.66 5.89 -0.73
C ARG D 293 25.01 7.02 -1.62
N ARG D 294 24.46 7.02 -2.83
CA ARG D 294 24.75 8.07 -3.78
C ARG D 294 23.67 9.06 -3.54
N PRO D 295 24.01 10.24 -2.95
CA PRO D 295 22.88 11.11 -2.61
C PRO D 295 22.62 12.32 -3.52
N LEU D 296 23.23 12.41 -4.69
CA LEU D 296 23.07 13.60 -5.52
C LEU D 296 21.61 13.85 -5.87
N PHE D 297 20.93 12.82 -6.36
CA PHE D 297 19.53 12.96 -6.75
C PHE D 297 18.60 13.18 -5.58
N TYR D 298 18.89 12.54 -4.44
CA TYR D 298 18.06 12.73 -3.26
C TYR D 298 18.19 14.15 -2.75
N ALA D 299 19.41 14.69 -2.78
CA ALA D 299 19.64 16.05 -2.30
C ALA D 299 18.81 17.08 -3.06
N VAL D 300 18.87 17.04 -4.39
CA VAL D 300 18.16 18.05 -5.19
C VAL D 300 16.64 17.99 -5.02
N SER D 301 16.13 16.88 -4.47
CA SER D 301 14.68 16.73 -4.31
C SER D 301 14.20 16.97 -2.88
N LEU D 302 15.11 17.18 -1.94
CA LEU D 302 14.73 17.36 -0.55
C LEU D 302 15.36 18.60 0.07
N LEU D 303 16.63 18.84 -0.24
CA LEU D 303 17.34 19.98 0.32
C LEU D 303 17.03 21.27 -0.39
N LEU D 304 17.19 21.25 -1.70
CA LEU D 304 16.84 22.43 -2.48
C LEU D 304 15.48 23.02 -2.15
N PRO D 305 14.39 22.25 -2.00
CA PRO D 305 13.14 22.87 -1.52
C PRO D 305 13.25 23.45 -0.12
N SER D 306 14.06 22.84 0.76
CA SER D 306 14.22 23.39 2.10
C SER D 306 14.99 24.71 2.08
N ILE D 307 16.05 24.79 1.27
CA ILE D 307 16.77 26.04 1.12
C ILE D 307 15.93 27.11 0.43
N PHE D 308 15.11 26.70 -0.55
CA PHE D 308 14.24 27.67 -1.22
C PHE D 308 13.14 28.18 -0.30
N LEU D 309 12.58 27.30 0.55
CA LEU D 309 11.58 27.72 1.51
C LEU D 309 12.18 28.42 2.72
N MET D 310 13.47 28.74 2.69
CA MET D 310 14.02 29.52 3.80
C MET D 310 14.02 31.00 3.41
N VAL D 311 13.13 31.37 2.51
CA VAL D 311 12.94 32.77 2.13
C VAL D 311 11.66 33.32 2.75
N VAL D 312 10.94 32.48 3.50
CA VAL D 312 9.70 32.94 4.12
C VAL D 312 9.99 34.01 5.17
N ASP D 313 11.08 33.85 5.92
CA ASP D 313 11.49 34.91 6.85
C ASP D 313 11.93 36.15 6.10
N ILE D 314 12.51 35.98 4.90
CA ILE D 314 12.90 37.13 4.10
C ILE D 314 11.67 37.91 3.65
N VAL D 315 10.59 37.19 3.32
CA VAL D 315 9.38 37.86 2.86
C VAL D 315 8.68 38.60 4.00
N GLY D 316 8.25 37.89 5.03
CA GLY D 316 7.53 38.54 6.11
C GLY D 316 8.46 39.28 7.05
N PHE D 317 8.76 40.55 6.75
CA PHE D 317 9.64 41.33 7.63
C PHE D 317 9.24 42.79 7.80
N CYS D 318 9.38 43.29 9.02
CA CYS D 318 9.04 44.70 9.34
C CYS D 318 7.59 45.12 9.10
N LEU D 319 6.63 44.55 9.84
CA LEU D 319 5.24 45.04 9.72
C LEU D 319 4.41 44.85 11.01
N PRO D 320 4.89 45.38 12.15
CA PRO D 320 4.04 45.28 13.35
C PRO D 320 2.67 46.00 13.26
N PRO D 321 2.60 47.24 12.73
CA PRO D 321 1.26 47.83 12.63
C PRO D 321 0.38 47.04 11.66
N ASP D 322 0.94 46.62 10.53
CA ASP D 322 0.18 45.86 9.55
C ASP D 322 0.26 44.36 9.84
N SER D 323 0.18 43.99 11.12
CA SER D 323 0.21 42.57 11.46
C SER D 323 -1.03 41.83 11.01
N GLY D 324 -2.07 42.52 10.55
CA GLY D 324 -3.16 41.81 9.89
C GLY D 324 -2.69 41.11 8.63
N GLU D 325 -1.94 41.82 7.79
CA GLU D 325 -1.34 41.19 6.62
C GLU D 325 -0.30 40.15 7.02
N ARG D 326 0.46 40.43 8.08
CA ARG D 326 1.47 39.48 8.54
C ARG D 326 0.83 38.16 8.98
N VAL D 327 -0.17 38.31 9.84
CA VAL D 327 -0.83 37.13 10.36
C VAL D 327 -1.42 36.46 9.13
N SER D 328 -1.97 37.21 8.19
CA SER D 328 -2.46 36.59 6.99
C SER D 328 -1.38 35.71 6.43
N PHE D 329 -0.22 36.31 6.16
CA PHE D 329 0.87 35.58 5.56
C PHE D 329 1.21 34.29 6.25
N LYS D 330 1.44 34.33 7.54
CA LYS D 330 1.89 33.12 8.19
C LYS D 330 0.80 32.09 8.35
N ILE D 331 -0.43 32.51 8.55
CA ILE D 331 -1.51 31.55 8.79
C ILE D 331 -1.65 30.64 7.59
N THR D 332 -1.22 31.11 6.43
CA THR D 332 -1.24 30.29 5.24
C THR D 332 0.10 29.60 4.98
N LEU D 333 1.22 30.27 5.28
CA LEU D 333 2.51 29.59 5.18
C LEU D 333 2.67 28.47 6.20
N LEU D 334 2.18 28.63 7.42
CA LEU D 334 2.22 27.55 8.41
C LEU D 334 1.47 26.30 7.98
N LEU D 335 0.70 26.37 6.89
CA LEU D 335 0.06 25.20 6.30
C LEU D 335 0.60 24.85 4.93
N GLY D 336 1.18 25.81 4.20
CA GLY D 336 1.61 25.55 2.83
C GLY D 336 2.67 24.47 2.72
N TYR D 337 3.66 24.50 3.60
CA TYR D 337 4.61 23.40 3.74
C TYR D 337 4.19 22.34 4.77
N SER D 338 3.28 22.67 5.68
CA SER D 338 2.80 21.65 6.61
C SER D 338 1.95 20.59 5.92
N VAL D 339 1.30 20.93 4.82
CA VAL D 339 0.47 19.96 4.11
C VAL D 339 1.31 18.92 3.37
N PHE D 340 2.46 19.34 2.82
CA PHE D 340 3.33 18.35 2.18
C PHE D 340 4.33 17.77 3.16
N LEU D 341 4.31 18.22 4.42
CA LEU D 341 5.17 17.60 5.41
C LEU D 341 4.67 16.17 5.54
N ILE D 342 3.39 15.96 5.32
CA ILE D 342 2.82 14.63 5.34
C ILE D 342 3.49 13.74 4.32
N ILE D 343 3.56 14.22 3.07
CA ILE D 343 4.16 13.41 2.01
C ILE D 343 5.67 13.30 2.21
N VAL D 344 6.29 14.28 2.87
CA VAL D 344 7.70 14.19 3.18
C VAL D 344 7.89 13.02 4.13
N SER D 345 7.10 13.00 5.20
CA SER D 345 7.22 11.92 6.18
C SER D 345 6.83 10.58 5.58
N ASP D 346 5.91 10.59 4.61
CA ASP D 346 5.59 9.36 3.89
C ASP D 346 6.78 8.86 3.07
N THR D 347 7.53 9.78 2.46
CA THR D 347 8.68 9.38 1.63
C THR D 347 9.89 8.96 2.47
N LEU D 348 9.96 9.39 3.73
CA LEU D 348 11.06 8.94 4.58
C LEU D 348 10.94 7.43 4.84
N PRO D 349 12.08 6.68 4.70
CA PRO D 349 11.98 5.27 5.10
C PRO D 349 11.96 5.28 6.60
N ALA D 350 10.78 5.28 7.20
CA ALA D 350 10.63 5.40 8.64
C ALA D 350 11.19 4.16 9.35
N THR D 351 11.99 4.40 10.38
CA THR D 351 12.60 3.35 11.18
C THR D 351 12.19 3.57 12.64
N ALA D 352 11.90 2.51 13.36
CA ALA D 352 11.54 2.68 14.73
C ALA D 352 12.67 3.38 15.41
N ILE D 353 13.88 2.84 15.33
CA ILE D 353 15.03 3.57 15.89
C ILE D 353 15.41 4.62 14.85
N GLY D 354 14.68 5.74 14.86
CA GLY D 354 14.92 6.76 13.86
C GLY D 354 15.11 8.18 14.35
N THR D 355 16.31 8.72 14.19
CA THR D 355 16.56 10.13 14.56
C THR D 355 17.53 10.82 13.58
N PRO D 356 17.07 11.10 12.35
CA PRO D 356 17.95 11.74 11.37
C PRO D 356 18.32 13.16 11.77
N LEU D 357 19.53 13.59 11.43
CA LEU D 357 19.96 14.95 11.74
C LEU D 357 19.04 15.98 11.10
N ILE D 358 18.66 15.74 9.85
CA ILE D 358 17.76 16.65 9.17
C ILE D 358 16.37 16.57 9.78
N GLY D 359 15.93 15.35 10.12
CA GLY D 359 14.61 15.16 10.67
C GLY D 359 14.39 15.76 12.05
N VAL D 360 15.45 16.21 12.71
CA VAL D 360 15.28 16.88 14.00
C VAL D 360 15.49 18.38 13.81
N TYR D 361 16.37 18.76 12.86
CA TYR D 361 16.53 20.18 12.57
C TYR D 361 15.28 20.76 11.92
N PHE D 362 14.66 20.01 11.02
CA PHE D 362 13.44 20.46 10.36
C PHE D 362 12.29 20.62 11.34
N VAL D 363 12.35 19.92 12.46
CA VAL D 363 11.30 20.01 13.47
C VAL D 363 11.53 21.22 14.36
N VAL D 364 12.74 21.36 14.89
CA VAL D 364 13.05 22.52 15.72
C VAL D 364 13.00 23.81 14.89
N CYS D 365 13.23 23.71 13.59
CA CYS D 365 13.10 24.88 12.73
C CYS D 365 11.67 25.37 12.78
N MET D 366 10.73 24.44 12.63
CA MET D 366 9.32 24.82 12.69
C MET D 366 8.91 25.25 14.08
N ALA D 367 9.39 24.57 15.12
CA ALA D 367 9.08 24.96 16.49
C ALA D 367 9.47 26.40 16.74
N LEU D 368 10.70 26.76 16.39
CA LEU D 368 11.18 28.12 16.55
C LEU D 368 10.29 29.11 15.79
N LEU D 369 9.91 28.76 14.56
CA LEU D 369 9.04 29.65 13.80
C LEU D 369 7.67 29.75 14.46
N VAL D 370 7.16 28.63 14.98
CA VAL D 370 5.84 28.66 15.62
C VAL D 370 5.87 29.55 16.88
N ILE D 371 6.91 29.43 17.70
CA ILE D 371 6.96 30.25 18.90
C ILE D 371 7.21 31.72 18.56
N SER D 372 7.97 31.99 17.49
CA SER D 372 8.13 33.37 17.05
C SER D 372 6.78 33.97 16.66
N LEU D 373 5.98 33.22 15.90
CA LEU D 373 4.68 33.73 15.51
C LEU D 373 3.76 33.88 16.71
N ALA D 374 3.86 32.98 17.69
CA ALA D 374 3.06 33.12 18.90
C ALA D 374 3.41 34.41 19.64
N GLU D 375 4.70 34.72 19.74
CA GLU D 375 5.12 35.96 20.39
C GLU D 375 4.61 37.18 19.62
N THR D 376 4.70 37.15 18.29
CA THR D 376 4.23 38.30 17.51
C THR D 376 2.72 38.48 17.64
N ILE D 377 1.96 37.38 17.62
CA ILE D 377 0.50 37.49 17.76
C ILE D 377 0.14 38.02 19.15
N PHE D 378 0.84 37.55 20.18
CA PHE D 378 0.59 38.07 21.53
C PHE D 378 0.90 39.56 21.62
N ILE D 379 2.00 39.99 21.00
CA ILE D 379 2.38 41.40 21.03
C ILE D 379 1.34 42.25 20.32
N VAL D 380 0.88 41.81 19.13
CA VAL D 380 -0.08 42.64 18.40
C VAL D 380 -1.43 42.62 19.09
N ARG D 381 -1.79 41.52 19.77
CA ARG D 381 -3.03 41.51 20.55
C ARG D 381 -2.93 42.47 21.73
N LEU D 382 -1.76 42.53 22.37
CA LEU D 382 -1.58 43.44 23.49
C LEU D 382 -1.64 44.90 23.05
N VAL D 383 -1.03 45.22 21.90
CA VAL D 383 -0.95 46.62 21.46
C VAL D 383 -2.14 47.05 20.62
N HIS D 384 -2.98 46.12 20.17
CA HIS D 384 -4.11 46.50 19.32
C HIS D 384 -5.25 47.11 20.13
N LYS D 385 -5.47 46.62 21.34
CA LYS D 385 -6.58 47.09 22.17
C LYS D 385 -6.19 48.40 22.86
N GLN D 386 -7.02 48.85 23.79
CA GLN D 386 -6.78 50.06 24.55
C GLN D 386 -5.90 49.82 25.77
N ASP D 387 -5.21 48.69 25.83
CA ASP D 387 -4.33 48.41 26.96
C ASP D 387 -3.13 49.35 26.98
N LEU D 388 -2.68 49.82 25.81
CA LEU D 388 -1.53 50.73 25.69
C LEU D 388 -0.28 50.13 26.33
N GLN D 389 0.05 48.90 25.92
CA GLN D 389 1.20 48.13 26.39
C GLN D 389 1.33 48.11 27.91
N ARG D 390 0.19 48.18 28.61
CA ARG D 390 0.10 48.12 30.07
C ARG D 390 1.01 49.16 30.73
N PRO D 391 0.64 50.44 30.72
CA PRO D 391 1.52 51.49 31.25
C PRO D 391 1.77 51.40 32.76
N VAL D 392 1.24 50.39 33.45
CA VAL D 392 1.52 50.17 34.86
C VAL D 392 3.00 49.82 35.00
N PRO D 393 3.62 50.07 36.17
CA PRO D 393 5.06 49.80 36.31
C PRO D 393 5.45 48.32 36.21
N ASP D 394 4.51 47.42 35.96
CA ASP D 394 4.85 46.01 35.75
C ASP D 394 5.68 45.84 34.48
N TRP D 395 5.35 46.59 33.42
CA TRP D 395 6.09 46.43 32.18
C TRP D 395 7.50 47.00 32.28
N LEU D 396 7.72 47.96 33.19
CA LEU D 396 9.10 48.37 33.49
C LEU D 396 9.91 47.21 34.05
N ARG D 397 9.32 46.46 34.99
CA ARG D 397 10.00 45.31 35.55
C ARG D 397 10.21 44.23 34.49
N HIS D 398 9.22 44.03 33.61
CA HIS D 398 9.37 43.07 32.53
C HIS D 398 10.52 43.45 31.61
N LEU D 399 10.61 44.73 31.24
CA LEU D 399 11.71 45.18 30.38
C LEU D 399 13.06 45.05 31.07
N VAL D 400 13.11 45.34 32.38
CA VAL D 400 14.38 45.21 33.11
C VAL D 400 14.82 43.76 33.16
N LEU D 401 13.88 42.84 33.46
CA LEU D 401 14.22 41.42 33.49
C LEU D 401 14.64 40.92 32.12
N ASP D 402 13.97 41.38 31.07
CA ASP D 402 14.36 40.98 29.71
C ASP D 402 15.74 41.51 29.34
N ARG D 403 16.05 42.75 29.71
CA ARG D 403 17.37 43.31 29.45
C ARG D 403 18.45 42.53 30.19
N ILE D 404 18.15 42.09 31.42
CA ILE D 404 19.05 41.19 32.13
C ILE D 404 19.17 39.87 31.38
N ALA D 405 18.07 39.41 30.79
CA ALA D 405 18.05 38.12 30.10
C ALA D 405 18.97 38.11 28.89
N TRP D 406 18.90 39.14 28.04
CA TRP D 406 19.83 39.18 26.91
C TRP D 406 21.11 39.93 27.22
N ILE D 407 21.31 40.37 28.47
CA ILE D 407 22.49 41.12 28.94
C ILE D 407 23.01 42.14 27.94
N LEU D 472 -30.54 86.24 22.92
CA LEU D 472 -30.55 84.88 23.44
C LEU D 472 -30.16 83.89 22.36
N ALA D 473 -30.44 84.23 21.11
CA ALA D 473 -30.11 83.34 20.00
C ALA D 473 -28.60 83.23 19.82
N VAL D 474 -27.89 84.36 19.87
CA VAL D 474 -26.45 84.38 19.66
C VAL D 474 -25.73 83.56 20.73
N ARG D 475 -26.32 83.47 21.92
CA ARG D 475 -25.77 82.61 22.96
C ARG D 475 -25.74 81.15 22.48
N GLY D 476 -26.86 80.68 21.93
CA GLY D 476 -26.89 79.36 21.33
C GLY D 476 -25.95 79.23 20.16
N LEU D 477 -25.79 80.29 19.37
CA LEU D 477 -24.88 80.25 18.24
C LEU D 477 -23.48 79.91 18.72
N LEU D 478 -22.90 80.78 19.54
CA LEU D 478 -21.53 80.55 20.01
C LEU D 478 -21.41 79.27 20.81
N GLN D 479 -22.47 78.86 21.50
CA GLN D 479 -22.45 77.61 22.23
C GLN D 479 -22.24 76.47 21.25
N GLU D 480 -23.09 76.40 20.23
CA GLU D 480 -22.96 75.35 19.21
C GLU D 480 -21.60 75.43 18.54
N LEU D 481 -21.07 76.63 18.34
CA LEU D 481 -19.74 76.76 17.74
C LEU D 481 -18.67 76.14 18.63
N SER D 482 -18.74 76.38 19.95
CA SER D 482 -17.73 75.87 20.87
C SER D 482 -17.94 74.40 21.22
N SER D 483 -19.14 73.87 21.01
CA SER D 483 -19.39 72.47 21.38
C SER D 483 -18.64 71.50 20.46
N ILE D 484 -18.57 71.79 19.17
CA ILE D 484 -18.01 70.84 18.22
C ILE D 484 -16.49 70.85 18.21
N ARG D 485 -15.84 71.93 18.68
CA ARG D 485 -14.39 71.99 18.68
C ARG D 485 -13.80 70.96 19.63
N HIS D 486 -14.43 70.75 20.79
CA HIS D 486 -13.96 69.73 21.71
C HIS D 486 -14.04 68.33 21.11
N PHE D 487 -15.12 68.05 20.39
CA PHE D 487 -15.26 66.75 19.74
C PHE D 487 -14.22 66.57 18.64
N LEU D 488 -13.95 67.63 17.86
CA LEU D 488 -12.91 67.54 16.84
C LEU D 488 -11.53 67.31 17.46
N GLU D 489 -11.23 67.99 18.57
CA GLU D 489 -9.96 67.77 19.24
C GLU D 489 -9.86 66.36 19.79
N LYS D 490 -10.95 65.84 20.35
CA LYS D 490 -10.96 64.45 20.84
C LYS D 490 -10.74 63.46 19.70
N ARG D 491 -11.35 63.73 18.54
CA ARG D 491 -11.14 62.87 17.37
C ARG D 491 -9.70 62.92 16.91
N ASP D 492 -9.10 64.10 16.88
CA ASP D 492 -7.74 64.26 16.36
C ASP D 492 -6.67 63.79 17.33
N GLU D 493 -6.95 63.75 18.63
CA GLU D 493 -5.92 63.39 19.60
C GLU D 493 -5.62 61.90 19.62
N MET D 494 -6.50 61.06 19.09
CA MET D 494 -6.35 59.62 19.22
C MET D 494 -5.25 59.06 18.33
N ARG D 495 -4.90 59.76 17.25
CA ARG D 495 -3.98 59.20 16.26
C ARG D 495 -2.58 58.98 16.85
N GLU D 496 -2.05 60.00 17.54
CA GLU D 496 -0.72 59.88 18.11
C GLU D 496 -0.68 58.83 19.23
N VAL D 497 -1.73 58.78 20.04
CA VAL D 497 -1.81 57.80 21.11
C VAL D 497 -1.83 56.38 20.54
N ALA D 498 -2.58 56.18 19.45
CA ALA D 498 -2.61 54.87 18.81
C ALA D 498 -1.27 54.52 18.18
N ARG D 499 -0.60 55.50 17.57
CA ARG D 499 0.64 55.24 16.84
C ARG D 499 1.88 55.19 17.73
N ASP D 500 1.77 55.57 19.00
CA ASP D 500 2.94 55.62 19.87
C ASP D 500 3.29 54.27 20.49
N TRP D 501 2.55 53.21 20.21
CA TRP D 501 2.79 51.93 20.87
C TRP D 501 3.09 50.80 19.88
N LEU D 502 3.98 51.04 18.91
CA LEU D 502 4.33 50.04 17.93
C LEU D 502 5.83 49.72 17.89
N ARG D 503 6.54 49.99 18.99
CA ARG D 503 8.00 49.82 19.01
C ARG D 503 8.44 48.47 19.56
N VAL D 504 7.70 47.87 20.49
CA VAL D 504 8.15 46.65 21.15
C VAL D 504 8.24 45.49 20.15
N GLY D 505 7.24 45.35 19.28
CA GLY D 505 7.30 44.32 18.25
C GLY D 505 8.41 44.59 17.24
N TYR D 506 8.57 45.85 16.84
CA TYR D 506 9.63 46.24 15.92
C TYR D 506 11.01 46.07 16.52
N VAL D 507 11.12 45.90 17.84
CA VAL D 507 12.40 45.60 18.48
C VAL D 507 12.60 44.10 18.64
N LEU D 508 11.57 43.38 19.11
CA LEU D 508 11.74 41.95 19.38
C LEU D 508 11.78 41.11 18.12
N ASP D 509 11.20 41.58 17.01
CA ASP D 509 11.29 40.81 15.78
C ASP D 509 12.72 40.70 15.29
N ARG D 510 13.54 41.73 15.53
CA ARG D 510 14.95 41.67 15.15
C ARG D 510 15.70 40.62 15.95
N LEU D 511 15.42 40.52 17.24
CA LEU D 511 16.05 39.47 18.05
C LEU D 511 15.59 38.08 17.60
N LEU D 512 14.30 37.93 17.29
CA LEU D 512 13.81 36.66 16.77
C LEU D 512 14.49 36.30 15.45
N PHE D 513 14.67 37.28 14.58
CA PHE D 513 15.39 37.05 13.33
C PHE D 513 16.85 36.70 13.57
N ARG D 514 17.47 37.30 14.59
CA ARG D 514 18.85 36.93 14.92
C ARG D 514 18.94 35.47 15.36
N ILE D 515 17.98 35.03 16.19
CA ILE D 515 17.94 33.62 16.58
C ILE D 515 17.74 32.73 15.36
N TYR D 516 16.88 33.16 14.44
CA TYR D 516 16.63 32.37 13.24
C TYR D 516 17.87 32.27 12.36
N LEU D 517 18.61 33.37 12.22
CA LEU D 517 19.85 33.35 11.45
C LEU D 517 20.90 32.46 12.10
N LEU D 518 21.00 32.50 13.44
CA LEU D 518 21.90 31.59 14.13
C LEU D 518 21.52 30.15 13.86
N ALA D 519 20.22 29.84 13.89
CA ALA D 519 19.77 28.48 13.64
C ALA D 519 20.10 28.02 12.23
N VAL D 520 19.87 28.87 11.23
CA VAL D 520 20.13 28.45 9.86
C VAL D 520 21.63 28.34 9.60
N LEU D 521 22.44 29.20 10.22
CA LEU D 521 23.89 29.07 10.10
C LEU D 521 24.37 27.76 10.72
N ALA D 522 23.82 27.39 11.88
CA ALA D 522 24.17 26.11 12.50
C ALA D 522 23.76 24.95 11.61
N TYR D 523 22.57 25.03 11.00
CA TYR D 523 22.11 23.97 10.11
C TYR D 523 23.04 23.83 8.91
N SER D 524 23.46 24.94 8.32
CA SER D 524 24.37 24.89 7.18
C SER D 524 25.72 24.31 7.59
N ILE D 525 26.22 24.68 8.77
CA ILE D 525 27.49 24.15 9.24
C ILE D 525 27.40 22.65 9.44
N THR D 526 26.30 22.17 10.02
CA THR D 526 26.12 20.74 10.21
C THR D 526 26.06 20.00 8.89
N LEU D 527 25.34 20.57 7.91
CA LEU D 527 25.28 19.94 6.59
C LEU D 527 26.66 19.89 5.93
N VAL D 528 27.43 20.97 6.07
CA VAL D 528 28.75 21.03 5.45
C VAL D 528 29.67 19.99 6.07
N THR D 529 29.67 19.87 7.40
CA THR D 529 30.56 18.90 8.02
C THR D 529 30.08 17.47 7.77
N LEU D 530 28.80 17.26 7.56
CA LEU D 530 28.40 15.91 7.23
C LEU D 530 28.91 15.58 5.82
N TRP D 531 28.68 16.48 4.88
CA TRP D 531 29.19 16.20 3.55
C TRP D 531 30.69 15.98 3.56
N SER D 532 31.40 16.71 4.42
CA SER D 532 32.85 16.51 4.52
C SER D 532 33.17 15.11 5.04
N ILE D 533 32.41 14.64 6.03
CA ILE D 533 32.58 13.27 6.53
C ILE D 533 32.27 12.27 5.43
N TRP D 534 31.21 12.53 4.65
CA TRP D 534 30.85 11.65 3.54
C TRP D 534 31.97 11.55 2.51
N HIS D 535 32.57 12.69 2.18
CA HIS D 535 33.65 12.71 1.19
C HIS D 535 34.92 12.05 1.74
N TYR D 536 35.21 12.26 3.02
CA TYR D 536 36.42 11.70 3.61
C TYR D 536 36.27 10.24 4.01
N SER D 537 35.07 9.69 3.97
CA SER D 537 34.89 8.29 4.34
C SER D 537 35.51 7.34 3.32
N GLU D 538 35.70 7.79 2.08
CA GLU D 538 36.19 6.91 1.02
C GLU D 538 37.70 6.98 0.81
N ASN D 539 38.41 7.80 1.61
CA ASN D 539 39.86 7.86 1.46
C ASN D 539 40.57 6.61 1.95
N LEU D 540 39.92 5.84 2.83
CA LEU D 540 40.52 4.61 3.34
C LEU D 540 40.43 3.48 2.30
N THR E 82 8.81 -61.40 -31.70
CA THR E 82 8.85 -60.03 -31.19
C THR E 82 7.58 -59.26 -31.58
N THR E 83 6.43 -59.75 -31.11
CA THR E 83 5.15 -59.13 -31.42
C THR E 83 4.90 -58.02 -30.39
N GLN E 84 5.55 -56.88 -30.60
CA GLN E 84 5.44 -55.73 -29.73
C GLN E 84 5.21 -54.47 -30.56
N PRO E 85 4.58 -53.46 -29.99
CA PRO E 85 4.43 -52.18 -30.70
C PRO E 85 5.78 -51.53 -30.95
N ALA E 86 5.84 -50.73 -32.02
CA ALA E 86 7.11 -50.13 -32.42
C ALA E 86 7.62 -49.13 -31.39
N LEU E 87 6.74 -48.28 -30.86
CA LEU E 87 7.18 -47.25 -29.92
C LEU E 87 7.71 -47.84 -28.63
N LEU E 88 7.01 -48.85 -28.10
CA LEU E 88 7.45 -49.47 -26.86
C LEU E 88 8.80 -50.16 -27.04
N ARG E 89 9.03 -50.80 -28.19
CA ARG E 89 10.29 -51.49 -28.49
C ARG E 89 11.41 -50.54 -28.73
N LEU E 90 11.14 -49.40 -29.30
CA LEU E 90 12.17 -48.37 -29.46
C LEU E 90 12.53 -47.72 -28.13
N SER E 91 11.53 -47.44 -27.29
CA SER E 91 11.82 -46.88 -25.98
C SER E 91 12.59 -47.86 -25.11
N ASP E 92 12.26 -49.15 -25.19
CA ASP E 92 13.00 -50.15 -24.44
C ASP E 92 14.44 -50.25 -24.93
N HIS E 93 14.64 -50.18 -26.25
CA HIS E 93 15.98 -50.32 -26.80
C HIS E 93 16.85 -49.11 -26.48
N LEU E 94 16.30 -47.91 -26.59
CA LEU E 94 17.12 -46.70 -26.41
C LEU E 94 17.47 -46.38 -24.96
N LEU E 95 16.50 -46.40 -24.07
CA LEU E 95 16.75 -46.01 -22.68
C LEU E 95 17.14 -47.18 -21.78
N ALA E 96 17.49 -48.32 -22.36
CA ALA E 96 17.88 -49.49 -21.58
C ALA E 96 19.15 -49.24 -20.76
N ASN E 97 20.16 -48.63 -21.37
CA ASN E 97 21.43 -48.44 -20.69
C ASN E 97 21.98 -47.01 -20.79
N TYR E 98 21.16 -46.07 -21.24
CA TYR E 98 21.60 -44.69 -21.34
C TYR E 98 21.65 -44.10 -19.94
N LYS E 99 22.85 -44.05 -19.37
CA LYS E 99 23.00 -43.48 -18.05
C LYS E 99 22.98 -41.97 -18.17
N LYS E 100 22.24 -41.30 -17.30
CA LYS E 100 22.25 -39.85 -17.32
C LYS E 100 23.40 -39.33 -16.48
N GLY E 101 23.96 -38.20 -16.90
CA GLY E 101 25.09 -37.62 -16.21
C GLY E 101 26.30 -37.46 -17.09
N VAL E 102 26.47 -38.40 -18.00
CA VAL E 102 27.57 -38.32 -18.92
C VAL E 102 27.25 -37.33 -20.01
N ARG E 103 28.17 -36.46 -20.31
CA ARG E 103 27.90 -35.55 -21.39
C ARG E 103 27.81 -36.47 -22.55
N PRO E 104 26.83 -36.25 -23.37
CA PRO E 104 26.68 -37.20 -24.43
C PRO E 104 27.64 -36.92 -25.52
N VAL E 105 28.74 -37.64 -25.58
CA VAL E 105 29.65 -37.46 -26.67
C VAL E 105 30.52 -38.67 -26.67
N ARG E 106 31.15 -38.97 -27.78
CA ARG E 106 31.91 -40.17 -27.83
C ARG E 106 33.39 -39.92 -27.63
N ASP E 107 33.89 -38.76 -28.02
CA ASP E 107 35.28 -38.43 -27.76
C ASP E 107 35.27 -37.20 -26.94
N TRP E 108 35.87 -37.26 -25.79
CA TRP E 108 35.78 -36.12 -24.94
C TRP E 108 36.36 -34.87 -25.59
N ARG E 109 36.99 -35.01 -26.74
CA ARG E 109 37.64 -33.81 -27.28
C ARG E 109 36.62 -32.84 -27.86
N LYS E 110 35.68 -33.34 -28.61
CA LYS E 110 34.77 -32.42 -29.26
C LYS E 110 33.74 -31.93 -28.31
N PRO E 111 33.49 -30.63 -28.33
CA PRO E 111 32.43 -30.10 -27.48
C PRO E 111 31.05 -30.28 -28.10
N THR E 112 30.04 -30.26 -27.24
CA THR E 112 28.65 -30.29 -27.69
C THR E 112 28.12 -28.87 -27.83
N THR E 113 27.27 -28.68 -28.83
CA THR E 113 26.74 -27.36 -29.16
C THR E 113 25.24 -27.34 -28.97
N VAL E 114 24.75 -26.35 -28.22
CA VAL E 114 23.33 -26.12 -28.03
C VAL E 114 22.95 -24.86 -28.79
N SER E 115 21.87 -24.94 -29.55
CA SER E 115 21.38 -23.80 -30.32
C SER E 115 20.01 -23.40 -29.79
N ILE E 116 19.83 -22.09 -29.58
CA ILE E 116 18.68 -21.57 -28.88
C ILE E 116 17.90 -20.61 -29.78
N ASP E 117 16.66 -20.34 -29.38
CA ASP E 117 15.80 -19.40 -30.07
C ASP E 117 14.76 -18.89 -29.07
N VAL E 118 14.51 -17.58 -29.10
CA VAL E 118 13.62 -16.94 -28.14
C VAL E 118 12.63 -16.05 -28.88
N ILE E 119 11.35 -16.17 -28.56
CA ILE E 119 10.32 -15.34 -29.19
C ILE E 119 9.50 -14.66 -28.10
N MET E 120 9.29 -13.35 -28.22
CA MET E 120 8.59 -12.61 -27.16
C MET E 120 7.06 -12.68 -27.24
N TYR E 121 6.41 -12.76 -26.09
CA TYR E 121 4.99 -12.80 -26.02
C TYR E 121 4.46 -11.54 -25.44
N ALA E 122 4.83 -11.14 -24.23
CA ALA E 122 4.24 -9.94 -23.66
C ALA E 122 5.18 -9.38 -22.61
N ILE E 123 4.92 -8.13 -22.22
CA ILE E 123 5.63 -7.48 -21.13
C ILE E 123 4.62 -7.21 -20.02
N LEU E 124 4.87 -7.78 -18.84
CA LEU E 124 3.87 -7.72 -17.78
C LEU E 124 4.04 -6.51 -16.88
N ASN E 125 5.27 -6.23 -16.46
CA ASN E 125 5.51 -5.15 -15.50
C ASN E 125 6.90 -4.59 -15.71
N VAL E 126 6.99 -3.26 -15.66
CA VAL E 126 8.27 -2.56 -15.67
C VAL E 126 8.26 -1.64 -14.45
N ASP E 127 8.79 -2.13 -13.33
CA ASP E 127 8.80 -1.37 -12.09
C ASP E 127 10.09 -0.57 -12.01
N GLU E 128 9.96 0.75 -11.95
CA GLU E 128 11.12 1.63 -11.91
C GLU E 128 11.60 1.93 -10.50
N LYS E 129 10.90 1.45 -9.48
CA LYS E 129 11.32 1.70 -8.11
C LYS E 129 12.60 0.98 -7.77
N ASN E 130 12.75 -0.27 -8.23
CA ASN E 130 13.92 -1.07 -7.90
C ASN E 130 14.47 -1.85 -9.09
N GLN E 131 14.25 -1.35 -10.31
CA GLN E 131 14.85 -1.91 -11.53
C GLN E 131 14.49 -3.39 -11.72
N VAL E 132 13.20 -3.63 -11.91
CA VAL E 132 12.67 -4.97 -12.10
C VAL E 132 11.89 -5.00 -13.41
N LEU E 133 12.22 -5.95 -14.27
CA LEU E 133 11.54 -6.14 -15.55
C LEU E 133 10.95 -7.54 -15.60
N THR E 134 9.66 -7.63 -15.89
CA THR E 134 8.96 -8.91 -16.00
C THR E 134 8.68 -9.20 -17.45
N THR E 135 9.13 -10.36 -17.92
CA THR E 135 8.98 -10.73 -19.33
C THR E 135 8.54 -12.18 -19.43
N TYR E 136 7.91 -12.50 -20.56
CA TYR E 136 7.42 -13.83 -20.87
C TYR E 136 7.93 -14.21 -22.25
N ILE E 137 8.57 -15.33 -22.40
CA ILE E 137 9.07 -15.64 -23.70
C ILE E 137 8.81 -17.06 -24.03
N TRP E 138 8.95 -17.46 -25.26
CA TRP E 138 8.85 -18.84 -25.59
C TRP E 138 10.29 -19.23 -25.87
N TYR E 139 10.64 -20.50 -26.00
CA TYR E 139 12.05 -20.90 -26.12
C TYR E 139 12.21 -22.14 -26.94
N ARG E 140 13.41 -22.56 -27.25
CA ARG E 140 13.63 -23.70 -28.09
C ARG E 140 15.09 -23.98 -28.09
N GLN E 141 15.48 -25.21 -27.79
CA GLN E 141 16.90 -25.54 -27.70
C GLN E 141 17.15 -26.92 -28.29
N TYR E 142 18.05 -26.99 -29.26
CA TYR E 142 18.41 -28.29 -29.81
C TYR E 142 19.86 -28.65 -29.57
N TRP E 143 20.11 -29.90 -29.21
CA TRP E 143 21.48 -30.35 -29.02
C TRP E 143 21.70 -31.72 -29.61
N THR E 144 22.80 -31.88 -30.34
CA THR E 144 23.11 -33.17 -30.94
C THR E 144 23.42 -34.18 -29.85
N ASP E 145 22.99 -35.41 -30.09
CA ASP E 145 23.12 -36.49 -29.13
C ASP E 145 23.82 -37.66 -29.79
N GLU E 146 24.53 -38.48 -29.05
CA GLU E 146 25.21 -39.55 -29.75
C GLU E 146 25.06 -40.89 -29.13
N PHE E 147 24.07 -41.06 -28.26
CA PHE E 147 23.80 -42.39 -27.74
C PHE E 147 22.35 -42.75 -28.06
N LEU E 148 21.66 -41.96 -28.86
CA LEU E 148 20.28 -42.25 -29.27
C LEU E 148 20.18 -42.28 -30.80
N GLN E 149 21.08 -43.01 -31.43
CA GLN E 149 21.01 -43.23 -32.86
C GLN E 149 20.38 -44.58 -33.14
N TRP E 150 19.44 -44.60 -34.08
CA TRP E 150 18.79 -45.85 -34.47
C TRP E 150 18.46 -45.79 -35.96
N THR E 151 18.32 -46.97 -36.56
CA THR E 151 17.99 -47.08 -37.97
C THR E 151 16.48 -47.20 -38.14
N PRO E 152 15.86 -46.30 -38.91
CA PRO E 152 14.40 -46.38 -39.08
C PRO E 152 13.94 -47.62 -39.82
N GLU E 153 14.83 -48.31 -40.53
CA GLU E 153 14.43 -49.50 -41.28
C GLU E 153 13.93 -50.61 -40.37
N ASP E 154 14.52 -50.74 -39.17
CA ASP E 154 14.18 -51.83 -38.27
C ASP E 154 12.87 -51.57 -37.54
N PHE E 155 12.77 -50.43 -36.86
CA PHE E 155 11.66 -50.15 -35.94
C PHE E 155 10.50 -49.44 -36.62
N ASP E 156 10.06 -50.01 -37.74
CA ASP E 156 8.82 -49.66 -38.43
C ASP E 156 8.79 -48.17 -38.80
N ASN E 157 9.86 -47.74 -39.45
CA ASN E 157 9.91 -46.46 -40.18
C ASN E 157 9.58 -45.27 -39.27
N VAL E 158 10.05 -45.34 -38.03
CA VAL E 158 9.84 -44.26 -37.08
C VAL E 158 10.96 -43.23 -37.23
N THR E 159 10.61 -41.95 -37.14
CA THR E 159 11.58 -40.87 -37.34
C THR E 159 11.53 -39.82 -36.25
N LYS E 160 10.58 -39.88 -35.32
CA LYS E 160 10.51 -38.90 -34.26
C LYS E 160 9.83 -39.54 -33.05
N LEU E 161 10.43 -39.37 -31.88
CA LEU E 161 9.95 -40.00 -30.67
C LEU E 161 9.88 -38.97 -29.54
N SER E 162 8.94 -39.18 -28.62
CA SER E 162 8.80 -38.34 -27.44
C SER E 162 9.25 -39.13 -26.21
N ILE E 163 10.19 -38.58 -25.47
CA ILE E 163 10.78 -39.26 -24.32
C ILE E 163 10.72 -38.35 -23.09
N PRO E 164 10.64 -38.90 -21.88
CA PRO E 164 10.61 -38.06 -20.68
C PRO E 164 11.91 -37.27 -20.53
N THR E 165 11.78 -36.07 -19.97
CA THR E 165 12.92 -35.17 -19.82
C THR E 165 13.84 -35.56 -18.66
N ASP E 166 13.42 -36.47 -17.79
CA ASP E 166 14.24 -36.89 -16.66
C ASP E 166 15.07 -38.13 -16.95
N SER E 167 14.99 -38.67 -18.16
CA SER E 167 15.73 -39.87 -18.53
C SER E 167 16.94 -39.61 -19.41
N ILE E 168 17.21 -38.35 -19.75
CA ILE E 168 18.32 -38.00 -20.63
C ILE E 168 19.08 -36.82 -20.03
N TRP E 169 20.10 -36.37 -20.75
CA TRP E 169 20.98 -35.30 -20.33
C TRP E 169 20.46 -33.97 -20.83
N VAL E 170 20.32 -33.01 -19.92
CA VAL E 170 19.80 -31.69 -20.24
C VAL E 170 20.84 -30.66 -19.82
N PRO E 171 21.30 -29.78 -20.71
CA PRO E 171 22.29 -28.78 -20.31
C PRO E 171 21.71 -27.76 -19.37
N ASP E 172 22.59 -27.16 -18.57
CA ASP E 172 22.20 -26.18 -17.56
C ASP E 172 22.29 -24.75 -18.08
N ILE E 173 21.57 -24.51 -19.18
CA ILE E 173 21.51 -23.19 -19.80
C ILE E 173 20.60 -22.33 -18.92
N LEU E 174 21.21 -21.45 -18.12
CA LEU E 174 20.48 -20.59 -17.19
C LEU E 174 20.80 -19.14 -17.51
N ILE E 175 19.77 -18.31 -17.57
CA ILE E 175 19.94 -16.90 -17.88
C ILE E 175 20.52 -16.17 -16.68
N ASN E 176 21.40 -15.20 -16.94
CA ASN E 176 21.94 -14.35 -15.90
C ASN E 176 20.99 -13.18 -15.65
N GLU E 177 21.39 -12.29 -14.75
CA GLU E 177 20.59 -11.15 -14.31
C GLU E 177 19.17 -11.56 -13.92
N PHE E 178 19.06 -12.65 -13.16
CA PHE E 178 17.75 -13.17 -12.78
C PHE E 178 17.48 -12.86 -11.32
N VAL E 179 16.22 -12.51 -11.03
CA VAL E 179 15.73 -12.35 -9.67
C VAL E 179 14.46 -13.19 -9.54
N ASP E 180 14.39 -13.98 -8.47
CA ASP E 180 13.29 -14.92 -8.19
C ASP E 180 12.84 -15.67 -9.46
N VAL E 181 13.80 -16.27 -10.14
CA VAL E 181 13.48 -17.06 -11.32
C VAL E 181 12.73 -18.33 -10.89
N GLY E 182 11.74 -18.66 -11.72
CA GLY E 182 10.85 -19.75 -11.38
C GLY E 182 9.48 -19.37 -11.94
N LYS E 183 8.39 -19.68 -11.24
CA LYS E 183 7.04 -19.32 -11.68
C LYS E 183 6.68 -19.82 -13.06
N SER E 184 7.29 -20.90 -13.52
CA SER E 184 7.05 -21.41 -14.85
C SER E 184 7.09 -22.90 -14.84
N PRO E 185 6.11 -23.55 -15.43
CA PRO E 185 6.08 -25.01 -15.33
C PRO E 185 7.26 -25.64 -16.05
N ASN E 186 7.38 -26.95 -15.87
CA ASN E 186 8.37 -27.75 -16.59
C ASN E 186 7.67 -28.70 -17.56
N ILE E 187 8.21 -28.81 -18.76
CA ILE E 187 7.65 -29.71 -19.77
C ILE E 187 8.25 -31.09 -19.55
N PRO E 188 7.41 -32.12 -19.33
CA PRO E 188 7.93 -33.44 -18.98
C PRO E 188 8.33 -34.29 -20.17
N TYR E 189 8.27 -33.77 -21.39
CA TYR E 189 8.60 -34.54 -22.58
C TYR E 189 9.52 -33.73 -23.48
N VAL E 190 10.33 -34.44 -24.27
CA VAL E 190 11.20 -33.85 -25.27
C VAL E 190 11.20 -34.73 -26.52
N TYR E 191 11.46 -34.13 -27.67
CA TYR E 191 11.60 -34.85 -28.92
C TYR E 191 13.01 -35.39 -29.12
N VAL E 192 13.09 -36.49 -29.87
CA VAL E 192 14.35 -37.03 -30.36
C VAL E 192 14.12 -37.55 -31.77
N HIS E 193 15.07 -37.24 -32.66
CA HIS E 193 15.11 -37.75 -34.02
C HIS E 193 16.19 -38.83 -34.12
N HIS E 194 16.37 -39.36 -35.31
CA HIS E 194 17.46 -40.31 -35.49
C HIS E 194 18.76 -39.52 -35.53
N ARG E 195 19.90 -40.17 -35.30
CA ARG E 195 21.22 -39.50 -35.28
C ARG E 195 21.49 -38.63 -34.03
N GLY E 196 20.45 -38.29 -33.27
CA GLY E 196 20.66 -37.53 -32.04
C GLY E 196 20.11 -36.11 -31.96
N GLU E 197 19.31 -35.72 -32.92
CA GLU E 197 18.71 -34.38 -32.91
C GLU E 197 17.70 -34.32 -31.78
N VAL E 198 18.06 -33.64 -30.67
CA VAL E 198 17.20 -33.56 -29.49
C VAL E 198 16.70 -32.13 -29.37
N GLN E 199 15.38 -31.97 -29.26
CA GLN E 199 14.73 -30.68 -29.22
C GLN E 199 13.97 -30.52 -27.90
N ASN E 200 13.70 -29.26 -27.55
CA ASN E 200 12.96 -28.96 -26.32
C ASN E 200 12.30 -27.60 -26.46
N TYR E 201 11.04 -27.52 -26.04
CA TYR E 201 10.25 -26.29 -26.04
C TYR E 201 9.83 -26.00 -24.61
N LYS E 202 9.95 -24.75 -24.18
CA LYS E 202 9.54 -24.42 -22.82
C LYS E 202 9.26 -22.93 -22.72
N PRO E 203 8.32 -22.53 -21.87
CA PRO E 203 8.12 -21.11 -21.58
C PRO E 203 8.94 -20.66 -20.39
N LEU E 204 9.41 -19.41 -20.46
CA LEU E 204 10.15 -18.81 -19.35
C LEU E 204 9.50 -17.49 -18.97
N GLN E 205 9.17 -17.34 -17.71
CA GLN E 205 8.68 -16.09 -17.14
C GLN E 205 9.78 -15.55 -16.25
N LEU E 206 10.44 -14.48 -16.71
CA LEU E 206 11.68 -14.01 -16.11
C LEU E 206 11.47 -12.65 -15.44
N VAL E 207 11.99 -12.53 -14.23
CA VAL E 207 12.07 -11.26 -13.52
C VAL E 207 13.54 -10.89 -13.48
N THR E 208 13.93 -9.92 -14.31
CA THR E 208 15.32 -9.55 -14.50
C THR E 208 15.59 -8.15 -13.95
N ALA E 209 16.88 -7.84 -13.81
CA ALA E 209 17.34 -6.55 -13.35
C ALA E 209 17.88 -5.76 -14.54
N CYS E 210 17.24 -4.63 -14.84
CA CYS E 210 17.60 -3.80 -15.99
C CYS E 210 17.81 -2.37 -15.52
N SER E 211 18.80 -1.69 -16.06
CA SER E 211 19.02 -0.31 -15.68
C SER E 211 18.13 0.59 -16.45
N LEU E 212 17.01 0.97 -15.83
CA LEU E 212 16.04 1.81 -16.49
C LEU E 212 16.33 3.28 -16.26
N ASP E 213 16.30 4.07 -17.33
CA ASP E 213 16.57 5.50 -17.21
C ASP E 213 15.26 6.28 -17.11
N ILE E 214 15.01 6.89 -15.96
CA ILE E 214 13.79 7.69 -15.78
C ILE E 214 13.86 8.99 -16.57
N TYR E 215 15.06 9.41 -16.96
CA TYR E 215 15.21 10.60 -17.79
C TYR E 215 14.39 10.41 -19.04
N ASN E 216 13.80 11.48 -19.57
CA ASN E 216 12.92 11.36 -20.74
C ASN E 216 11.77 10.44 -20.32
N PHE E 217 11.06 10.82 -19.28
CA PHE E 217 9.95 9.99 -18.80
C PHE E 217 8.80 9.82 -19.80
N PRO E 218 8.25 10.92 -20.34
CA PRO E 218 7.09 10.69 -21.23
C PRO E 218 7.41 9.83 -22.44
N PHE E 219 8.62 9.95 -22.98
CA PHE E 219 8.97 9.22 -24.20
C PHE E 219 10.25 8.40 -24.11
N ASP E 220 10.36 7.50 -23.12
CA ASP E 220 11.61 6.77 -22.93
C ASP E 220 11.88 5.64 -23.92
N VAL E 221 13.16 5.37 -24.19
CA VAL E 221 13.52 4.26 -25.06
C VAL E 221 14.45 3.39 -24.23
N GLN E 222 13.95 2.25 -23.76
CA GLN E 222 14.74 1.42 -22.87
C GLN E 222 15.48 0.32 -23.65
N ASN E 223 16.66 -0.02 -23.15
CA ASN E 223 17.58 -0.96 -23.79
C ASN E 223 17.97 -1.98 -22.73
N CYS E 224 17.25 -3.10 -22.67
CA CYS E 224 17.49 -4.12 -21.65
C CYS E 224 18.30 -5.28 -22.24
N SER E 225 18.91 -6.05 -21.34
CA SER E 225 19.82 -7.12 -21.75
C SER E 225 19.42 -8.44 -21.12
N LEU E 226 19.52 -9.51 -21.91
CA LEU E 226 19.28 -10.87 -21.45
C LEU E 226 20.51 -11.70 -21.79
N THR E 227 21.11 -12.35 -20.80
CA THR E 227 22.38 -13.05 -20.98
C THR E 227 22.19 -14.54 -20.75
N PHE E 228 22.33 -15.33 -21.80
CA PHE E 228 22.26 -16.78 -21.73
C PHE E 228 23.67 -17.35 -21.73
N THR E 229 23.95 -18.21 -20.76
CA THR E 229 25.24 -18.89 -20.67
C THR E 229 25.08 -20.14 -19.83
N SER E 230 26.06 -21.03 -19.95
CA SER E 230 26.13 -22.21 -19.10
C SER E 230 26.78 -21.82 -17.77
N TRP E 231 26.12 -22.16 -16.66
CA TRP E 231 26.64 -21.73 -15.37
C TRP E 231 27.91 -22.48 -15.00
N LEU E 232 28.08 -23.69 -15.50
CA LEU E 232 29.22 -24.52 -15.13
C LEU E 232 30.22 -24.74 -16.27
N HIS E 233 29.73 -25.12 -17.44
CA HIS E 233 30.62 -25.60 -18.49
C HIS E 233 31.33 -24.44 -19.18
N THR E 234 32.46 -24.76 -19.79
CA THR E 234 33.35 -23.80 -20.41
C THR E 234 33.12 -23.76 -21.92
N ILE E 235 33.97 -23.01 -22.62
CA ILE E 235 33.81 -22.87 -24.07
C ILE E 235 34.13 -24.17 -24.78
N GLN E 236 35.03 -24.98 -24.23
CA GLN E 236 35.41 -26.25 -24.84
C GLN E 236 34.50 -27.39 -24.40
N ASP E 237 33.43 -27.09 -23.68
CA ASP E 237 32.42 -28.07 -23.29
C ASP E 237 31.06 -27.77 -23.88
N ILE E 238 30.59 -26.53 -23.78
CA ILE E 238 29.30 -26.12 -24.34
C ILE E 238 29.48 -24.83 -25.12
N ASN E 239 29.07 -24.84 -26.39
CA ASN E 239 29.06 -23.66 -27.24
C ASN E 239 27.61 -23.36 -27.64
N ILE E 240 27.25 -22.09 -27.62
CA ILE E 240 25.88 -21.66 -27.88
C ILE E 240 25.82 -20.89 -29.18
N THR E 241 25.13 -21.41 -30.18
CA THR E 241 25.00 -20.77 -31.46
C THR E 241 23.54 -20.41 -31.63
N LEU E 242 23.07 -20.18 -32.84
CA LEU E 242 21.69 -19.74 -33.02
C LEU E 242 20.94 -20.60 -34.04
N TRP E 243 19.64 -20.82 -33.86
CA TRP E 243 18.87 -21.68 -34.74
C TRP E 243 18.69 -21.00 -36.03
N ARG E 244 18.06 -19.85 -36.00
CA ARG E 244 17.85 -19.06 -37.20
C ARG E 244 18.86 -17.90 -37.28
N SER E 245 18.95 -17.19 -38.38
CA SER E 245 19.97 -16.10 -38.50
C SER E 245 19.62 -14.85 -37.71
N PRO E 246 20.62 -13.95 -37.56
CA PRO E 246 20.25 -12.83 -36.71
C PRO E 246 19.16 -11.97 -37.31
N GLU E 247 19.13 -11.83 -38.61
CA GLU E 247 18.14 -10.94 -39.16
C GLU E 247 16.76 -11.41 -38.84
N GLU E 248 16.46 -12.66 -39.12
CA GLU E 248 15.11 -13.14 -38.93
C GLU E 248 14.73 -13.12 -37.49
N VAL E 249 15.70 -13.07 -36.61
CA VAL E 249 15.46 -13.00 -35.17
C VAL E 249 15.19 -11.56 -34.76
N ARG E 250 15.84 -10.60 -35.42
CA ARG E 250 15.71 -9.19 -35.05
C ARG E 250 14.27 -8.71 -35.22
N SER E 251 13.62 -9.07 -36.31
CA SER E 251 12.25 -8.63 -36.60
C SER E 251 11.33 -9.82 -36.39
N ASP E 252 10.71 -9.91 -35.20
CA ASP E 252 9.81 -11.01 -34.87
C ASP E 252 8.72 -10.50 -33.93
N LYS E 253 7.59 -10.10 -34.52
CA LYS E 253 6.46 -9.59 -33.78
C LYS E 253 5.17 -10.29 -34.19
N SER E 254 5.27 -11.53 -34.66
CA SER E 254 4.12 -12.28 -35.13
C SER E 254 3.27 -12.85 -34.01
N ILE E 255 3.76 -12.81 -32.77
CA ILE E 255 3.06 -13.42 -31.64
C ILE E 255 2.77 -12.36 -30.60
N PHE E 256 3.59 -11.31 -30.58
CA PHE E 256 3.48 -10.26 -29.57
C PHE E 256 2.14 -9.55 -29.67
N ILE E 257 1.54 -9.26 -28.53
CA ILE E 257 0.26 -8.57 -28.46
C ILE E 257 0.50 -7.09 -28.20
N ASN E 258 -0.02 -6.24 -29.08
CA ASN E 258 0.18 -4.79 -29.00
C ASN E 258 -0.96 -4.11 -28.25
N GLN E 259 -1.24 -4.57 -27.02
CA GLN E 259 -2.30 -3.98 -26.21
C GLN E 259 -1.78 -3.27 -24.96
N GLY E 260 -0.53 -3.50 -24.57
CA GLY E 260 0.02 -2.91 -23.37
C GLY E 260 0.54 -1.50 -23.60
N GLU E 261 1.26 -1.00 -22.60
CA GLU E 261 1.85 0.32 -22.65
C GLU E 261 3.28 0.32 -23.17
N TRP E 262 3.79 -0.84 -23.59
CA TRP E 262 5.12 -0.95 -24.16
C TRP E 262 5.03 -1.63 -25.52
N GLU E 263 5.95 -1.28 -26.41
CA GLU E 263 5.90 -1.74 -27.79
C GLU E 263 7.29 -2.17 -28.22
N LEU E 264 7.39 -3.34 -28.85
CA LEU E 264 8.70 -3.88 -29.21
C LEU E 264 9.29 -3.16 -30.41
N LEU E 265 10.60 -2.97 -30.38
CA LEU E 265 11.32 -2.36 -31.48
C LEU E 265 12.37 -3.28 -32.09
N GLU E 266 13.20 -3.92 -31.28
CA GLU E 266 14.30 -4.70 -31.79
C GLU E 266 14.73 -5.74 -30.76
N VAL E 267 15.03 -6.94 -31.24
CA VAL E 267 15.60 -8.01 -30.42
C VAL E 267 16.88 -8.44 -31.12
N PHE E 268 18.00 -7.85 -30.72
CA PHE E 268 19.28 -8.06 -31.41
C PHE E 268 20.11 -9.09 -30.68
N PRO E 269 20.49 -10.19 -31.33
CA PRO E 269 21.37 -11.17 -30.70
C PRO E 269 22.85 -10.92 -30.97
N GLN E 270 23.67 -11.27 -29.99
CA GLN E 270 25.11 -11.19 -30.13
C GLN E 270 25.74 -12.32 -29.35
N PHE E 271 26.93 -12.74 -29.78
CA PHE E 271 27.65 -13.83 -29.13
C PHE E 271 29.08 -13.40 -28.85
N LYS E 272 29.57 -13.73 -27.67
CA LYS E 272 30.97 -13.45 -27.33
C LYS E 272 31.40 -14.40 -26.22
N GLU E 273 32.57 -14.11 -25.65
CA GLU E 273 33.20 -14.96 -24.65
C GLU E 273 33.37 -14.17 -23.36
N PHE E 274 33.03 -14.79 -22.23
CA PHE E 274 33.15 -14.14 -20.94
C PHE E 274 34.24 -14.76 -20.08
N SER E 275 35.37 -14.08 -19.95
CA SER E 275 36.45 -14.58 -19.09
C SER E 275 36.86 -13.50 -18.11
N ILE E 276 37.01 -13.85 -16.84
CA ILE E 276 37.32 -12.85 -15.82
C ILE E 276 38.72 -13.03 -15.26
N ASP E 277 39.07 -14.27 -14.96
CA ASP E 277 40.40 -14.57 -14.47
C ASP E 277 41.31 -14.93 -15.64
N ILE E 278 42.45 -15.53 -15.35
CA ILE E 278 43.38 -15.88 -16.42
C ILE E 278 43.29 -17.36 -16.70
N SER E 279 42.14 -17.97 -16.38
CA SER E 279 42.03 -19.43 -16.54
C SER E 279 40.81 -19.95 -17.30
N ASN E 280 39.60 -19.52 -16.94
CA ASN E 280 38.42 -20.12 -17.58
C ASN E 280 37.83 -19.33 -18.77
N SER E 281 37.36 -20.03 -19.81
CA SER E 281 36.73 -19.32 -20.92
C SER E 281 35.29 -19.76 -21.04
N TYR E 282 34.37 -18.79 -21.10
CA TYR E 282 32.96 -19.14 -21.14
C TYR E 282 32.21 -18.56 -22.33
N ALA E 283 31.25 -19.28 -22.86
CA ALA E 283 30.40 -18.78 -23.94
C ALA E 283 29.40 -17.76 -23.38
N GLU E 284 28.83 -16.91 -24.23
CA GLU E 284 27.85 -15.96 -23.76
C GLU E 284 27.03 -15.47 -24.95
N MET E 285 25.71 -15.44 -24.79
CA MET E 285 24.83 -14.89 -25.80
C MET E 285 23.96 -13.81 -25.17
N LYS E 286 24.07 -12.59 -25.72
CA LYS E 286 23.36 -11.44 -25.19
C LYS E 286 22.28 -11.02 -26.18
N PHE E 287 21.04 -10.98 -25.70
CA PHE E 287 19.92 -10.45 -26.45
C PHE E 287 19.62 -9.05 -25.93
N TYR E 288 19.74 -8.06 -26.82
CA TYR E 288 19.40 -6.69 -26.51
C TYR E 288 17.96 -6.45 -26.94
N VAL E 289 17.13 -6.01 -26.01
CA VAL E 289 15.70 -5.82 -26.24
C VAL E 289 15.42 -4.33 -26.12
N ILE E 290 14.78 -3.76 -27.15
CA ILE E 290 14.50 -2.32 -27.21
C ILE E 290 13.00 -2.11 -27.02
N ILE E 291 12.61 -1.28 -26.10
CA ILE E 291 11.22 -1.09 -25.86
C ILE E 291 10.91 0.38 -25.87
N ARG E 292 9.72 0.80 -26.29
CA ARG E 292 9.33 2.19 -26.24
C ARG E 292 8.10 2.29 -25.43
N ARG E 293 7.75 3.48 -24.97
CA ARG E 293 6.51 3.64 -24.22
C ARG E 293 5.50 4.36 -25.05
N ARG E 294 4.25 3.96 -24.91
CA ARG E 294 3.20 4.57 -25.69
C ARG E 294 2.70 5.65 -24.81
N PRO E 295 2.97 6.95 -25.15
CA PRO E 295 2.57 7.94 -24.15
C PRO E 295 1.32 8.76 -24.43
N LEU E 296 0.48 8.39 -25.39
CA LEU E 296 -0.68 9.21 -25.73
C LEU E 296 -1.59 9.42 -24.53
N PHE E 297 -1.94 8.32 -23.86
CA PHE E 297 -2.85 8.40 -22.72
C PHE E 297 -2.23 9.08 -21.51
N TYR E 298 -0.93 8.88 -21.30
CA TYR E 298 -0.25 9.52 -20.18
C TYR E 298 -0.19 11.03 -20.41
N ALA E 299 0.05 11.44 -21.65
CA ALA E 299 0.13 12.87 -21.96
C ALA E 299 -1.17 13.59 -21.63
N VAL E 300 -2.30 13.08 -22.10
CA VAL E 300 -3.57 13.79 -21.89
C VAL E 300 -3.96 13.88 -20.40
N SER E 301 -3.32 13.09 -19.55
CA SER E 301 -3.66 13.09 -18.12
C SER E 301 -2.66 13.86 -17.26
N LEU E 302 -1.57 14.33 -17.85
CA LEU E 302 -0.53 15.02 -17.08
C LEU E 302 -0.15 16.36 -17.70
N LEU E 303 -0.04 16.40 -19.03
CA LEU E 303 0.36 17.61 -19.72
C LEU E 303 -0.78 18.58 -19.90
N LEU E 304 -1.86 18.08 -20.46
CA LEU E 304 -3.05 18.92 -20.61
C LEU E 304 -3.44 19.67 -19.34
N PRO E 305 -3.47 19.08 -18.14
CA PRO E 305 -3.70 19.91 -16.95
C PRO E 305 -2.61 20.94 -16.71
N SER E 306 -1.36 20.64 -17.06
CA SER E 306 -0.28 21.62 -16.89
C SER E 306 -0.44 22.79 -17.85
N ILE E 307 -0.79 22.51 -19.11
CA ILE E 307 -1.04 23.58 -20.07
C ILE E 307 -2.29 24.37 -19.69
N PHE E 308 -3.32 23.70 -19.18
CA PHE E 308 -4.53 24.41 -18.77
C PHE E 308 -4.28 25.29 -17.55
N LEU E 309 -3.48 24.81 -16.59
CA LEU E 309 -3.12 25.61 -15.42
C LEU E 309 -2.06 26.66 -15.73
N MET E 310 -1.72 26.86 -17.00
CA MET E 310 -0.79 27.95 -17.31
C MET E 310 -1.59 29.19 -17.70
N VAL E 311 -2.82 29.27 -17.22
CA VAL E 311 -3.67 30.44 -17.43
C VAL E 311 -3.75 31.26 -16.15
N VAL E 312 -3.10 30.80 -15.09
CA VAL E 312 -3.15 31.52 -13.81
C VAL E 312 -2.47 32.89 -13.95
N ASP E 313 -1.36 32.93 -14.69
CA ASP E 313 -0.73 34.22 -14.97
C ASP E 313 -1.61 35.08 -15.86
N ILE E 314 -2.39 34.46 -16.75
CA ILE E 314 -3.31 35.22 -17.58
C ILE E 314 -4.40 35.86 -16.73
N VAL E 315 -4.86 35.15 -15.70
CA VAL E 315 -5.92 35.68 -14.85
C VAL E 315 -5.39 36.82 -13.98
N GLY E 316 -4.42 36.55 -13.10
CA GLY E 316 -3.95 37.59 -12.22
C GLY E 316 -3.02 38.56 -12.92
N PHE E 317 -3.57 39.62 -13.53
CA PHE E 317 -2.72 40.60 -14.21
C PHE E 317 -3.18 42.04 -14.06
N CYS E 318 -2.20 42.94 -13.88
CA CYS E 318 -2.48 44.38 -13.73
C CYS E 318 -3.36 44.79 -12.54
N LEU E 319 -2.89 44.59 -11.31
CA LEU E 319 -3.65 45.08 -10.14
C LEU E 319 -2.76 45.42 -8.92
N PRO E 320 -1.76 46.30 -9.09
CA PRO E 320 -0.98 46.69 -7.91
C PRO E 320 -1.78 47.41 -6.80
N PRO E 321 -2.67 48.38 -7.14
CA PRO E 321 -3.43 48.97 -6.02
C PRO E 321 -4.35 47.95 -5.38
N ASP E 322 -5.00 47.12 -6.18
CA ASP E 322 -5.91 46.11 -5.66
C ASP E 322 -5.16 44.81 -5.35
N SER E 323 -3.95 44.93 -4.80
CA SER E 323 -3.20 43.73 -4.46
C SER E 323 -3.80 42.95 -3.30
N GLY E 324 -4.82 43.49 -2.61
CA GLY E 324 -5.56 42.67 -1.68
C GLY E 324 -6.27 41.53 -2.38
N GLU E 325 -6.96 41.85 -3.49
CA GLU E 325 -7.57 40.81 -4.30
C GLU E 325 -6.52 39.92 -4.95
N ARG E 326 -5.39 40.50 -5.36
CA ARG E 326 -4.32 39.72 -5.98
C ARG E 326 -3.76 38.69 -5.00
N VAL E 327 -3.41 39.20 -3.83
CA VAL E 327 -2.84 38.33 -2.82
C VAL E 327 -3.92 37.30 -2.55
N SER E 328 -5.18 37.70 -2.47
CA SER E 328 -6.22 36.72 -2.29
C SER E 328 -6.04 35.63 -3.31
N PHE E 329 -6.04 36.03 -4.57
CA PHE E 329 -5.94 35.06 -5.65
C PHE E 329 -4.81 34.08 -5.51
N LYS E 330 -3.60 34.57 -5.31
CA LYS E 330 -2.49 33.65 -5.30
C LYS E 330 -2.43 32.81 -4.04
N ILE E 331 -2.83 33.35 -2.91
CA ILE E 331 -2.71 32.62 -1.65
C ILE E 331 -3.53 31.35 -1.74
N THR E 332 -4.55 31.34 -2.59
CA THR E 332 -5.34 30.14 -2.81
C THR E 332 -4.86 29.33 -4.00
N LEU E 333 -4.40 29.99 -5.07
CA LEU E 333 -3.81 29.24 -6.18
C LEU E 333 -2.50 28.55 -5.80
N LEU E 334 -1.66 29.16 -4.97
CA LEU E 334 -0.44 28.52 -4.50
C LEU E 334 -0.70 27.25 -3.71
N LEU E 335 -1.95 26.97 -3.35
CA LEU E 335 -2.34 25.71 -2.73
C LEU E 335 -3.23 24.86 -3.60
N GLY E 336 -3.97 25.45 -4.56
CA GLY E 336 -4.92 24.69 -5.34
C GLY E 336 -4.30 23.57 -6.16
N TYR E 337 -3.18 23.85 -6.81
CA TYR E 337 -2.37 22.82 -7.43
C TYR E 337 -1.29 22.23 -6.52
N SER E 338 -0.91 22.92 -5.44
CA SER E 338 0.04 22.33 -4.51
C SER E 338 -0.54 21.16 -3.74
N VAL E 339 -1.86 21.12 -3.56
CA VAL E 339 -2.48 20.02 -2.84
C VAL E 339 -2.49 18.74 -3.66
N PHE E 340 -2.68 18.85 -4.98
CA PHE E 340 -2.62 17.63 -5.81
C PHE E 340 -1.21 17.39 -6.31
N LEU E 341 -0.27 18.26 -5.98
CA LEU E 341 1.12 17.99 -6.34
C LEU E 341 1.50 16.74 -5.58
N ILE E 342 0.90 16.54 -4.41
CA ILE E 342 1.13 15.35 -3.62
C ILE E 342 0.75 14.11 -4.42
N ILE E 343 -0.46 14.09 -4.96
CA ILE E 343 -0.93 12.93 -5.72
C ILE E 343 -0.15 12.80 -7.03
N VAL E 344 0.33 13.91 -7.57
CA VAL E 344 1.15 13.85 -8.77
C VAL E 344 2.43 13.10 -8.42
N SER E 345 3.08 13.51 -7.34
CA SER E 345 4.32 12.84 -6.94
C SER E 345 4.07 11.40 -6.52
N ASP E 346 2.88 11.12 -5.98
CA ASP E 346 2.52 9.74 -5.69
C ASP E 346 2.39 8.91 -6.96
N THR E 347 1.83 9.49 -8.02
CA THR E 347 1.66 8.75 -9.28
C THR E 347 2.97 8.59 -10.06
N LEU E 348 3.96 9.43 -9.80
CA LEU E 348 5.25 9.25 -10.46
C LEU E 348 5.90 7.95 -9.98
N PRO E 349 6.43 7.12 -10.95
CA PRO E 349 7.19 5.96 -10.47
C PRO E 349 8.50 6.51 -9.97
N ALA E 350 8.58 6.79 -8.68
CA ALA E 350 9.76 7.43 -8.11
C ALA E 350 10.97 6.51 -8.16
N THR E 351 12.09 7.04 -8.63
CA THR E 351 13.35 6.32 -8.73
C THR E 351 14.40 7.06 -7.94
N ALA E 352 15.26 6.35 -7.24
CA ALA E 352 16.28 7.03 -6.49
C ALA E 352 17.08 7.86 -7.45
N ILE E 353 17.60 7.25 -8.50
CA ILE E 353 18.29 8.06 -9.52
C ILE E 353 17.19 8.64 -10.41
N GLY E 354 16.58 9.73 -9.93
CA GLY E 354 15.48 10.31 -10.68
C GLY E 354 15.53 11.79 -10.95
N THR E 355 15.66 12.16 -12.22
CA THR E 355 15.64 13.58 -12.59
C THR E 355 14.91 13.82 -13.94
N PRO E 356 13.58 13.66 -13.95
CA PRO E 356 12.85 13.84 -15.20
C PRO E 356 12.88 15.29 -15.69
N LEU E 357 12.90 15.50 -17.00
CA LEU E 357 12.90 16.85 -17.55
C LEU E 357 11.69 17.63 -17.10
N ILE E 358 10.52 16.99 -17.11
CA ILE E 358 9.30 17.65 -16.65
C ILE E 358 9.37 17.88 -15.16
N GLY E 359 9.89 16.90 -14.42
CA GLY E 359 9.93 17.01 -12.97
C GLY E 359 10.88 18.06 -12.43
N VAL E 360 11.71 18.66 -13.29
CA VAL E 360 12.57 19.76 -12.85
C VAL E 360 12.01 21.07 -13.38
N TYR E 361 11.38 21.04 -14.57
CA TYR E 361 10.73 22.24 -15.08
C TYR E 361 9.53 22.63 -14.23
N PHE E 362 8.74 21.63 -13.80
CA PHE E 362 7.57 21.90 -12.97
C PHE E 362 7.97 22.47 -11.62
N VAL E 363 9.20 22.21 -11.18
CA VAL E 363 9.67 22.72 -9.90
C VAL E 363 10.15 24.16 -10.05
N VAL E 364 11.02 24.40 -11.04
CA VAL E 364 11.50 25.77 -11.28
C VAL E 364 10.35 26.67 -11.72
N CYS E 365 9.32 26.09 -12.35
CA CYS E 365 8.15 26.89 -12.72
C CYS E 365 7.53 27.44 -11.46
N MET E 366 7.35 26.59 -10.46
CA MET E 366 6.76 27.06 -9.22
C MET E 366 7.69 27.99 -8.45
N ALA E 367 8.99 27.68 -8.45
CA ALA E 367 9.96 28.56 -7.79
C ALA E 367 9.87 29.97 -8.35
N LEU E 368 9.90 30.10 -9.66
CA LEU E 368 9.80 31.40 -10.30
C LEU E 368 8.50 32.11 -9.92
N LEU E 369 7.39 31.36 -9.89
CA LEU E 369 6.13 31.97 -9.50
C LEU E 369 6.17 32.39 -8.03
N VAL E 370 6.79 31.57 -7.18
CA VAL E 370 6.87 31.92 -5.76
C VAL E 370 7.69 33.18 -5.55
N ILE E 371 8.83 33.30 -6.23
CA ILE E 371 9.66 34.49 -6.04
C ILE E 371 8.99 35.71 -6.66
N SER E 372 8.24 35.54 -7.75
CA SER E 372 7.47 36.65 -8.30
C SER E 372 6.46 37.17 -7.29
N LEU E 373 5.73 36.25 -6.65
CA LEU E 373 4.75 36.67 -5.65
C LEU E 373 5.42 37.28 -4.44
N ALA E 374 6.60 36.80 -4.06
CA ALA E 374 7.33 37.41 -2.95
C ALA E 374 7.70 38.85 -3.28
N GLU E 375 8.17 39.09 -4.51
CA GLU E 375 8.49 40.46 -4.92
C GLU E 375 7.26 41.35 -4.92
N THR E 376 6.13 40.85 -5.43
CA THR E 376 4.91 41.65 -5.44
C THR E 376 4.43 41.97 -4.04
N ILE E 377 4.46 41.00 -3.13
CA ILE E 377 4.03 41.25 -1.76
C ILE E 377 4.95 42.25 -1.08
N PHE E 378 6.26 42.14 -1.31
CA PHE E 378 7.19 43.12 -0.74
C PHE E 378 6.91 44.51 -1.28
N ILE E 379 6.63 44.63 -2.58
CA ILE E 379 6.36 45.93 -3.18
C ILE E 379 5.08 46.53 -2.59
N VAL E 380 4.02 45.73 -2.48
CA VAL E 380 2.77 46.29 -1.97
C VAL E 380 2.88 46.61 -0.49
N ARG E 381 3.68 45.85 0.27
CA ARG E 381 3.92 46.21 1.67
C ARG E 381 4.70 47.51 1.78
N LEU E 382 5.67 47.72 0.88
CA LEU E 382 6.43 48.97 0.90
C LEU E 382 5.56 50.17 0.54
N VAL E 383 4.68 50.02 -0.46
CA VAL E 383 3.90 51.15 -0.93
C VAL E 383 2.58 51.34 -0.17
N HIS E 384 2.17 50.36 0.64
CA HIS E 384 0.90 50.47 1.35
C HIS E 384 0.99 51.41 2.55
N LYS E 385 2.13 51.41 3.24
CA LYS E 385 2.30 52.21 4.44
C LYS E 385 2.64 53.65 4.06
N GLN E 386 3.01 54.46 5.05
CA GLN E 386 3.39 55.84 4.84
C GLN E 386 4.86 56.00 4.45
N ASP E 387 5.52 54.92 4.04
CA ASP E 387 6.91 55.00 3.64
C ASP E 387 7.08 55.82 2.36
N LEU E 388 6.07 55.81 1.49
CA LEU E 388 6.10 56.53 0.21
C LEU E 388 7.31 56.13 -0.63
N GLN E 389 7.45 54.81 -0.85
CA GLN E 389 8.53 54.19 -1.63
C GLN E 389 9.91 54.71 -1.26
N ARG E 390 10.09 55.10 0.01
CA ARG E 390 11.35 55.57 0.57
C ARG E 390 11.94 56.72 -0.26
N PRO E 391 11.39 57.94 -0.14
CA PRO E 391 11.85 59.05 -0.99
C PRO E 391 13.30 59.49 -0.72
N VAL E 392 14.02 58.83 0.18
CA VAL E 392 15.43 59.11 0.41
C VAL E 392 16.20 58.74 -0.85
N PRO E 393 17.37 59.35 -1.10
CA PRO E 393 18.11 59.06 -2.34
C PRO E 393 18.62 57.62 -2.47
N ASP E 394 18.35 56.74 -1.50
CA ASP E 394 18.73 55.35 -1.62
C ASP E 394 17.98 54.67 -2.77
N TRP E 395 16.70 55.01 -2.94
CA TRP E 395 15.90 54.38 -3.99
C TRP E 395 16.35 54.85 -5.38
N LEU E 396 16.93 56.05 -5.48
CA LEU E 396 17.56 56.47 -6.73
C LEU E 396 18.71 55.54 -7.08
N ARG E 397 19.56 55.22 -6.11
CA ARG E 397 20.66 54.28 -6.33
C ARG E 397 20.14 52.89 -6.67
N HIS E 398 19.07 52.46 -6.00
CA HIS E 398 18.48 51.16 -6.30
C HIS E 398 17.96 51.11 -7.73
N LEU E 399 17.28 52.17 -8.18
CA LEU E 399 16.78 52.22 -9.55
C LEU E 399 17.92 52.25 -10.56
N VAL E 400 19.00 52.99 -10.25
CA VAL E 400 20.14 53.05 -11.16
C VAL E 400 20.80 51.68 -11.29
N LEU E 401 21.00 50.99 -10.16
CA LEU E 401 21.60 49.67 -10.18
C LEU E 401 20.71 48.67 -10.92
N ASP E 402 19.39 48.78 -10.73
CA ASP E 402 18.48 47.89 -11.45
C ASP E 402 18.49 48.16 -12.95
N ARG E 403 18.55 49.44 -13.34
CA ARG E 403 18.62 49.77 -14.76
C ARG E 403 19.91 49.24 -15.37
N ILE E 404 21.00 49.30 -14.62
CA ILE E 404 22.25 48.66 -15.07
C ILE E 404 22.04 47.15 -15.17
N ALA E 405 21.27 46.58 -14.25
CA ALA E 405 21.06 45.12 -14.22
C ALA E 405 20.34 44.63 -15.47
N TRP E 406 19.25 45.29 -15.86
CA TRP E 406 18.58 44.87 -17.09
C TRP E 406 19.08 45.60 -18.33
N ILE E 407 20.11 46.44 -18.19
CA ILE E 407 20.73 47.24 -19.27
C ILE E 407 19.73 47.80 -20.27
N LEU E 472 -18.03 90.47 19.64
CA LEU E 472 -17.14 89.39 20.06
C LEU E 472 -17.64 88.04 19.54
N ALA E 473 -18.95 87.92 19.33
CA ALA E 473 -19.52 86.68 18.84
C ALA E 473 -19.10 86.42 17.40
N VAL E 474 -19.15 87.45 16.55
CA VAL E 474 -18.80 87.29 15.14
C VAL E 474 -17.36 86.87 14.97
N ARG E 475 -16.49 87.26 15.91
CA ARG E 475 -15.11 86.78 15.91
C ARG E 475 -15.07 85.27 15.99
N GLY E 476 -15.80 84.69 16.94
CA GLY E 476 -15.93 83.25 17.02
C GLY E 476 -16.58 82.65 15.80
N LEU E 477 -17.54 83.35 15.19
CA LEU E 477 -18.19 82.84 13.99
C LEU E 477 -17.15 82.61 12.91
N LEU E 478 -16.49 83.69 12.47
CA LEU E 478 -15.51 83.55 11.39
C LEU E 478 -14.36 82.62 11.78
N GLN E 479 -14.01 82.57 13.06
CA GLN E 479 -12.97 81.66 13.51
C GLN E 479 -13.40 80.23 13.21
N GLU E 480 -14.58 79.85 13.69
CA GLU E 480 -15.10 78.51 13.44
C GLU E 480 -15.22 78.24 11.95
N LEU E 481 -15.58 79.27 11.16
CA LEU E 481 -15.65 79.09 9.72
C LEU E 481 -14.29 78.76 9.11
N SER E 482 -13.24 79.46 9.56
CA SER E 482 -11.91 79.25 9.01
C SER E 482 -11.21 78.03 9.60
N SER E 483 -11.66 77.52 10.75
CA SER E 483 -11.00 76.38 11.35
C SER E 483 -11.22 75.09 10.55
N ILE E 484 -12.42 74.90 10.01
CA ILE E 484 -12.75 73.63 9.37
C ILE E 484 -12.21 73.54 7.94
N ARG E 485 -11.90 74.68 7.30
CA ARG E 485 -11.39 74.64 5.94
C ARG E 485 -10.02 73.98 5.88
N HIS E 486 -9.17 74.24 6.88
CA HIS E 486 -7.86 73.60 6.92
C HIS E 486 -7.99 72.09 7.07
N PHE E 487 -8.93 71.63 7.91
CA PHE E 487 -9.14 70.19 8.05
C PHE E 487 -9.67 69.57 6.77
N LEU E 488 -10.59 70.25 6.08
CA LEU E 488 -11.07 69.74 4.80
C LEU E 488 -9.96 69.66 3.77
N GLU E 489 -9.09 70.68 3.71
CA GLU E 489 -7.96 70.64 2.79
C GLU E 489 -7.00 69.50 3.13
N LYS E 490 -6.75 69.29 4.42
CA LYS E 490 -5.89 68.18 4.83
C LYS E 490 -6.50 66.84 4.47
N ARG E 491 -7.82 66.71 4.61
CA ARG E 491 -8.49 65.47 4.20
C ARG E 491 -8.39 65.26 2.70
N ASP E 492 -8.57 66.32 1.91
CA ASP E 492 -8.57 66.20 0.46
C ASP E 492 -7.18 66.02 -0.14
N GLU E 493 -6.14 66.49 0.55
CA GLU E 493 -4.80 66.43 -0.03
C GLU E 493 -4.21 65.03 -0.02
N MET E 494 -4.73 64.12 0.79
CA MET E 494 -4.12 62.80 0.96
C MET E 494 -4.32 61.89 -0.26
N ARG E 495 -5.36 62.13 -1.06
CA ARG E 495 -5.71 61.20 -2.14
C ARG E 495 -4.62 61.13 -3.19
N GLU E 496 -4.13 62.28 -3.66
CA GLU E 496 -3.10 62.29 -4.69
C GLU E 496 -1.79 61.71 -4.16
N VAL E 497 -1.44 62.03 -2.92
CA VAL E 497 -0.22 61.49 -2.32
C VAL E 497 -0.30 59.97 -2.23
N ALA E 498 -1.46 59.44 -1.85
CA ALA E 498 -1.62 58.00 -1.77
C ALA E 498 -1.57 57.36 -3.16
N ARG E 499 -2.17 58.02 -4.16
CA ARG E 499 -2.28 57.42 -5.48
C ARG E 499 -1.04 57.63 -6.34
N ASP E 500 -0.08 58.44 -5.91
CA ASP E 500 1.10 58.72 -6.72
C ASP E 500 2.19 57.67 -6.60
N TRP E 501 2.00 56.61 -5.80
CA TRP E 501 3.08 55.64 -5.58
C TRP E 501 2.68 54.23 -5.97
N LEU E 502 2.08 54.05 -7.15
CA LEU E 502 1.65 52.73 -7.60
C LEU E 502 2.26 52.34 -8.95
N ARG E 503 3.41 52.93 -9.31
CA ARG E 503 4.01 52.70 -10.61
C ARG E 503 5.07 51.59 -10.61
N VAL E 504 5.81 51.43 -9.50
CA VAL E 504 6.93 50.49 -9.49
C VAL E 504 6.44 49.06 -9.67
N GLY E 505 5.35 48.68 -8.99
CA GLY E 505 4.81 47.35 -9.19
C GLY E 505 4.25 47.16 -10.59
N TYR E 506 3.56 48.18 -11.10
CA TYR E 506 3.01 48.14 -12.45
C TYR E 506 4.10 48.11 -13.52
N VAL E 507 5.34 48.43 -13.16
CA VAL E 507 6.46 48.29 -14.08
C VAL E 507 7.15 46.94 -13.94
N LEU E 508 7.40 46.50 -12.70
CA LEU E 508 8.16 45.26 -12.50
C LEU E 508 7.34 44.01 -12.79
N ASP E 509 6.00 44.10 -12.70
CA ASP E 509 5.19 42.94 -13.03
C ASP E 509 5.32 42.57 -14.50
N ARG E 510 5.51 43.56 -15.36
CA ARG E 510 5.70 43.28 -16.78
C ARG E 510 7.01 42.53 -17.03
N LEU E 511 8.08 42.93 -16.34
CA LEU E 511 9.35 42.20 -16.47
C LEU E 511 9.22 40.77 -15.93
N LEU E 512 8.51 40.60 -14.81
CA LEU E 512 8.28 39.26 -14.28
C LEU E 512 7.49 38.41 -15.27
N PHE E 513 6.47 39.00 -15.90
CA PHE E 513 5.71 38.30 -16.92
C PHE E 513 6.57 37.97 -18.14
N ARG E 514 7.50 38.84 -18.50
CA ARG E 514 8.42 38.54 -19.60
C ARG E 514 9.30 37.33 -19.27
N ILE E 515 9.80 37.27 -18.03
CA ILE E 515 10.57 36.11 -17.61
C ILE E 515 9.71 34.85 -17.65
N TYR E 516 8.45 34.97 -17.22
CA TYR E 516 7.55 33.83 -17.22
C TYR E 516 7.27 33.34 -18.65
N LEU E 517 7.08 34.26 -19.59
CA LEU E 517 6.85 33.89 -20.98
C LEU E 517 8.09 33.23 -21.58
N LEU E 518 9.28 33.74 -21.25
CA LEU E 518 10.51 33.09 -21.70
C LEU E 518 10.59 31.66 -21.15
N ALA E 519 10.23 31.47 -19.89
CA ALA E 519 10.27 30.15 -19.29
C ALA E 519 9.29 29.19 -19.97
N VAL E 520 8.06 29.64 -20.22
CA VAL E 520 7.09 28.73 -20.83
C VAL E 520 7.44 28.45 -22.29
N LEU E 521 8.02 29.42 -23.00
CA LEU E 521 8.48 29.16 -24.36
C LEU E 521 9.61 28.13 -24.36
N ALA E 522 10.55 28.24 -23.41
CA ALA E 522 11.62 27.25 -23.30
C ALA E 522 11.05 25.87 -22.99
N TYR E 523 10.05 25.81 -22.11
CA TYR E 523 9.43 24.54 -21.76
C TYR E 523 8.77 23.90 -22.97
N SER E 524 8.06 24.71 -23.77
CA SER E 524 7.41 24.19 -24.96
C SER E 524 8.43 23.71 -25.99
N ILE E 525 9.54 24.45 -26.13
CA ILE E 525 10.59 24.04 -27.07
C ILE E 525 11.20 22.72 -26.64
N THR E 526 11.45 22.56 -25.34
CA THR E 526 12.00 21.30 -24.85
C THR E 526 11.04 20.15 -25.08
N LEU E 527 9.75 20.37 -24.82
CA LEU E 527 8.77 19.31 -25.07
C LEU E 527 8.70 18.95 -26.55
N VAL E 528 8.78 19.96 -27.43
CA VAL E 528 8.70 19.71 -28.87
C VAL E 528 9.90 18.90 -29.34
N THR E 529 11.10 19.27 -28.89
CA THR E 529 12.28 18.52 -29.32
C THR E 529 12.33 17.14 -28.70
N LEU E 530 11.74 16.95 -27.54
CA LEU E 530 11.73 15.60 -27.02
C LEU E 530 10.78 14.76 -27.88
N TRP E 531 9.59 15.28 -28.14
CA TRP E 531 8.69 14.49 -28.98
C TRP E 531 9.33 14.19 -30.33
N SER E 532 10.11 15.14 -30.86
CA SER E 532 10.80 14.90 -32.13
C SER E 532 11.81 13.77 -32.00
N ILE E 533 12.54 13.73 -30.89
CA ILE E 533 13.46 12.63 -30.64
C ILE E 533 12.71 11.30 -30.51
N TRP E 534 11.56 11.34 -29.82
CA TRP E 534 10.72 10.15 -29.68
C TRP E 534 10.25 9.62 -31.03
N HIS E 535 9.83 10.52 -31.91
CA HIS E 535 9.35 10.11 -33.23
C HIS E 535 10.50 9.62 -34.11
N TYR E 536 11.67 10.25 -34.01
CA TYR E 536 12.80 9.88 -34.84
C TYR E 536 13.55 8.67 -34.30
N SER E 537 13.25 8.20 -33.10
CA SER E 537 13.94 7.05 -32.55
C SER E 537 13.58 5.75 -33.27
N GLU E 538 12.42 5.72 -33.93
CA GLU E 538 11.94 4.50 -34.56
C GLU E 538 12.29 4.40 -36.04
N ASN E 539 12.99 5.38 -36.61
CA ASN E 539 13.36 5.30 -38.01
C ASN E 539 14.44 4.26 -38.27
N LEU E 540 15.22 3.90 -37.25
CA LEU E 540 16.27 2.90 -37.42
C LEU E 540 15.69 1.50 -37.45
C18 Y7H F . 4.62 -24.71 -29.46
C1 Y7H F . 6.98 -21.95 -29.84
C2 Y7H F . 8.19 -21.48 -30.60
C3 Y7H F . 9.32 -21.04 -29.90
C4 Y7H F . 10.47 -20.57 -30.57
C5 Y7H F . 10.55 -20.52 -31.94
C6 Y7H F . 9.44 -20.96 -32.66
C7 Y7H F . 7.39 -21.76 -33.08
C8 Y7H F . 8.28 -21.42 -32.02
C9 Y7H F . 6.04 -22.31 -32.83
C10 Y7H F . 6.10 -23.36 -31.73
C11 Y7H F . 4.86 -23.19 -29.58
C12 Y7H F . 3.61 -22.46 -30.08
C13 Y7H F . 2.28 -22.80 -29.42
C14 Y7H F . 1.63 -24.04 -30.03
C15 Y7H F . 2.24 -25.35 -29.54
C16 Y7H F . 3.12 -24.28 -27.54
C17 Y7H F . 2.41 -22.99 -27.91
O1 Y7H F . 6.84 -21.53 -28.70
N1 Y7H F . 9.20 -21.04 -34.00
N2 Y7H F . 7.96 -21.53 -34.25
N3 Y7H F . 6.05 -22.78 -30.37
N4 Y7H F . 3.43 -25.12 -28.70
C1 NAG G . -20.82 -61.35 -14.05
C2 NAG G . -20.92 -62.62 -13.21
C3 NAG G . -21.58 -63.74 -14.02
C4 NAG G . -22.90 -63.28 -14.61
C5 NAG G . -22.70 -61.97 -15.38
C6 NAG G . -24.00 -61.40 -15.90
C7 NAG G . -19.30 -63.19 -11.44
C8 NAG G . -20.40 -62.91 -10.46
N2 NAG G . -19.61 -63.04 -12.74
O3 NAG G . -21.80 -64.87 -13.18
O4 NAG G . -23.42 -64.26 -15.49
O5 NAG G . -22.12 -60.99 -14.53
O6 NAG G . -23.77 -60.41 -16.90
O7 NAG G . -18.18 -63.53 -11.07
C1 NAG H . -14.49 -11.86 -28.64
C2 NAG H . -15.68 -11.66 -29.59
C3 NAG H . -15.50 -12.53 -30.84
C4 NAG H . -14.16 -12.25 -31.50
C5 NAG H . -13.04 -12.46 -30.48
C6 NAG H . -11.67 -12.11 -31.03
C7 NAG H . -17.79 -11.00 -28.55
C8 NAG H . -19.05 -11.48 -27.90
N2 NAG H . -16.94 -11.95 -28.94
O3 NAG H . -16.55 -12.27 -31.75
O4 NAG H . -13.95 -13.11 -32.61
O5 NAG H . -13.26 -11.62 -29.33
O6 NAG H . -10.63 -12.63 -30.21
O7 NAG H . -17.55 -9.81 -28.71
C1 NAG I . -8.94 -33.05 -35.19
C2 NAG I . -8.92 -33.50 -36.66
C3 NAG I . -9.88 -32.66 -37.49
C4 NAG I . -11.26 -32.66 -36.87
C5 NAG I . -11.18 -32.22 -35.42
C6 NAG I . -12.51 -32.29 -34.70
C7 NAG I . -6.76 -34.50 -37.28
C8 NAG I . -5.41 -34.24 -37.88
N2 NAG I . -7.57 -33.43 -37.20
O3 NAG I . -9.93 -33.19 -38.80
O4 NAG I . -12.12 -31.77 -37.58
O5 NAG I . -10.28 -33.08 -34.70
O6 NAG I . -12.95 -33.64 -34.55
O7 NAG I . -7.10 -35.60 -36.90
C18 Y7H J . -16.38 -33.83 -9.12
C1 Y7H J . -16.69 -31.54 -11.94
C2 Y7H J . -17.05 -31.44 -13.40
C3 Y7H J . -16.17 -30.86 -14.30
C4 Y7H J . -16.46 -30.74 -15.66
C5 Y7H J . -17.65 -31.18 -16.20
C6 Y7H J . -18.57 -31.78 -15.32
C7 Y7H J . -19.42 -32.54 -13.41
C8 Y7H J . -18.29 -31.90 -13.95
C9 Y7H J . -19.55 -32.88 -11.97
C10 Y7H J . -18.23 -33.47 -11.48
C11 Y7H J . -16.86 -32.47 -9.65
C12 Y7H J . -17.99 -31.89 -8.80
C13 Y7H J . -17.80 -31.89 -7.29
C14 Y7H J . -18.19 -33.22 -6.66
C15 Y7H J . -17.13 -34.30 -6.81
C16 Y7H J . -15.38 -32.65 -7.18
C17 Y7H J . -16.37 -31.55 -6.88
O1 Y7H J . -15.87 -30.73 -11.51
N1 Y7H J . -19.80 -32.31 -15.52
N2 Y7H J . -20.32 -32.79 -14.36
N3 Y7H J . -17.24 -32.44 -11.10
N4 Y7H J . -16.03 -33.88 -7.69
C1 NAG K . -0.93 -60.92 26.31
C2 NAG K . 0.17 -61.80 26.92
C3 NAG K . -0.44 -63.09 27.47
C4 NAG K . -1.60 -62.78 28.41
C5 NAG K . -2.61 -61.86 27.74
C6 NAG K . -3.71 -61.42 28.67
C7 NAG K . 2.49 -61.80 26.09
C8 NAG K . 2.86 -61.12 27.38
N2 NAG K . 1.19 -62.10 25.93
O3 NAG K . 0.56 -63.83 28.16
O4 NAG K . -2.25 -63.99 28.80
O5 NAG K . -1.94 -60.67 27.29
O6 NAG K . -4.81 -60.87 27.94
O7 NAG K . 3.32 -62.06 25.23
C1 NAG L . -26.69 -20.35 6.48
C2 NAG L . -28.02 -20.44 7.23
C3 NAG L . -28.77 -21.70 6.83
C4 NAG L . -28.95 -21.75 5.31
C5 NAG L . -27.58 -21.66 4.64
C6 NAG L . -27.67 -21.62 3.14
C7 NAG L . -28.08 -19.32 9.40
C8 NAG L . -27.84 -19.46 10.88
N2 NAG L . -27.82 -20.40 8.67
O3 NAG L . -30.04 -21.72 7.45
O4 NAG L . -29.58 -22.97 4.93
O5 NAG L . -26.92 -20.45 5.06
O6 NAG L . -26.40 -21.88 2.54
O7 NAG L . -28.52 -18.28 8.91
C1 NAG M . -23.83 -42.79 3.14
C2 NAG M . -24.95 -43.74 2.74
C3 NAG M . -26.30 -43.19 3.20
C4 NAG M . -26.27 -42.88 4.69
C5 NAG M . -25.10 -41.95 5.00
C6 NAG M . -24.94 -41.69 6.48
C7 NAG M . -24.41 -45.02 0.72
C8 NAG M . -24.51 -45.08 -0.77
N2 NAG M . -24.96 -43.96 1.30
O3 NAG M . -27.32 -44.14 2.92
O4 NAG M . -27.49 -42.25 5.08
O5 NAG M . -23.88 -42.56 4.56
O6 NAG M . -24.56 -42.86 7.18
O7 NAG M . -23.86 -45.90 1.37
C18 Y7H N . -3.45 -33.75 18.59
C1 Y7H N . -6.75 -32.60 17.55
C2 Y7H N . -8.20 -33.02 17.40
C3 Y7H N . -8.85 -32.84 16.18
C4 Y7H N . -10.19 -33.19 16.01
C5 Y7H N . -10.96 -33.73 17.02
C6 Y7H N . -10.34 -33.91 18.26
C7 Y7H N . -8.73 -33.89 19.81
C8 Y7H N . -8.98 -33.56 18.45
C9 Y7H N . -7.40 -33.67 20.44
C10 Y7H N . -6.31 -34.14 19.50
C11 Y7H N . -4.52 -32.64 18.61
C12 Y7H N . -4.36 -31.72 19.82
C13 Y7H N . -2.96 -31.20 20.13
C14 Y7H N . -2.13 -32.19 20.94
C15 Y7H N . -1.56 -33.32 20.11
C16 Y7H N . -1.74 -32.02 18.07
C17 Y7H N . -2.19 -30.82 18.88
O1 Y7H N . -6.33 -31.75 16.78
N1 Y7H N . -10.78 -34.40 19.43
N2 Y7H N . -9.81 -34.39 20.38
N3 Y7H N . -5.93 -33.11 18.50
N4 Y7H N . -2.05 -33.31 18.72
C1 NAG O . 41.71 -47.30 20.63
C2 NAG O . 42.91 -47.98 19.97
C3 NAG O . 43.58 -48.95 20.95
C4 NAG O . 43.89 -48.25 22.27
C5 NAG O . 42.65 -47.56 22.82
C6 NAG O . 42.92 -46.76 24.07
C7 NAG O . 43.03 -48.42 17.56
C8 NAG O . 44.09 -47.35 17.49
N2 NAG O . 42.52 -48.68 18.76
O3 NAG O . 44.78 -49.45 20.38
O4 NAG O . 44.37 -49.20 23.23
O5 NAG O . 42.12 -46.66 21.84
O6 NAG O . 41.72 -46.43 24.75
O7 NAG O . 42.68 -49.03 16.55
C1 NAG P . 2.27 -14.96 30.65
C2 NAG P . 2.47 -14.68 32.15
C3 NAG P . 2.24 -15.96 32.95
C4 NAG P . 0.86 -16.54 32.64
C5 NAG P . 0.75 -16.78 31.13
C6 NAG P . -0.63 -17.26 30.72
C7 NAG P . 4.01 -12.86 32.69
C8 NAG P . 5.43 -12.48 32.96
N2 NAG P . 3.79 -14.15 32.42
O3 NAG P . 2.33 -15.67 34.34
O4 NAG P . 0.67 -17.77 33.33
O5 NAG P . 0.98 -15.55 30.43
O6 NAG P . -0.61 -17.80 29.41
O7 NAG P . 3.09 -12.04 32.74
C1 NAG Q . 7.39 -37.24 31.11
C2 NAG Q . 6.91 -38.20 32.20
C3 NAG Q . 6.65 -37.43 33.49
C4 NAG Q . 7.87 -36.61 33.88
C5 NAG Q . 8.29 -35.71 32.73
C6 NAG Q . 9.55 -34.94 33.01
C7 NAG Q . 5.74 -40.14 31.28
C8 NAG Q . 4.41 -40.73 30.92
N2 NAG Q . 5.71 -38.91 31.79
O3 NAG Q . 6.33 -38.36 34.53
O4 NAG Q . 7.58 -35.82 35.03
O5 NAG Q . 8.53 -36.52 31.56
O6 NAG Q . 10.68 -35.82 33.09
O7 NAG Q . 6.79 -40.77 31.14
C18 Y7H R . 25.54 -24.58 15.44
C1 Y7H R . 23.06 -23.68 17.96
C2 Y7H R . 22.53 -24.03 19.33
C3 Y7H R . 21.17 -24.25 19.51
C4 Y7H R . 20.63 -24.57 20.77
C5 Y7H R . 21.41 -24.66 21.91
C6 Y7H R . 22.77 -24.43 21.76
C7 Y7H R . 24.72 -23.95 20.76
C8 Y7H R . 23.33 -24.11 20.51
C9 Y7H R . 25.69 -23.60 19.70
C10 Y7H R . 25.40 -24.43 18.46
C11 Y7H R . 24.82 -23.47 16.24
C12 Y7H R . 25.66 -22.20 16.31
C13 Y7H R . 26.28 -21.68 15.01
C14 Y7H R . 27.60 -22.37 14.69
C15 Y7H R . 27.43 -23.75 14.10
C16 Y7H R . 25.17 -23.26 13.38
C17 Y7H R . 25.33 -21.83 13.83
O1 Y7H R . 22.27 -23.19 17.17
N1 Y7H R . 23.80 -24.43 22.65
N2 Y7H R . 24.98 -24.14 22.05
N3 Y7H R . 24.36 -23.86 17.60
N4 Y7H R . 26.03 -24.20 14.11
C1 NAG S . 48.08 -39.29 -23.33
C2 NAG S . 48.16 -40.23 -24.53
C3 NAG S . 49.56 -40.82 -24.65
C4 NAG S . 50.61 -39.71 -24.65
C5 NAG S . 50.42 -38.81 -23.44
C6 NAG S . 51.36 -37.62 -23.44
C7 NAG S . 46.22 -41.51 -25.34
C8 NAG S . 46.22 -40.60 -26.53
N2 NAG S . 47.16 -41.28 -24.42
O3 NAG S . 49.65 -41.56 -25.85
O4 NAG S . 51.91 -40.29 -24.61
O5 NAG S . 49.08 -38.29 -23.44
O6 NAG S . 51.41 -37.00 -22.16
O7 NAG S . 45.39 -42.41 -25.21
C1 NAG T . 32.35 -3.11 10.54
C2 NAG T . 33.65 -2.34 10.78
C3 NAG T . 34.67 -3.23 11.50
C4 NAG T . 34.07 -3.79 12.77
C5 NAG T . 32.78 -4.54 12.45
C6 NAG T . 32.07 -5.06 13.67
C7 NAG T . 34.13 -0.53 9.19
C8 NAG T . 34.76 -0.17 7.88
N2 NAG T . 34.20 -1.82 9.54
O3 NAG T . 35.83 -2.46 11.79
O4 NAG T . 34.99 -4.67 13.40
O5 NAG T . 31.87 -3.67 11.78
O6 NAG T . 31.09 -6.03 13.33
O7 NAG T . 33.57 0.30 9.90
C1 NAG U . 41.57 -24.04 10.06
C2 NAG U . 42.65 -24.51 11.02
C3 NAG U . 43.45 -23.32 11.54
C4 NAG U . 43.99 -22.49 10.38
C5 NAG U . 42.85 -22.09 9.46
C6 NAG U . 43.31 -21.36 8.23
C7 NAG U . 42.02 -26.58 12.18
C8 NAG U . 41.40 -27.18 13.40
N2 NAG U . 42.07 -25.24 12.13
O3 NAG U . 44.53 -23.79 12.34
O4 NAG U . 44.64 -21.32 10.87
O5 NAG U . 42.16 -23.26 9.01
O6 NAG U . 44.06 -22.20 7.37
O7 NAG U . 42.48 -27.27 11.28
C18 Y7H V . 30.54 -18.99 -14.17
C1 Y7H V . 31.57 -17.10 -11.24
C2 Y7H V . 32.68 -16.90 -10.24
C3 Y7H V . 32.41 -16.96 -8.88
C4 Y7H V . 33.41 -16.77 -7.92
C5 Y7H V . 34.72 -16.49 -8.26
C6 Y7H V . 35.02 -16.41 -9.62
C7 Y7H V . 34.71 -16.45 -11.83
C8 Y7H V . 34.03 -16.60 -10.59
C9 Y7H V . 34.02 -16.57 -13.14
C10 Y7H V . 33.09 -17.77 -13.11
C11 Y7H V . 30.63 -17.63 -13.46
C12 Y7H V . 30.60 -16.47 -14.45
C13 Y7H V . 29.53 -16.50 -15.54
C14 Y7H V . 29.95 -17.33 -16.75
C15 Y7H V . 29.79 -18.82 -16.52
C16 Y7H V . 28.18 -18.49 -14.75
C17 Y7H V . 28.19 -17.00 -15.02
O1 Y7H V . 30.41 -16.88 -10.85
N1 Y7H V . 36.17 -16.17 -10.28
N2 Y7H V . 35.99 -16.19 -11.62
N3 Y7H V . 31.78 -17.48 -12.52
N4 Y7H V . 29.44 -19.15 -15.14
C1 NAG W . 9.38 -48.01 -44.80
C2 NAG W . 8.64 -49.32 -45.07
C3 NAG W . 9.23 -50.02 -46.31
C4 NAG W . 9.27 -49.05 -47.48
C5 NAG W . 9.98 -47.76 -47.10
C6 NAG W . 9.95 -46.72 -48.18
C7 NAG W . 7.63 -50.69 -43.29
C8 NAG W . 6.29 -50.28 -43.84
N2 NAG W . 8.70 -50.21 -43.92
O3 NAG W . 8.44 -51.15 -46.64
O4 NAG W . 9.96 -49.65 -48.57
O5 NAG W . 9.33 -47.18 -45.95
O6 NAG W . 10.90 -45.69 -47.95
O7 NAG W . 7.72 -51.43 -42.32
C1 NAG X . 22.02 -1.19 -26.08
C2 NAG X . 22.47 -0.46 -27.35
C3 NAG X . 23.73 -1.10 -27.90
C4 NAG X . 24.81 -1.13 -26.83
C5 NAG X . 24.30 -1.87 -25.61
C6 NAG X . 25.27 -1.86 -24.46
C7 NAG X . 20.68 0.62 -28.64
C8 NAG X . 19.65 0.45 -29.71
N2 NAG X . 21.42 -0.46 -28.36
O3 NAG X . 24.19 -0.35 -29.03
O4 NAG X . 25.97 -1.78 -27.32
O5 NAG X . 23.10 -1.23 -25.13
O6 NAG X . 24.92 -2.83 -23.47
O7 NAG X . 20.84 1.68 -28.05
C1 NAG Y . 31.50 -21.44 -30.90
C2 NAG Y . 32.89 -21.60 -31.50
C3 NAG Y . 33.27 -20.35 -32.31
C4 NAG Y . 32.19 -20.03 -33.33
C5 NAG Y . 30.84 -19.91 -32.63
C6 NAG Y . 29.70 -19.70 -33.60
C7 NAG Y . 34.32 -23.07 -30.16
C8 NAG Y . 35.36 -23.15 -29.07
N2 NAG Y . 33.89 -21.84 -30.46
O3 NAG Y . 34.51 -20.57 -32.96
O4 NAG Y . 32.49 -18.81 -33.99
O5 NAG Y . 30.55 -21.13 -31.92
O6 NAG Y . 29.49 -20.85 -34.42
O7 NAG Y . 33.92 -24.07 -30.74
#